data_5KHI
# 
_entry.id   5KHI 
# 
_audit_conform.dict_name       mmcif_pdbx.dic 
_audit_conform.dict_version    5.379 
_audit_conform.dict_location   http://mmcif.pdb.org/dictionaries/ascii/mmcif_pdbx.dic 
# 
loop_
_database_2.database_id 
_database_2.database_code 
_database_2.pdbx_database_accession 
_database_2.pdbx_DOI 
PDB   5KHI         pdb_00005khi 10.2210/pdb5khi/pdb 
WWPDB D_1000222236 ?            ?                   
# 
loop_
_pdbx_database_related.content_type 
_pdbx_database_related.db_id 
_pdbx_database_related.db_name 
_pdbx_database_related.details 
unspecified 5KHG PDB . 
unspecified 5KHH PDB . 
unspecified 5KHJ PDB . 
unspecified 5KHK PDB . 
# 
_pdbx_database_status.status_code                     REL 
_pdbx_database_status.status_code_sf                  REL 
_pdbx_database_status.status_code_mr                  ? 
_pdbx_database_status.entry_id                        5KHI 
_pdbx_database_status.recvd_initial_deposition_date   2016-06-14 
_pdbx_database_status.SG_entry                        N 
_pdbx_database_status.deposit_site                    RCSB 
_pdbx_database_status.process_site                    RCSB 
_pdbx_database_status.status_code_cs                  ? 
_pdbx_database_status.methods_development_category    ? 
_pdbx_database_status.pdb_format_compatible           Y 
_pdbx_database_status.status_code_nmr_data            ? 
# 
loop_
_audit_author.name 
_audit_author.pdbx_ordinal 
'Ng, L.C.T.'      1 
'Putrenko, I.'    2 
'Baronas, V.'     3 
'Van Petegem, F.' 4 
'Accili, E.A.'    5 
# 
_citation.abstract                  ? 
_citation.abstract_id_CAS           ? 
_citation.book_id_ISBN              ? 
_citation.book_publisher            ? 
_citation.book_publisher_city       ? 
_citation.book_title                ? 
_citation.coordinate_linkage        ? 
_citation.country                   UK 
_citation.database_id_Medline       ? 
_citation.details                   ? 
_citation.id                        primary 
_citation.journal_abbrev            Structure 
_citation.journal_id_ASTM           STRUE6 
_citation.journal_id_CSD            2005 
_citation.journal_id_ISSN           0969-2126 
_citation.journal_full              ? 
_citation.journal_issue             ? 
_citation.journal_volume            24 
_citation.language                  ? 
_citation.page_first                1629 
_citation.page_last                 1642 
_citation.title                     
;Cyclic Purine and Pyrimidine Nucleotides Bind to the HCN2 Ion Channel and Variably Promote C-Terminal Domain Interactions and Opening.
;
_citation.year                      2016 
_citation.database_id_CSD           ? 
_citation.pdbx_database_id_DOI      10.1016/j.str.2016.06.024 
_citation.pdbx_database_id_PubMed   27568927 
_citation.unpublished_flag          ? 
# 
loop_
_citation_author.citation_id 
_citation_author.name 
_citation_author.ordinal 
_citation_author.identifier_ORCID 
primary 'Ng, L.C.'        1 ? 
primary 'Putrenko, I.'    2 ? 
primary 'Baronas, V.'     3 ? 
primary 'Van Petegem, F.' 4 ? 
primary 'Accili, E.A.'    5 ? 
# 
_cell.angle_alpha                  90.000 
_cell.angle_alpha_esd              ? 
_cell.angle_beta                   90.000 
_cell.angle_beta_esd               ? 
_cell.angle_gamma                  90.000 
_cell.angle_gamma_esd              ? 
_cell.entry_id                     5KHI 
_cell.details                      ? 
_cell.formula_units_Z              ? 
_cell.length_a                     96.278 
_cell.length_a_esd                 ? 
_cell.length_b                     96.278 
_cell.length_b_esd                 ? 
_cell.length_c                     46.763 
_cell.length_c_esd                 ? 
_cell.volume                       ? 
_cell.volume_esd                   ? 
_cell.Z_PDB                        8 
_cell.reciprocal_angle_alpha       ? 
_cell.reciprocal_angle_beta        ? 
_cell.reciprocal_angle_gamma       ? 
_cell.reciprocal_angle_alpha_esd   ? 
_cell.reciprocal_angle_beta_esd    ? 
_cell.reciprocal_angle_gamma_esd   ? 
_cell.reciprocal_length_a          ? 
_cell.reciprocal_length_b          ? 
_cell.reciprocal_length_c          ? 
_cell.reciprocal_length_a_esd      ? 
_cell.reciprocal_length_b_esd      ? 
_cell.reciprocal_length_c_esd      ? 
_cell.pdbx_unique_axis             ? 
# 
_symmetry.entry_id                         5KHI 
_symmetry.cell_setting                     ? 
_symmetry.Int_Tables_number                90 
_symmetry.space_group_name_Hall            ? 
_symmetry.space_group_name_H-M             'P 4 21 2' 
_symmetry.pdbx_full_space_group_name_H-M   ? 
# 
loop_
_entity.id 
_entity.type 
_entity.src_method 
_entity.pdbx_description 
_entity.formula_weight 
_entity.pdbx_number_of_molecules 
_entity.pdbx_ec 
_entity.pdbx_mutation 
_entity.pdbx_fragment 
_entity.details 
1 polymer     man 'Potassium/sodium hyperpolarization-activated cyclic nucleotide-gated channel 2' 23883.330 1  ? ? 
'UNP residues 443-643' ? 
2 non-polymer syn 
;Purine riboside-3',5'-cyclic monophosphate
;
314.191   1  ? ? ?                      ? 
3 water       nat water                                                                            18.015    39 ? ? ? ? 
# 
_entity_name_com.entity_id   1 
_entity_name_com.name        'Brain cyclic nucleotide-gated channel 2,BCNG-2,Hyperpolarization-activated cation channel 1,HAC-1' 
# 
_entity_poly.entity_id                      1 
_entity_poly.type                           'polypeptide(L)' 
_entity_poly.nstd_linkage                   no 
_entity_poly.nstd_monomer                   yes 
_entity_poly.pdbx_seq_one_letter_code       
;SNADSSRRQYQEKYKQVEQYMSFHKLPADFRQKIHDYYEHRYQGKMFDEDSILGELNGPLREEIVNFN(CSX)RKLVASM
PLFANADPNFVTAMLTKLKFEVFQPGDYIIREGTIGKKMYFIQHGVVSVLTKGNKEMKLSDGSYFGEICLLTRGRRTASV
RADTYCRLYSLSVDNFNEVLEEYPMMRRAFETVAIDRLDRIGKKNSIL
;
_entity_poly.pdbx_seq_one_letter_code_can   
;SNADSSRRQYQEKYKQVEQYMSFHKLPADFRQKIHDYYEHRYQGKMFDEDSILGELNGPLREEIVNFNCRKLVASMPLFA
NADPNFVTAMLTKLKFEVFQPGDYIIREGTIGKKMYFIQHGVVSVLTKGNKEMKLSDGSYFGEICLLTRGRRTASVRADT
YCRLYSLSVDNFNEVLEEYPMMRRAFETVAIDRLDRIGKKNSIL
;
_entity_poly.pdbx_strand_id                 A 
_entity_poly.pdbx_target_identifier         ? 
# 
loop_
_entity_poly_seq.entity_id 
_entity_poly_seq.num 
_entity_poly_seq.mon_id 
_entity_poly_seq.hetero 
1 1   SER n 
1 2   ASN n 
1 3   ALA n 
1 4   ASP n 
1 5   SER n 
1 6   SER n 
1 7   ARG n 
1 8   ARG n 
1 9   GLN n 
1 10  TYR n 
1 11  GLN n 
1 12  GLU n 
1 13  LYS n 
1 14  TYR n 
1 15  LYS n 
1 16  GLN n 
1 17  VAL n 
1 18  GLU n 
1 19  GLN n 
1 20  TYR n 
1 21  MET n 
1 22  SER n 
1 23  PHE n 
1 24  HIS n 
1 25  LYS n 
1 26  LEU n 
1 27  PRO n 
1 28  ALA n 
1 29  ASP n 
1 30  PHE n 
1 31  ARG n 
1 32  GLN n 
1 33  LYS n 
1 34  ILE n 
1 35  HIS n 
1 36  ASP n 
1 37  TYR n 
1 38  TYR n 
1 39  GLU n 
1 40  HIS n 
1 41  ARG n 
1 42  TYR n 
1 43  GLN n 
1 44  GLY n 
1 45  LYS n 
1 46  MET n 
1 47  PHE n 
1 48  ASP n 
1 49  GLU n 
1 50  ASP n 
1 51  SER n 
1 52  ILE n 
1 53  LEU n 
1 54  GLY n 
1 55  GLU n 
1 56  LEU n 
1 57  ASN n 
1 58  GLY n 
1 59  PRO n 
1 60  LEU n 
1 61  ARG n 
1 62  GLU n 
1 63  GLU n 
1 64  ILE n 
1 65  VAL n 
1 66  ASN n 
1 67  PHE n 
1 68  ASN n 
1 69  CSX n 
1 70  ARG n 
1 71  LYS n 
1 72  LEU n 
1 73  VAL n 
1 74  ALA n 
1 75  SER n 
1 76  MET n 
1 77  PRO n 
1 78  LEU n 
1 79  PHE n 
1 80  ALA n 
1 81  ASN n 
1 82  ALA n 
1 83  ASP n 
1 84  PRO n 
1 85  ASN n 
1 86  PHE n 
1 87  VAL n 
1 88  THR n 
1 89  ALA n 
1 90  MET n 
1 91  LEU n 
1 92  THR n 
1 93  LYS n 
1 94  LEU n 
1 95  LYS n 
1 96  PHE n 
1 97  GLU n 
1 98  VAL n 
1 99  PHE n 
1 100 GLN n 
1 101 PRO n 
1 102 GLY n 
1 103 ASP n 
1 104 TYR n 
1 105 ILE n 
1 106 ILE n 
1 107 ARG n 
1 108 GLU n 
1 109 GLY n 
1 110 THR n 
1 111 ILE n 
1 112 GLY n 
1 113 LYS n 
1 114 LYS n 
1 115 MET n 
1 116 TYR n 
1 117 PHE n 
1 118 ILE n 
1 119 GLN n 
1 120 HIS n 
1 121 GLY n 
1 122 VAL n 
1 123 VAL n 
1 124 SER n 
1 125 VAL n 
1 126 LEU n 
1 127 THR n 
1 128 LYS n 
1 129 GLY n 
1 130 ASN n 
1 131 LYS n 
1 132 GLU n 
1 133 MET n 
1 134 LYS n 
1 135 LEU n 
1 136 SER n 
1 137 ASP n 
1 138 GLY n 
1 139 SER n 
1 140 TYR n 
1 141 PHE n 
1 142 GLY n 
1 143 GLU n 
1 144 ILE n 
1 145 CYS n 
1 146 LEU n 
1 147 LEU n 
1 148 THR n 
1 149 ARG n 
1 150 GLY n 
1 151 ARG n 
1 152 ARG n 
1 153 THR n 
1 154 ALA n 
1 155 SER n 
1 156 VAL n 
1 157 ARG n 
1 158 ALA n 
1 159 ASP n 
1 160 THR n 
1 161 TYR n 
1 162 CYS n 
1 163 ARG n 
1 164 LEU n 
1 165 TYR n 
1 166 SER n 
1 167 LEU n 
1 168 SER n 
1 169 VAL n 
1 170 ASP n 
1 171 ASN n 
1 172 PHE n 
1 173 ASN n 
1 174 GLU n 
1 175 VAL n 
1 176 LEU n 
1 177 GLU n 
1 178 GLU n 
1 179 TYR n 
1 180 PRO n 
1 181 MET n 
1 182 MET n 
1 183 ARG n 
1 184 ARG n 
1 185 ALA n 
1 186 PHE n 
1 187 GLU n 
1 188 THR n 
1 189 VAL n 
1 190 ALA n 
1 191 ILE n 
1 192 ASP n 
1 193 ARG n 
1 194 LEU n 
1 195 ASP n 
1 196 ARG n 
1 197 ILE n 
1 198 GLY n 
1 199 LYS n 
1 200 LYS n 
1 201 ASN n 
1 202 SER n 
1 203 ILE n 
1 204 LEU n 
# 
_entity_src_gen.entity_id                          1 
_entity_src_gen.pdbx_src_id                        1 
_entity_src_gen.pdbx_alt_source_flag               sample 
_entity_src_gen.pdbx_seq_type                      'Biological sequence' 
_entity_src_gen.pdbx_beg_seq_num                   1 
_entity_src_gen.pdbx_end_seq_num                   204 
_entity_src_gen.gene_src_common_name               Mouse 
_entity_src_gen.gene_src_genus                     ? 
_entity_src_gen.pdbx_gene_src_gene                 'Hcn2, Bcng2, Hac1' 
_entity_src_gen.gene_src_species                   ? 
_entity_src_gen.gene_src_strain                    ? 
_entity_src_gen.gene_src_tissue                    ? 
_entity_src_gen.gene_src_tissue_fraction           ? 
_entity_src_gen.gene_src_details                   ? 
_entity_src_gen.pdbx_gene_src_fragment             ? 
_entity_src_gen.pdbx_gene_src_scientific_name      'Mus musculus' 
_entity_src_gen.pdbx_gene_src_ncbi_taxonomy_id     10090 
_entity_src_gen.pdbx_gene_src_variant              ? 
_entity_src_gen.pdbx_gene_src_cell_line            ? 
_entity_src_gen.pdbx_gene_src_atcc                 ? 
_entity_src_gen.pdbx_gene_src_organ                ? 
_entity_src_gen.pdbx_gene_src_organelle            ? 
_entity_src_gen.pdbx_gene_src_cell                 ? 
_entity_src_gen.pdbx_gene_src_cellular_location    ? 
_entity_src_gen.host_org_common_name               ? 
_entity_src_gen.pdbx_host_org_scientific_name      'Escherichia coli' 
_entity_src_gen.pdbx_host_org_ncbi_taxonomy_id     469008 
_entity_src_gen.host_org_genus                     ? 
_entity_src_gen.pdbx_host_org_gene                 ? 
_entity_src_gen.pdbx_host_org_organ                ? 
_entity_src_gen.host_org_species                   ? 
_entity_src_gen.pdbx_host_org_tissue               ? 
_entity_src_gen.pdbx_host_org_tissue_fraction      ? 
_entity_src_gen.pdbx_host_org_strain               'BL21(DE3)' 
_entity_src_gen.pdbx_host_org_variant              ? 
_entity_src_gen.pdbx_host_org_cell_line            ? 
_entity_src_gen.pdbx_host_org_atcc                 ? 
_entity_src_gen.pdbx_host_org_culture_collection   ? 
_entity_src_gen.pdbx_host_org_cell                 ? 
_entity_src_gen.pdbx_host_org_organelle            ? 
_entity_src_gen.pdbx_host_org_cellular_location    ? 
_entity_src_gen.pdbx_host_org_vector_type          plasimd 
_entity_src_gen.pdbx_host_org_vector               ? 
_entity_src_gen.host_org_details                   ? 
_entity_src_gen.expression_system_id               ? 
_entity_src_gen.plasmid_name                       pET28 
_entity_src_gen.plasmid_details                    ? 
_entity_src_gen.pdbx_description                   ? 
# 
_struct_ref.id                         1 
_struct_ref.db_name                    UNP 
_struct_ref.db_code                    HCN2_MOUSE 
_struct_ref.pdbx_db_accession          O88703 
_struct_ref.pdbx_db_isoform            ? 
_struct_ref.entity_id                  1 
_struct_ref.pdbx_seq_one_letter_code   
;DSSRRQYQEKYKQVEQYMSFHKLPADFRQKIHDYYEHRYQGKMFDEDSILGELNGPLREEIVNFNCRKLVASMPLFANAD
PNFVTAMLTKLKFEVFQPGDYIIREGTIGKKMYFIQHGVVSVLTKGNKEMKLSDGSYFGEICLLTRGRRTASVRADTYCR
LYSLSVDNFNEVLEEYPMMRRAFETVAIDRLDRIGKKNSIL
;
_struct_ref.pdbx_align_begin           443 
# 
_struct_ref_seq.align_id                      1 
_struct_ref_seq.ref_id                        1 
_struct_ref_seq.pdbx_PDB_id_code              5KHI 
_struct_ref_seq.pdbx_strand_id                A 
_struct_ref_seq.seq_align_beg                 4 
_struct_ref_seq.pdbx_seq_align_beg_ins_code   ? 
_struct_ref_seq.seq_align_end                 204 
_struct_ref_seq.pdbx_seq_align_end_ins_code   ? 
_struct_ref_seq.pdbx_db_accession             O88703 
_struct_ref_seq.db_align_beg                  443 
_struct_ref_seq.pdbx_db_align_beg_ins_code    ? 
_struct_ref_seq.db_align_end                  643 
_struct_ref_seq.pdbx_db_align_end_ins_code    ? 
_struct_ref_seq.pdbx_auth_seq_align_beg       443 
_struct_ref_seq.pdbx_auth_seq_align_end       643 
# 
loop_
_struct_ref_seq_dif.align_id 
_struct_ref_seq_dif.pdbx_pdb_id_code 
_struct_ref_seq_dif.mon_id 
_struct_ref_seq_dif.pdbx_pdb_strand_id 
_struct_ref_seq_dif.seq_num 
_struct_ref_seq_dif.pdbx_pdb_ins_code 
_struct_ref_seq_dif.pdbx_seq_db_name 
_struct_ref_seq_dif.pdbx_seq_db_accession_code 
_struct_ref_seq_dif.db_mon_id 
_struct_ref_seq_dif.pdbx_seq_db_seq_num 
_struct_ref_seq_dif.details 
_struct_ref_seq_dif.pdbx_auth_seq_num 
_struct_ref_seq_dif.pdbx_ordinal 
1 5KHI SER A 1 ? UNP O88703 ? ? 'expression tag' 440 1 
1 5KHI ASN A 2 ? UNP O88703 ? ? 'expression tag' 441 2 
1 5KHI ALA A 3 ? UNP O88703 ? ? 'expression tag' 442 3 
# 
loop_
_chem_comp.id 
_chem_comp.type 
_chem_comp.mon_nstd_flag 
_chem_comp.name 
_chem_comp.pdbx_synonyms 
_chem_comp.formula 
_chem_comp.formula_weight 
6SX non-polymer         . 
;Purine riboside-3',5'-cyclic monophosphate
;
cPuMP 'C10 H11 N4 O6 P' 314.191 
ALA 'L-peptide linking' y ALANINE                                      ?     'C3 H7 N O2'      89.093  
ARG 'L-peptide linking' y ARGININE                                     ?     'C6 H15 N4 O2 1'  175.209 
ASN 'L-peptide linking' y ASPARAGINE                                   ?     'C4 H8 N2 O3'     132.118 
ASP 'L-peptide linking' y 'ASPARTIC ACID'                              ?     'C4 H7 N O4'      133.103 
CSX 'L-peptide linking' n 'S-OXY CYSTEINE'                             ?     'C3 H7 N O3 S'    137.158 
CYS 'L-peptide linking' y CYSTEINE                                     ?     'C3 H7 N O2 S'    121.158 
GLN 'L-peptide linking' y GLUTAMINE                                    ?     'C5 H10 N2 O3'    146.144 
GLU 'L-peptide linking' y 'GLUTAMIC ACID'                              ?     'C5 H9 N O4'      147.129 
GLY 'peptide linking'   y GLYCINE                                      ?     'C2 H5 N O2'      75.067  
HIS 'L-peptide linking' y HISTIDINE                                    ?     'C6 H10 N3 O2 1'  156.162 
HOH non-polymer         . WATER                                        ?     'H2 O'            18.015  
ILE 'L-peptide linking' y ISOLEUCINE                                   ?     'C6 H13 N O2'     131.173 
LEU 'L-peptide linking' y LEUCINE                                      ?     'C6 H13 N O2'     131.173 
LYS 'L-peptide linking' y LYSINE                                       ?     'C6 H15 N2 O2 1'  147.195 
MET 'L-peptide linking' y METHIONINE                                   ?     'C5 H11 N O2 S'   149.211 
PHE 'L-peptide linking' y PHENYLALANINE                                ?     'C9 H11 N O2'     165.189 
PRO 'L-peptide linking' y PROLINE                                      ?     'C5 H9 N O2'      115.130 
SER 'L-peptide linking' y SERINE                                       ?     'C3 H7 N O3'      105.093 
THR 'L-peptide linking' y THREONINE                                    ?     'C4 H9 N O3'      119.119 
TYR 'L-peptide linking' y TYROSINE                                     ?     'C9 H11 N O3'     181.189 
VAL 'L-peptide linking' y VALINE                                       ?     'C5 H11 N O2'     117.146 
# 
_exptl.absorpt_coefficient_mu     ? 
_exptl.absorpt_correction_T_max   ? 
_exptl.absorpt_correction_T_min   ? 
_exptl.absorpt_correction_type    ? 
_exptl.absorpt_process_details    ? 
_exptl.entry_id                   5KHI 
_exptl.crystals_number            1 
_exptl.details                    ? 
_exptl.method                     'X-RAY DIFFRACTION' 
_exptl.method_details             ? 
# 
_exptl_crystal.colour                      ? 
_exptl_crystal.density_diffrn              ? 
_exptl_crystal.density_Matthews            2.30 
_exptl_crystal.density_method              ? 
_exptl_crystal.density_percent_sol         46.50 
_exptl_crystal.description                 ? 
_exptl_crystal.F_000                       ? 
_exptl_crystal.id                          1 
_exptl_crystal.preparation                 ? 
_exptl_crystal.size_max                    ? 
_exptl_crystal.size_mid                    ? 
_exptl_crystal.size_min                    ? 
_exptl_crystal.size_rad                    ? 
_exptl_crystal.colour_lustre               ? 
_exptl_crystal.colour_modifier             ? 
_exptl_crystal.colour_primary              ? 
_exptl_crystal.density_meas                ? 
_exptl_crystal.density_meas_esd            ? 
_exptl_crystal.density_meas_gt             ? 
_exptl_crystal.density_meas_lt             ? 
_exptl_crystal.density_meas_temp           ? 
_exptl_crystal.density_meas_temp_esd       ? 
_exptl_crystal.density_meas_temp_gt        ? 
_exptl_crystal.density_meas_temp_lt        ? 
_exptl_crystal.pdbx_crystal_image_url      ? 
_exptl_crystal.pdbx_crystal_image_format   ? 
_exptl_crystal.pdbx_mosaicity              ? 
_exptl_crystal.pdbx_mosaicity_esd          ? 
# 
_exptl_crystal_grow.apparatus       ? 
_exptl_crystal_grow.atmosphere      ? 
_exptl_crystal_grow.crystal_id      1 
_exptl_crystal_grow.details         ? 
_exptl_crystal_grow.method          'VAPOR DIFFUSION, HANGING DROP' 
_exptl_crystal_grow.method_ref      ? 
_exptl_crystal_grow.pH              5.5 
_exptl_crystal_grow.pressure        ? 
_exptl_crystal_grow.pressure_esd    ? 
_exptl_crystal_grow.seeding         ? 
_exptl_crystal_grow.seeding_ref     ? 
_exptl_crystal_grow.temp            277 
_exptl_crystal_grow.temp_details    ? 
_exptl_crystal_grow.temp_esd        ? 
_exptl_crystal_grow.time            ? 
_exptl_crystal_grow.pdbx_details    '200 mM NaCl, 0.1 mM sodium citrate pH 5.5, 18% PEG 400' 
_exptl_crystal_grow.pdbx_pH_range   ? 
# 
_diffrn.ambient_environment    ? 
_diffrn.ambient_temp           100 
_diffrn.ambient_temp_details   ? 
_diffrn.ambient_temp_esd       ? 
_diffrn.crystal_id             1 
_diffrn.crystal_support        ? 
_diffrn.crystal_treatment      ? 
_diffrn.details                ? 
_diffrn.id                     1 
_diffrn.ambient_pressure       ? 
_diffrn.ambient_pressure_esd   ? 
_diffrn.ambient_pressure_gt    ? 
_diffrn.ambient_pressure_lt    ? 
_diffrn.ambient_temp_gt        ? 
_diffrn.ambient_temp_lt        ? 
# 
_diffrn_detector.details                      '1000 um thick sensor' 
_diffrn_detector.detector                     PIXEL 
_diffrn_detector.diffrn_id                    1 
_diffrn_detector.type                         'PSI PILATUS 6M' 
_diffrn_detector.area_resol_mean              ? 
_diffrn_detector.dtime                        ? 
_diffrn_detector.pdbx_frames_total            ? 
_diffrn_detector.pdbx_collection_time_total   ? 
_diffrn_detector.pdbx_collection_date         2012-11-30 
# 
_diffrn_radiation.collimation                      ? 
_diffrn_radiation.diffrn_id                        1 
_diffrn_radiation.filter_edge                      ? 
_diffrn_radiation.inhomogeneity                    ? 
_diffrn_radiation.monochromator                    'Si(111)' 
_diffrn_radiation.polarisn_norm                    ? 
_diffrn_radiation.polarisn_ratio                   ? 
_diffrn_radiation.probe                            ? 
_diffrn_radiation.type                             ? 
_diffrn_radiation.xray_symbol                      ? 
_diffrn_radiation.wavelength_id                    1 
_diffrn_radiation.pdbx_monochromatic_or_laue_m_l   M 
_diffrn_radiation.pdbx_wavelength_list             ? 
_diffrn_radiation.pdbx_wavelength                  ? 
_diffrn_radiation.pdbx_diffrn_protocol             'SINGLE WAVELENGTH' 
_diffrn_radiation.pdbx_analyzer                    ? 
_diffrn_radiation.pdbx_scattering_type             x-ray 
# 
_diffrn_radiation_wavelength.id           1 
_diffrn_radiation_wavelength.wavelength   0.979440 
_diffrn_radiation_wavelength.wt           1.0 
# 
_diffrn_source.current                     ? 
_diffrn_source.details                     ? 
_diffrn_source.diffrn_id                   1 
_diffrn_source.power                       ? 
_diffrn_source.size                        ? 
_diffrn_source.source                      SYNCHROTRON 
_diffrn_source.target                      ? 
_diffrn_source.type                        'APS BEAMLINE 23-ID-D' 
_diffrn_source.voltage                     ? 
_diffrn_source.take-off_angle              ? 
_diffrn_source.pdbx_wavelength_list        0.979440 
_diffrn_source.pdbx_wavelength             ? 
_diffrn_source.pdbx_synchrotron_beamline   23-ID-D 
_diffrn_source.pdbx_synchrotron_site       APS 
# 
_reflns.B_iso_Wilson_estimate            54.763 
_reflns.entry_id                         5KHI 
_reflns.data_reduction_details           ? 
_reflns.data_reduction_method            ? 
_reflns.d_resolution_high                2.100 
_reflns.d_resolution_low                 31.7 
_reflns.details                          ? 
_reflns.limit_h_max                      ? 
_reflns.limit_h_min                      ? 
_reflns.limit_k_max                      ? 
_reflns.limit_k_min                      ? 
_reflns.limit_l_max                      ? 
_reflns.limit_l_min                      ? 
_reflns.number_all                       ? 
_reflns.number_obs                       13266 
_reflns.observed_criterion               ? 
_reflns.observed_criterion_F_max         ? 
_reflns.observed_criterion_F_min         ? 
_reflns.observed_criterion_I_max         ? 
_reflns.observed_criterion_I_min         ? 
_reflns.observed_criterion_sigma_F       ? 
_reflns.observed_criterion_sigma_I       -3.000 
_reflns.percent_possible_obs             99.500 
_reflns.R_free_details                   ? 
_reflns.Rmerge_F_all                     ? 
_reflns.Rmerge_F_obs                     ? 
_reflns.Friedel_coverage                 ? 
_reflns.number_gt                        ? 
_reflns.threshold_expression             ? 
_reflns.pdbx_redundancy                  7.04 
_reflns.pdbx_Rmerge_I_obs                0.058 
_reflns.pdbx_Rmerge_I_all                ? 
_reflns.pdbx_Rsym_value                  ? 
_reflns.pdbx_netI_over_av_sigmaI         ? 
_reflns.pdbx_netI_over_sigmaI            18.600 
_reflns.pdbx_res_netI_over_av_sigmaI_2   ? 
_reflns.pdbx_res_netI_over_sigmaI_2      ? 
_reflns.pdbx_chi_squared                 ? 
_reflns.pdbx_scaling_rejects             ? 
_reflns.pdbx_d_res_high_opt              ? 
_reflns.pdbx_d_res_low_opt               ? 
_reflns.pdbx_d_res_opt_method            ? 
_reflns.phase_calculation_details        ? 
_reflns.pdbx_Rrim_I_all                  ? 
_reflns.pdbx_Rpim_I_all                  ? 
_reflns.pdbx_d_opt                       ? 
_reflns.pdbx_number_measured_all         ? 
_reflns.pdbx_diffrn_id                   1 
_reflns.pdbx_ordinal                     1 
_reflns.pdbx_CC_half                     0.998 
_reflns.pdbx_R_split                     ? 
# 
loop_
_reflns_shell.d_res_high 
_reflns_shell.d_res_low 
_reflns_shell.meanI_over_sigI_all 
_reflns_shell.meanI_over_sigI_obs 
_reflns_shell.number_measured_all 
_reflns_shell.number_measured_obs 
_reflns_shell.number_possible 
_reflns_shell.number_unique_all 
_reflns_shell.number_unique_obs 
_reflns_shell.percent_possible_all 
_reflns_shell.percent_possible_obs 
_reflns_shell.Rmerge_F_all 
_reflns_shell.Rmerge_F_obs 
_reflns_shell.Rmerge_I_all 
_reflns_shell.Rmerge_I_obs 
_reflns_shell.meanI_over_sigI_gt 
_reflns_shell.meanI_over_uI_all 
_reflns_shell.meanI_over_uI_gt 
_reflns_shell.number_measured_gt 
_reflns_shell.number_unique_gt 
_reflns_shell.percent_possible_gt 
_reflns_shell.Rmerge_F_gt 
_reflns_shell.Rmerge_I_gt 
_reflns_shell.pdbx_redundancy 
_reflns_shell.pdbx_Rsym_value 
_reflns_shell.pdbx_chi_squared 
_reflns_shell.pdbx_netI_over_sigmaI_all 
_reflns_shell.pdbx_netI_over_sigmaI_obs 
_reflns_shell.pdbx_Rrim_I_all 
_reflns_shell.pdbx_Rpim_I_all 
_reflns_shell.pdbx_rejects 
_reflns_shell.pdbx_ordinal 
_reflns_shell.pdbx_diffrn_id 
_reflns_shell.pdbx_CC_half 
_reflns_shell.pdbx_R_split 
2.100 2.230  ? 2.680  ? ? ? ? ? 99.000  ? ? ? ? 0.828 ? ? ? ? ? ? ? ? ? ? ? ? ? ? ? ? 1 1 ? ? 
2.230 2.380  ? 4.770  ? ? ? ? ? 99.900  ? ? ? ? 0.468 ? ? ? ? ? ? ? ? ? ? ? ? ? ? ? ? 2 1 ? ? 
2.380 2.570  ? 7.960  ? ? ? ? ? 100.000 ? ? ? ? 0.270 ? ? ? ? ? ? ? ? ? ? ? ? ? ? ? ? 3 1 ? ? 
2.570 2.820  ? 13.710 ? ? ? ? ? 99.900  ? ? ? ? 0.142 ? ? ? ? ? ? ? ? ? ? ? ? ? ? ? ? 4 1 ? ? 
2.820 3.150  ? 22.120 ? ? ? ? ? 99.800  ? ? ? ? 0.075 ? ? ? ? ? ? ? ? ? ? ? ? ? ? ? ? 5 1 ? ? 
3.150 3.630  ? 32.650 ? ? ? ? ? 99.600  ? ? ? ? 0.048 ? ? ? ? ? ? ? ? ? ? ? ? ? ? ? ? 6 1 ? ? 
3.630 4.440  ? 41.240 ? ? ? ? ? 99.600  ? ? ? ? 0.037 ? ? ? ? ? ? ? ? ? ? ? ? ? ? ? ? 7 1 ? ? 
4.440 6.250  ? 43.110 ? ? ? ? ? 99.300  ? ? ? ? 0.036 ? ? ? ? ? ? ? ? ? ? ? ? ? ? ? ? 8 1 ? ? 
6.250 48.071 ? 41.380 ? ? ? ? ? 97.300  ? ? ? ? 0.050 ? ? ? ? ? ? ? ? ? ? ? ? ? ? ? ? 9 1 ? ? 
# 
_refine.aniso_B[1][1]                            -0.0200 
_refine.aniso_B[1][2]                            -0.0000 
_refine.aniso_B[1][3]                            -0.0000 
_refine.aniso_B[2][2]                            -0.0200 
_refine.aniso_B[2][3]                            -0.0000 
_refine.aniso_B[3][3]                            0.0500 
_refine.B_iso_max                                128.620 
_refine.B_iso_mean                               58.6760 
_refine.B_iso_min                                35.450 
_refine.correlation_coeff_Fo_to_Fc               0.9640 
_refine.correlation_coeff_Fo_to_Fc_free          0.9490 
_refine.details                                  'molecular replacement' 
_refine.diff_density_max                         ? 
_refine.diff_density_max_esd                     ? 
_refine.diff_density_min                         ? 
_refine.diff_density_min_esd                     ? 
_refine.diff_density_rms                         ? 
_refine.diff_density_rms_esd                     ? 
_refine.entry_id                                 5KHI 
_refine.pdbx_refine_id                           'X-RAY DIFFRACTION' 
_refine.ls_abs_structure_details                 ? 
_refine.ls_abs_structure_Flack                   ? 
_refine.ls_abs_structure_Flack_esd               ? 
_refine.ls_abs_structure_Rogers                  ? 
_refine.ls_abs_structure_Rogers_esd              ? 
_refine.ls_d_res_high                            2.1000 
_refine.ls_d_res_low                             31.7000 
_refine.ls_extinction_coef                       ? 
_refine.ls_extinction_coef_esd                   ? 
_refine.ls_extinction_expression                 ? 
_refine.ls_extinction_method                     ? 
_refine.ls_goodness_of_fit_all                   ? 
_refine.ls_goodness_of_fit_all_esd               ? 
_refine.ls_goodness_of_fit_obs                   ? 
_refine.ls_goodness_of_fit_obs_esd               ? 
_refine.ls_hydrogen_treatment                    ? 
_refine.ls_matrix_type                           ? 
_refine.ls_number_constraints                    ? 
_refine.ls_number_parameters                     ? 
_refine.ls_number_reflns_all                     ? 
_refine.ls_number_reflns_obs                     12541 
_refine.ls_number_reflns_R_free                  648 
_refine.ls_number_reflns_R_work                  ? 
_refine.ls_number_restraints                     ? 
_refine.ls_percent_reflns_obs                    99.0500 
_refine.ls_percent_reflns_R_free                 4.9000 
_refine.ls_R_factor_all                          ? 
_refine.ls_R_factor_obs                          0.2029 
_refine.ls_R_factor_R_free                       0.2489 
_refine.ls_R_factor_R_free_error                 ? 
_refine.ls_R_factor_R_free_error_details         ? 
_refine.ls_R_factor_R_work                       0.2006 
_refine.ls_R_Fsqd_factor_obs                     ? 
_refine.ls_R_I_factor_obs                        ? 
_refine.ls_redundancy_reflns_all                 ? 
_refine.ls_redundancy_reflns_obs                 ? 
_refine.ls_restrained_S_all                      ? 
_refine.ls_restrained_S_obs                      ? 
_refine.ls_shift_over_esd_max                    ? 
_refine.ls_shift_over_esd_mean                   ? 
_refine.ls_structure_factor_coef                 ? 
_refine.ls_weighting_details                     ? 
_refine.ls_weighting_scheme                      ? 
_refine.ls_wR_factor_all                         ? 
_refine.ls_wR_factor_obs                         ? 
_refine.ls_wR_factor_R_free                      ? 
_refine.ls_wR_factor_R_work                      ? 
_refine.occupancy_max                            ? 
_refine.occupancy_min                            ? 
_refine.solvent_model_details                    ? 
_refine.solvent_model_param_bsol                 ? 
_refine.solvent_model_param_ksol                 ? 
_refine.ls_R_factor_gt                           ? 
_refine.ls_goodness_of_fit_gt                    ? 
_refine.ls_goodness_of_fit_ref                   ? 
_refine.ls_shift_over_su_max                     ? 
_refine.ls_shift_over_su_max_lt                  ? 
_refine.ls_shift_over_su_mean                    ? 
_refine.ls_shift_over_su_mean_lt                 ? 
_refine.pdbx_ls_sigma_I                          ? 
_refine.pdbx_ls_sigma_F                          0.000 
_refine.pdbx_ls_sigma_Fsqd                       ? 
_refine.pdbx_data_cutoff_high_absF               ? 
_refine.pdbx_data_cutoff_high_rms_absF           ? 
_refine.pdbx_data_cutoff_low_absF                ? 
_refine.pdbx_isotropic_thermal_model             ? 
_refine.pdbx_ls_cross_valid_method               THROUGHOUT 
_refine.pdbx_method_to_determine_struct          'MOLECULAR REPLACEMENT' 
_refine.pdbx_starting_model                      1Q5O 
_refine.pdbx_stereochemistry_target_values       ? 
_refine.pdbx_R_Free_selection_details            RANDOM 
_refine.pdbx_stereochem_target_val_spec_case     ? 
_refine.pdbx_overall_ESU_R                       0.2320 
_refine.pdbx_overall_ESU_R_Free                  0.1960 
_refine.pdbx_solvent_vdw_probe_radii             1.2000 
_refine.pdbx_solvent_ion_probe_radii             0.8000 
_refine.pdbx_solvent_shrinkage_radii             0.8000 
_refine.pdbx_real_space_R                        ? 
_refine.pdbx_density_correlation                 ? 
_refine.pdbx_pd_number_of_powder_patterns        ? 
_refine.pdbx_pd_number_of_points                 ? 
_refine.pdbx_pd_meas_number_of_points            ? 
_refine.pdbx_pd_proc_ls_prof_R_factor            ? 
_refine.pdbx_pd_proc_ls_prof_wR_factor           ? 
_refine.pdbx_pd_Marquardt_correlation_coeff      ? 
_refine.pdbx_pd_Fsqrd_R_factor                   ? 
_refine.pdbx_pd_ls_matrix_band_width             ? 
_refine.pdbx_overall_phase_error                 ? 
_refine.pdbx_overall_SU_R_free_Cruickshank_DPI   ? 
_refine.pdbx_overall_SU_R_free_Blow_DPI          ? 
_refine.pdbx_overall_SU_R_Blow_DPI               ? 
_refine.pdbx_TLS_residual_ADP_flag               ? 
_refine.pdbx_diffrn_id                           1 
_refine.overall_SU_B                             6.5220 
_refine.overall_SU_ML                            0.1690 
_refine.overall_SU_R_Cruickshank_DPI             ? 
_refine.overall_SU_R_free                        ? 
_refine.overall_FOM_free_R_set                   ? 
_refine.overall_FOM_work_R_set                   ? 
_refine.pdbx_average_fsc_overall                 ? 
_refine.pdbx_average_fsc_work                    ? 
_refine.pdbx_average_fsc_free                    ? 
# 
_refine_hist.cycle_id                         final 
_refine_hist.pdbx_refine_id                   'X-RAY DIFFRACTION' 
_refine_hist.d_res_high                       2.1000 
_refine_hist.d_res_low                        31.7000 
_refine_hist.pdbx_number_atoms_ligand         21 
_refine_hist.number_atoms_solvent             39 
_refine_hist.number_atoms_total               1683 
_refine_hist.pdbx_number_residues_total       201 
_refine_hist.pdbx_B_iso_mean_ligand           54.83 
_refine_hist.pdbx_B_iso_mean_solvent          53.68 
_refine_hist.pdbx_number_atoms_protein        1623 
_refine_hist.pdbx_number_atoms_nucleic_acid   0 
# 
loop_
_refine_ls_restr.pdbx_refine_id 
_refine_ls_restr.criterion 
_refine_ls_restr.dev_ideal 
_refine_ls_restr.dev_ideal_target 
_refine_ls_restr.number 
_refine_ls_restr.rejects 
_refine_ls_restr.type 
_refine_ls_restr.weight 
_refine_ls_restr.pdbx_restraint_function 
'X-RAY DIFFRACTION' ? 0.011  0.019  1680 ? r_bond_refined_d       ? ? 
'X-RAY DIFFRACTION' ? 0.001  0.020  1570 ? r_bond_other_d         ? ? 
'X-RAY DIFFRACTION' ? 1.467  1.979  2265 ? r_angle_refined_deg    ? ? 
'X-RAY DIFFRACTION' ? 0.748  3.000  3595 ? r_angle_other_deg      ? ? 
'X-RAY DIFFRACTION' ? 5.572  5.000  200  ? r_dihedral_angle_1_deg ? ? 
'X-RAY DIFFRACTION' ? 30.538 22.857 84   ? r_dihedral_angle_2_deg ? ? 
'X-RAY DIFFRACTION' ? 17.265 15.000 292  ? r_dihedral_angle_3_deg ? ? 
'X-RAY DIFFRACTION' ? 13.834 15.000 16   ? r_dihedral_angle_4_deg ? ? 
'X-RAY DIFFRACTION' ? 0.079  0.200  241  ? r_chiral_restr         ? ? 
'X-RAY DIFFRACTION' ? 0.006  0.020  1890 ? r_gen_planes_refined   ? ? 
'X-RAY DIFFRACTION' ? 0.001  0.020  415  ? r_gen_planes_other     ? ? 
# 
_refine_ls_shell.pdbx_refine_id                   'X-RAY DIFFRACTION' 
_refine_ls_shell.d_res_high                       2.1020 
_refine_ls_shell.d_res_low                        2.1570 
_refine_ls_shell.number_reflns_all                941 
_refine_ls_shell.number_reflns_obs                ? 
_refine_ls_shell.number_reflns_R_free             51 
_refine_ls_shell.number_reflns_R_work             890 
_refine_ls_shell.percent_reflns_obs               99.1600 
_refine_ls_shell.percent_reflns_R_free            ? 
_refine_ls_shell.R_factor_all                     ? 
_refine_ls_shell.R_factor_obs                     ? 
_refine_ls_shell.R_factor_R_free                  0.3310 
_refine_ls_shell.R_factor_R_free_error            ? 
_refine_ls_shell.R_factor_R_work                  0.2870 
_refine_ls_shell.redundancy_reflns_all            ? 
_refine_ls_shell.redundancy_reflns_obs            ? 
_refine_ls_shell.wR_factor_all                    ? 
_refine_ls_shell.wR_factor_obs                    ? 
_refine_ls_shell.wR_factor_R_free                 ? 
_refine_ls_shell.wR_factor_R_work                 ? 
_refine_ls_shell.pdbx_total_number_of_bins_used   20 
_refine_ls_shell.pdbx_phase_error                 ? 
_refine_ls_shell.pdbx_fsc_work                    ? 
_refine_ls_shell.pdbx_fsc_free                    ? 
# 
_struct.entry_id                     5KHI 
_struct.title                        
;HCN2 CNBD in complex with purine riboside-3', 5'-cyclic monophosphate (cPuMP)
;
_struct.pdbx_model_details           ? 
_struct.pdbx_formula_weight          ? 
_struct.pdbx_formula_weight_method   ? 
_struct.pdbx_model_type_details      ? 
_struct.pdbx_CASP_flag               N 
# 
_struct_keywords.entry_id        5KHI 
_struct_keywords.text            'protein-ligand complex, cycilc nucleotide binding domain, ion transport, TRANSPORT PROTEIN' 
_struct_keywords.pdbx_keywords   'TRANSPORT PROTEIN' 
# 
loop_
_struct_asym.id 
_struct_asym.pdbx_blank_PDB_chainid_flag 
_struct_asym.pdbx_modified 
_struct_asym.entity_id 
_struct_asym.details 
A N N 1 ? 
B N N 2 ? 
C N N 3 ? 
# 
loop_
_struct_conf.conf_type_id 
_struct_conf.id 
_struct_conf.pdbx_PDB_helix_id 
_struct_conf.beg_label_comp_id 
_struct_conf.beg_label_asym_id 
_struct_conf.beg_label_seq_id 
_struct_conf.pdbx_beg_PDB_ins_code 
_struct_conf.end_label_comp_id 
_struct_conf.end_label_asym_id 
_struct_conf.end_label_seq_id 
_struct_conf.pdbx_end_PDB_ins_code 
_struct_conf.beg_auth_comp_id 
_struct_conf.beg_auth_asym_id 
_struct_conf.beg_auth_seq_id 
_struct_conf.end_auth_comp_id 
_struct_conf.end_auth_asym_id 
_struct_conf.end_auth_seq_id 
_struct_conf.pdbx_PDB_helix_class 
_struct_conf.details 
_struct_conf.pdbx_PDB_helix_length 
HELX_P HELX_P1  AA1 ASP A 4   ? HIS A 24  ? ASP A 443 HIS A 463 1 ? 21 
HELX_P HELX_P2  AA2 PRO A 27  ? GLN A 43  ? PRO A 466 GLN A 482 1 ? 17 
HELX_P HELX_P3  AA3 ASP A 48  ? GLU A 55  ? ASP A 487 GLU A 494 1 ? 8  
HELX_P HELX_P4  AA4 ASN A 57  ? CSX A 69  ? ASN A 496 CSX A 508 1 ? 13 
HELX_P HELX_P5  AA5 CSX A 69  ? SER A 75  ? CSX A 508 SER A 514 1 ? 7  
HELX_P HELX_P6  AA6 MET A 76  ? ASN A 81  ? MET A 515 ASN A 520 1 ? 6  
HELX_P HELX_P7  AA7 ASP A 83  ? THR A 92  ? ASP A 522 THR A 531 1 ? 10 
HELX_P HELX_P8  AA8 GLU A 143 ? ARG A 149 ? GLU A 582 ARG A 588 1 ? 7  
HELX_P HELX_P9  AA9 VAL A 169 ? TYR A 179 ? VAL A 608 TYR A 618 1 ? 11 
HELX_P HELX_P10 AB1 PRO A 180 ? ARG A 196 ? PRO A 619 ARG A 635 1 ? 17 
# 
_struct_conf_type.id          HELX_P 
_struct_conf_type.criteria    ? 
_struct_conf_type.reference   ? 
# 
loop_
_struct_conn.id 
_struct_conn.conn_type_id 
_struct_conn.pdbx_leaving_atom_flag 
_struct_conn.pdbx_PDB_id 
_struct_conn.ptnr1_label_asym_id 
_struct_conn.ptnr1_label_comp_id 
_struct_conn.ptnr1_label_seq_id 
_struct_conn.ptnr1_label_atom_id 
_struct_conn.pdbx_ptnr1_label_alt_id 
_struct_conn.pdbx_ptnr1_PDB_ins_code 
_struct_conn.pdbx_ptnr1_standard_comp_id 
_struct_conn.ptnr1_symmetry 
_struct_conn.ptnr2_label_asym_id 
_struct_conn.ptnr2_label_comp_id 
_struct_conn.ptnr2_label_seq_id 
_struct_conn.ptnr2_label_atom_id 
_struct_conn.pdbx_ptnr2_label_alt_id 
_struct_conn.pdbx_ptnr2_PDB_ins_code 
_struct_conn.ptnr1_auth_asym_id 
_struct_conn.ptnr1_auth_comp_id 
_struct_conn.ptnr1_auth_seq_id 
_struct_conn.ptnr2_auth_asym_id 
_struct_conn.ptnr2_auth_comp_id 
_struct_conn.ptnr2_auth_seq_id 
_struct_conn.ptnr2_symmetry 
_struct_conn.pdbx_ptnr3_label_atom_id 
_struct_conn.pdbx_ptnr3_label_seq_id 
_struct_conn.pdbx_ptnr3_label_comp_id 
_struct_conn.pdbx_ptnr3_label_asym_id 
_struct_conn.pdbx_ptnr3_label_alt_id 
_struct_conn.pdbx_ptnr3_PDB_ins_code 
_struct_conn.details 
_struct_conn.pdbx_dist_value 
_struct_conn.pdbx_value_order 
_struct_conn.pdbx_role 
covale1 covale both ? A ASN 68 C ? ? ? 1_555 A CSX 69 N ? ? A ASN 507 A CSX 508 1_555 ? ? ? ? ? ? ? 1.328 ? ? 
covale2 covale both ? A CSX 69 C ? ? ? 1_555 A ARG 70 N ? ? A CSX 508 A ARG 509 1_555 ? ? ? ? ? ? ? 1.338 ? ? 
# 
_struct_conn_type.id          covale 
_struct_conn_type.criteria    ? 
_struct_conn_type.reference   ? 
# 
loop_
_struct_sheet.id 
_struct_sheet.type 
_struct_sheet.number_strands 
_struct_sheet.details 
AA1 ? 4 ? 
AA2 ? 4 ? 
# 
loop_
_struct_sheet_order.sheet_id 
_struct_sheet_order.range_id_1 
_struct_sheet_order.range_id_2 
_struct_sheet_order.offset 
_struct_sheet_order.sense 
AA1 1 2 ? anti-parallel 
AA1 2 3 ? anti-parallel 
AA1 3 4 ? anti-parallel 
AA2 1 2 ? anti-parallel 
AA2 2 3 ? anti-parallel 
AA2 3 4 ? anti-parallel 
# 
loop_
_struct_sheet_range.sheet_id 
_struct_sheet_range.id 
_struct_sheet_range.beg_label_comp_id 
_struct_sheet_range.beg_label_asym_id 
_struct_sheet_range.beg_label_seq_id 
_struct_sheet_range.pdbx_beg_PDB_ins_code 
_struct_sheet_range.end_label_comp_id 
_struct_sheet_range.end_label_asym_id 
_struct_sheet_range.end_label_seq_id 
_struct_sheet_range.pdbx_end_PDB_ins_code 
_struct_sheet_range.beg_auth_comp_id 
_struct_sheet_range.beg_auth_asym_id 
_struct_sheet_range.beg_auth_seq_id 
_struct_sheet_range.end_auth_comp_id 
_struct_sheet_range.end_auth_asym_id 
_struct_sheet_range.end_auth_seq_id 
AA1 1 LYS A 95  ? PHE A 99  ? LYS A 534 PHE A 538 
AA1 2 CYS A 162 ? SER A 168 ? CYS A 601 SER A 607 
AA1 3 LYS A 114 ? HIS A 120 ? LYS A 553 HIS A 559 
AA1 4 TYR A 140 ? PHE A 141 ? TYR A 579 PHE A 580 
AA2 1 TYR A 104 ? ILE A 106 ? TYR A 543 ILE A 545 
AA2 2 SER A 155 ? ALA A 158 ? SER A 594 ALA A 597 
AA2 3 VAL A 123 ? LEU A 126 ? VAL A 562 LEU A 565 
AA2 4 MET A 133 ? LEU A 135 ? MET A 572 LEU A 574 
# 
loop_
_pdbx_struct_sheet_hbond.sheet_id 
_pdbx_struct_sheet_hbond.range_id_1 
_pdbx_struct_sheet_hbond.range_id_2 
_pdbx_struct_sheet_hbond.range_1_label_atom_id 
_pdbx_struct_sheet_hbond.range_1_label_comp_id 
_pdbx_struct_sheet_hbond.range_1_label_asym_id 
_pdbx_struct_sheet_hbond.range_1_label_seq_id 
_pdbx_struct_sheet_hbond.range_1_PDB_ins_code 
_pdbx_struct_sheet_hbond.range_1_auth_atom_id 
_pdbx_struct_sheet_hbond.range_1_auth_comp_id 
_pdbx_struct_sheet_hbond.range_1_auth_asym_id 
_pdbx_struct_sheet_hbond.range_1_auth_seq_id 
_pdbx_struct_sheet_hbond.range_2_label_atom_id 
_pdbx_struct_sheet_hbond.range_2_label_comp_id 
_pdbx_struct_sheet_hbond.range_2_label_asym_id 
_pdbx_struct_sheet_hbond.range_2_label_seq_id 
_pdbx_struct_sheet_hbond.range_2_PDB_ins_code 
_pdbx_struct_sheet_hbond.range_2_auth_atom_id 
_pdbx_struct_sheet_hbond.range_2_auth_comp_id 
_pdbx_struct_sheet_hbond.range_2_auth_asym_id 
_pdbx_struct_sheet_hbond.range_2_auth_seq_id 
AA1 1 2 N GLU A 97  ? N GLU A 536 O LEU A 164 ? O LEU A 603 
AA1 2 3 O ARG A 163 ? O ARG A 602 N HIS A 120 ? N HIS A 559 
AA1 3 4 N TYR A 116 ? N TYR A 555 O PHE A 141 ? O PHE A 580 
AA2 1 2 N ILE A 106 ? N ILE A 545 O VAL A 156 ? O VAL A 595 
AA2 2 3 O SER A 155 ? O SER A 594 N LEU A 126 ? N LEU A 565 
AA2 3 4 N VAL A 125 ? N VAL A 564 O MET A 133 ? O MET A 572 
# 
_struct_site.id                   AC1 
_struct_site.pdbx_evidence_code   Software 
_struct_site.pdbx_auth_asym_id    A 
_struct_site.pdbx_auth_comp_id    6SX 
_struct_site.pdbx_auth_seq_id     701 
_struct_site.pdbx_auth_ins_code   ? 
_struct_site.pdbx_num_residues    10 
_struct_site.details              'binding site for residue 6SX A 701' 
# 
loop_
_struct_site_gen.id 
_struct_site_gen.site_id 
_struct_site_gen.pdbx_num_res 
_struct_site_gen.label_comp_id 
_struct_site_gen.label_asym_id 
_struct_site_gen.label_seq_id 
_struct_site_gen.pdbx_auth_ins_code 
_struct_site_gen.auth_comp_id 
_struct_site_gen.auth_asym_id 
_struct_site_gen.auth_seq_id 
_struct_site_gen.label_atom_id 
_struct_site_gen.label_alt_id 
_struct_site_gen.symmetry 
_struct_site_gen.details 
1  AC1 10 VAL A 125 ? VAL A 564 . ? 1_555 ? 
2  AC1 10 PHE A 141 ? PHE A 580 . ? 1_555 ? 
3  AC1 10 GLY A 142 ? GLY A 581 . ? 1_555 ? 
4  AC1 10 GLU A 143 ? GLU A 582 . ? 1_555 ? 
5  AC1 10 ILE A 144 ? ILE A 583 . ? 1_555 ? 
6  AC1 10 CYS A 145 ? CYS A 584 . ? 1_555 ? 
7  AC1 10 ARG A 152 ? ARG A 591 . ? 1_555 ? 
8  AC1 10 THR A 153 ? THR A 592 . ? 1_555 ? 
9  AC1 10 ALA A 154 ? ALA A 593 . ? 1_555 ? 
10 AC1 10 ARG A 193 ? ARG A 632 . ? 1_555 ? 
# 
_atom_sites.entry_id                    5KHI 
_atom_sites.fract_transf_matrix[1][1]   -0.00875016 
_atom_sites.fract_transf_matrix[1][2]   0.00010700 
_atom_sites.fract_transf_matrix[1][3]   0.00559581 
_atom_sites.fract_transf_matrix[2][1]   0.00554224 
_atom_sites.fract_transf_matrix[2][2]   -0.00128123 
_atom_sites.fract_transf_matrix[2][3]   0.00869090 
_atom_sites.fract_transf_matrix[3][1]   0.00160534 
_atom_sites.fract_transf_matrix[3][2]   0.02121955 
_atom_sites.fract_transf_matrix[3][3]   0.00210451 
_atom_sites.fract_transf_vector[1]      0.255454 
_atom_sites.fract_transf_vector[2]      -0.006948 
_atom_sites.fract_transf_vector[3]      1.404424 
# 
loop_
_atom_type.symbol 
C 
N 
O 
P 
S 
# 
loop_
_atom_site.group_PDB 
_atom_site.id 
_atom_site.type_symbol 
_atom_site.label_atom_id 
_atom_site.label_alt_id 
_atom_site.label_comp_id 
_atom_site.label_asym_id 
_atom_site.label_entity_id 
_atom_site.label_seq_id 
_atom_site.pdbx_PDB_ins_code 
_atom_site.Cartn_x 
_atom_site.Cartn_y 
_atom_site.Cartn_z 
_atom_site.occupancy 
_atom_site.B_iso_or_equiv 
_atom_site.pdbx_formal_charge 
_atom_site.auth_seq_id 
_atom_site.auth_comp_id 
_atom_site.auth_asym_id 
_atom_site.auth_atom_id 
_atom_site.pdbx_PDB_model_num 
ATOM   1    N N     . ASP A 1 4   ? -8.265  27.013  1.965   1.00 104.49 ? 443 ASP A N     1 
ATOM   2    C CA    . ASP A 1 4   ? -8.795  27.684  3.189   1.00 98.46  ? 443 ASP A CA    1 
ATOM   3    C C     . ASP A 1 4   ? -9.205  26.628  4.203   1.00 89.24  ? 443 ASP A C     1 
ATOM   4    O O     . ASP A 1 4   ? -8.451  26.346  5.123   1.00 86.20  ? 443 ASP A O     1 
ATOM   5    C CB    . ASP A 1 4   ? -9.972  28.623  2.865   1.00 98.14  ? 443 ASP A CB    1 
ATOM   6    N N     . SER A 1 5   ? -10.377 26.023  4.021   1.00 80.64  ? 444 SER A N     1 
ATOM   7    C CA    . SER A 1 5   ? -10.926 25.121  5.037   1.00 77.06  ? 444 SER A CA    1 
ATOM   8    C C     . SER A 1 5   ? -10.183 23.769  5.143   1.00 73.43  ? 444 SER A C     1 
ATOM   9    O O     . SER A 1 5   ? -10.178 23.161  6.203   1.00 65.83  ? 444 SER A O     1 
ATOM   10   C CB    . SER A 1 5   ? -12.414 24.879  4.808   1.00 78.84  ? 444 SER A CB    1 
ATOM   11   O OG    . SER A 1 5   ? -13.084 24.728  6.046   1.00 85.99  ? 444 SER A OG    1 
ATOM   12   N N     . SER A 1 6   ? -9.572  23.298  4.053   1.00 70.44  ? 445 SER A N     1 
ATOM   13   C CA    . SER A 1 6   ? -8.787  22.050  4.087   1.00 65.94  ? 445 SER A CA    1 
ATOM   14   C C     . SER A 1 6   ? -7.404  22.347  4.654   1.00 61.01  ? 445 SER A C     1 
ATOM   15   O O     . SER A 1 6   ? -6.804  21.516  5.315   1.00 54.11  ? 445 SER A O     1 
ATOM   16   C CB    . SER A 1 6   ? -8.661  21.412  2.694   1.00 62.89  ? 445 SER A CB    1 
ATOM   17   O OG    . SER A 1 6   ? -7.610  22.010  1.945   1.00 70.66  ? 445 SER A OG    1 
ATOM   18   N N     . ARG A 1 7   ? -6.906  23.551  4.404   1.00 60.28  ? 446 ARG A N     1 
ATOM   19   C CA    . ARG A 1 7   ? -5.590  23.941  4.878   1.00 62.02  ? 446 ARG A CA    1 
ATOM   20   C C     . ARG A 1 7   ? -5.659  24.185  6.409   1.00 59.59  ? 446 ARG A C     1 
ATOM   21   O O     . ARG A 1 7   ? -4.745  23.841  7.193   1.00 51.23  ? 446 ARG A O     1 
ATOM   22   C CB    . ARG A 1 7   ? -5.159  25.196  4.117   1.00 66.34  ? 446 ARG A CB    1 
ATOM   23   C CG    . ARG A 1 7   ? -3.781  25.129  3.491   1.00 74.94  ? 446 ARG A CG    1 
ATOM   24   C CD    . ARG A 1 7   ? -3.534  26.404  2.703   1.00 78.46  ? 446 ARG A CD    1 
ATOM   25   N NE    . ARG A 1 7   ? -4.325  26.414  1.475   1.00 78.88  ? 446 ARG A NE    1 
ATOM   26   C CZ    . ARG A 1 7   ? -3.930  25.875  0.320   1.00 74.78  ? 446 ARG A CZ    1 
ATOM   27   N NH1   . ARG A 1 7   ? -2.742  25.284  0.224   1.00 74.58  ? 446 ARG A NH1   1 
ATOM   28   N NH2   . ARG A 1 7   ? -4.726  25.926  -0.746  1.00 66.43  ? 446 ARG A NH2   1 
ATOM   29   N N     . ARG A 1 8   ? -6.773  24.785  6.813   1.00 60.64  ? 447 ARG A N     1 
ATOM   30   C CA    . ARG A 1 8   ? -7.051  25.103  8.198   1.00 65.98  ? 447 ARG A CA    1 
ATOM   31   C C     . ARG A 1 8   ? -7.243  23.792  8.961   1.00 62.36  ? 447 ARG A C     1 
ATOM   32   O O     . ARG A 1 8   ? -6.774  23.643  10.080  1.00 58.51  ? 447 ARG A O     1 
ATOM   33   C CB    . ARG A 1 8   ? -8.305  25.983  8.266   1.00 71.53  ? 447 ARG A CB    1 
ATOM   34   C CG    . ARG A 1 8   ? -8.724  26.455  9.650   1.00 85.52  ? 447 ARG A CG    1 
ATOM   35   C CD    . ARG A 1 8   ? -9.966  27.330  9.538   1.00 94.03  ? 447 ARG A CD    1 
ATOM   36   N NE    . ARG A 1 8   ? -10.619 27.576  10.824  1.00 105.05 ? 447 ARG A NE    1 
ATOM   37   C CZ    . ARG A 1 8   ? -11.477 26.745  11.426  1.00 113.69 ? 447 ARG A CZ    1 
ATOM   38   N NH1   . ARG A 1 8   ? -11.807 25.571  10.886  1.00 115.10 ? 447 ARG A NH1   1 
ATOM   39   N NH2   . ARG A 1 8   ? -12.008 27.094  12.594  1.00 118.38 ? 447 ARG A NH2   1 
ATOM   40   N N     . GLN A 1 9   ? -7.912  22.839  8.324   1.00 59.85  ? 448 GLN A N     1 
ATOM   41   C CA    . GLN A 1 9   ? -8.121  21.527  8.892   1.00 60.87  ? 448 GLN A CA    1 
ATOM   42   C C     . GLN A 1 9   ? -6.800  20.808  9.158   1.00 57.32  ? 448 GLN A C     1 
ATOM   43   O O     . GLN A 1 9   ? -6.610  20.219  10.231  1.00 53.63  ? 448 GLN A O     1 
ATOM   44   C CB    . GLN A 1 9   ? -8.957  20.696  7.932   1.00 66.41  ? 448 GLN A CB    1 
ATOM   45   C CG    . GLN A 1 9   ? -9.387  19.373  8.499   1.00 73.77  ? 448 GLN A CG    1 
ATOM   46   C CD    . GLN A 1 9   ? -10.518 19.527  9.488   1.00 83.55  ? 448 GLN A CD    1 
ATOM   47   O OE1   . GLN A 1 9   ? -10.497 20.401  10.370  1.00 80.86  ? 448 GLN A OE1   1 
ATOM   48   N NE2   . GLN A 1 9   ? -11.524 18.670  9.351   1.00 88.52  ? 448 GLN A NE2   1 
ATOM   49   N N     . TYR A 1 10  ? -5.900  20.855  8.175   1.00 53.90  ? 449 TYR A N     1 
ATOM   50   C CA    . TYR A 1 10  ? -4.541  20.339  8.343   1.00 52.37  ? 449 TYR A CA    1 
ATOM   51   C C     . TYR A 1 10  ? -3.858  21.005  9.535   1.00 54.04  ? 449 TYR A C     1 
ATOM   52   O O     . TYR A 1 10  ? -3.356  20.310  10.421  1.00 53.84  ? 449 TYR A O     1 
ATOM   53   C CB    . TYR A 1 10  ? -3.716  20.565  7.084   1.00 51.90  ? 449 TYR A CB    1 
ATOM   54   C CG    . TYR A 1 10  ? -2.256  20.200  7.233   1.00 51.90  ? 449 TYR A CG    1 
ATOM   55   C CD1   . TYR A 1 10  ? -1.815  18.909  6.925   1.00 50.36  ? 449 TYR A CD1   1 
ATOM   56   C CD2   . TYR A 1 10  ? -1.306  21.151  7.665   1.00 50.45  ? 449 TYR A CD2   1 
ATOM   57   C CE1   . TYR A 1 10  ? -0.463  18.554  7.049   1.00 51.40  ? 449 TYR A CE1   1 
ATOM   58   C CE2   . TYR A 1 10  ? 0.042   20.817  7.805   1.00 52.29  ? 449 TYR A CE2   1 
ATOM   59   C CZ    . TYR A 1 10  ? 0.461   19.506  7.493   1.00 55.69  ? 449 TYR A CZ    1 
ATOM   60   O OH    . TYR A 1 10  ? 1.769   19.138  7.604   1.00 48.85  ? 449 TYR A OH    1 
ATOM   61   N N     . GLN A 1 11  ? -3.841  22.340  9.575   1.00 56.08  ? 450 GLN A N     1 
ATOM   62   C CA    . GLN A 1 11  ? -3.124  23.088  10.657  1.00 49.92  ? 450 GLN A CA    1 
ATOM   63   C C     . GLN A 1 11  ? -3.672  22.722  12.039  1.00 50.50  ? 450 GLN A C     1 
ATOM   64   O O     . GLN A 1 11  ? -2.934  22.470  12.975  1.00 52.20  ? 450 GLN A O     1 
ATOM   65   C CB    . GLN A 1 11  ? -3.219  24.625  10.449  1.00 56.11  ? 450 GLN A CB    1 
ATOM   66   N N     . GLU A 1 12  ? -4.987  22.662  12.142  1.00 51.91  ? 451 GLU A N     1 
ATOM   67   C CA    . GLU A 1 12  ? -5.658  22.321  13.387  1.00 58.19  ? 451 GLU A CA    1 
ATOM   68   C C     . GLU A 1 12  ? -5.393  20.876  13.835  1.00 58.43  ? 451 GLU A C     1 
ATOM   69   O O     . GLU A 1 12  ? -5.105  20.619  15.018  1.00 55.63  ? 451 GLU A O     1 
ATOM   70   C CB    . GLU A 1 12  ? -7.158  22.565  13.223  1.00 61.05  ? 451 GLU A CB    1 
ATOM   71   C CG    . GLU A 1 12  ? -7.477  24.041  13.114  1.00 66.44  ? 451 GLU A CG    1 
ATOM   72   C CD    . GLU A 1 12  ? -8.964  24.331  13.053  1.00 75.70  ? 451 GLU A CD    1 
ATOM   73   O OE1   . GLU A 1 12  ? -9.327  25.477  13.392  1.00 83.74  ? 451 GLU A OE1   1 
ATOM   74   O OE2   . GLU A 1 12  ? -9.764  23.437  12.668  1.00 85.13  ? 451 GLU A OE2   1 
ATOM   75   N N     . LYS A 1 13  ? -5.499  19.943  12.896  1.00 55.98  ? 452 LYS A N     1 
ATOM   76   C CA    . LYS A 1 13  ? -5.218  18.540  13.180  1.00 54.64  ? 452 LYS A CA    1 
ATOM   77   C C     . LYS A 1 13  ? -3.769  18.374  13.610  1.00 56.41  ? 452 LYS A C     1 
ATOM   78   O O     . LYS A 1 13  ? -3.478  17.667  14.583  1.00 51.65  ? 452 LYS A O     1 
ATOM   79   C CB    . LYS A 1 13  ? -5.490  17.667  11.966  1.00 61.77  ? 452 LYS A CB    1 
ATOM   80   C CG    . LYS A 1 13  ? -6.430  16.508  12.243  1.00 77.97  ? 452 LYS A CG    1 
ATOM   81   C CD    . LYS A 1 13  ? -7.896  16.923  12.299  1.00 79.98  ? 452 LYS A CD    1 
ATOM   82   C CE    . LYS A 1 13  ? -8.795  15.733  11.963  1.00 88.12  ? 452 LYS A CE    1 
ATOM   83   N NZ    . LYS A 1 13  ? -10.239 16.089  11.913  1.00 91.13  ? 452 LYS A NZ    1 
ATOM   84   N N     . TYR A 1 14  ? -2.845  19.030  12.919  1.00 51.56  ? 453 TYR A N     1 
ATOM   85   C CA    . TYR A 1 14  ? -1.447  18.914  13.334  1.00 48.60  ? 453 TYR A CA    1 
ATOM   86   C C     . TYR A 1 14  ? -1.209  19.503  14.730  1.00 52.24  ? 453 TYR A C     1 
ATOM   87   O O     . TYR A 1 14  ? -0.511  18.883  15.517  1.00 51.40  ? 453 TYR A O     1 
ATOM   88   C CB    . TYR A 1 14  ? -0.462  19.473  12.318  1.00 51.55  ? 453 TYR A CB    1 
ATOM   89   C CG    . TYR A 1 14  ? 0.941   19.074  12.698  1.00 57.97  ? 453 TYR A CG    1 
ATOM   90   C CD1   . TYR A 1 14  ? 1.334   17.734  12.657  1.00 57.73  ? 453 TYR A CD1   1 
ATOM   91   C CD2   . TYR A 1 14  ? 1.856   20.013  13.194  1.00 61.86  ? 453 TYR A CD2   1 
ATOM   92   C CE1   . TYR A 1 14  ? 2.603   17.339  13.065  1.00 59.77  ? 453 TYR A CE1   1 
ATOM   93   C CE2   . TYR A 1 14  ? 3.141   19.623  13.587  1.00 64.16  ? 453 TYR A CE2   1 
ATOM   94   C CZ    . TYR A 1 14  ? 3.501   18.280  13.524  1.00 64.21  ? 453 TYR A CZ    1 
ATOM   95   O OH    . TYR A 1 14  ? 4.742   17.868  13.918  1.00 68.06  ? 453 TYR A OH    1 
ATOM   96   N N     . LYS A 1 15  ? -1.799  20.658  15.053  1.00 47.02  ? 454 LYS A N     1 
ATOM   97   C CA    . LYS A 1 15  ? -1.724  21.212  16.424  1.00 47.39  ? 454 LYS A CA    1 
ATOM   98   C C     . LYS A 1 15  ? -2.106  20.161  17.462  1.00 49.89  ? 454 LYS A C     1 
ATOM   99   O O     . LYS A 1 15  ? -1.433  20.061  18.491  1.00 49.67  ? 454 LYS A O     1 
ATOM   100  C CB    . LYS A 1 15  ? -2.630  22.448  16.618  1.00 48.23  ? 454 LYS A CB    1 
ATOM   101  N N     . GLN A 1 16  ? -3.169  19.389  17.190  1.00 51.97  ? 455 GLN A N     1 
ATOM   102  C CA    . GLN A 1 16  ? -3.624  18.332  18.114  1.00 53.15  ? 455 GLN A CA    1 
ATOM   103  C C     . GLN A 1 16  ? -2.593  17.240  18.234  1.00 52.86  ? 455 GLN A C     1 
ATOM   104  O O     . GLN A 1 16  ? -2.381  16.747  19.316  1.00 55.00  ? 455 GLN A O     1 
ATOM   105  C CB    . GLN A 1 16  ? -4.894  17.650  17.647  1.00 62.43  ? 455 GLN A CB    1 
ATOM   106  C CG    . GLN A 1 16  ? -6.205  18.316  17.973  1.00 71.22  ? 455 GLN A CG    1 
ATOM   107  C CD    . GLN A 1 16  ? -7.340  17.516  17.356  1.00 81.87  ? 455 GLN A CD    1 
ATOM   108  O OE1   . GLN A 1 16  ? -7.207  16.301  17.118  1.00 89.57  ? 455 GLN A OE1   1 
ATOM   109  N NE2   . GLN A 1 16  ? -8.453  18.184  17.073  1.00 82.99  ? 455 GLN A NE2   1 
ATOM   110  N N     . VAL A 1 17  ? -1.990  16.821  17.119  1.00 52.59  ? 456 VAL A N     1 
ATOM   111  C CA    . VAL A 1 17  ? -0.891  15.858  17.181  1.00 52.02  ? 456 VAL A CA    1 
ATOM   112  C C     . VAL A 1 17  ? 0.240   16.396  18.064  1.00 51.25  ? 456 VAL A C     1 
ATOM   113  O O     . VAL A 1 17  ? 0.757   15.665  18.923  1.00 48.89  ? 456 VAL A O     1 
ATOM   114  C CB    . VAL A 1 17  ? -0.348  15.465  15.786  1.00 53.06  ? 456 VAL A CB    1 
ATOM   115  C CG1   . VAL A 1 17  ? 0.902   14.588  15.913  1.00 50.07  ? 456 VAL A CG1   1 
ATOM   116  C CG2   . VAL A 1 17  ? -1.433  14.739  15.001  1.00 50.30  ? 456 VAL A CG2   1 
ATOM   117  N N     . GLU A 1 18  ? 0.599   17.667  17.899  1.00 50.84  ? 457 GLU A N     1 
ATOM   118  C CA    . GLU A 1 18  ? 1.639   18.274  18.757  1.00 55.01  ? 457 GLU A CA    1 
ATOM   119  C C     . GLU A 1 18  ? 1.291   18.252  20.238  1.00 53.49  ? 457 GLU A C     1 
ATOM   120  O O     . GLU A 1 18  ? 2.152   18.044  21.084  1.00 47.22  ? 457 GLU A O     1 
ATOM   121  C CB    . GLU A 1 18  ? 1.881   19.719  18.391  1.00 59.09  ? 457 GLU A CB    1 
ATOM   122  C CG    . GLU A 1 18  ? 2.796   19.921  17.216  1.00 66.22  ? 457 GLU A CG    1 
ATOM   123  C CD    . GLU A 1 18  ? 2.936   21.398  16.859  1.00 75.87  ? 457 GLU A CD    1 
ATOM   124  O OE1   . GLU A 1 18  ? 2.099   22.222  17.312  1.00 78.30  ? 457 GLU A OE1   1 
ATOM   125  O OE2   . GLU A 1 18  ? 3.885   21.730  16.120  1.00 77.88  ? 457 GLU A OE2   1 
ATOM   126  N N     . GLN A 1 19  ? 0.038   18.502  20.568  1.00 52.11  ? 458 GLN A N     1 
ATOM   127  C CA    . GLN A 1 19  ? -0.317  18.527  21.983  1.00 55.38  ? 458 GLN A CA    1 
ATOM   128  C C     . GLN A 1 19  ? -0.331  17.110  22.555  1.00 51.31  ? 458 GLN A C     1 
ATOM   129  O O     . GLN A 1 19  ? -0.040  16.931  23.722  1.00 48.74  ? 458 GLN A O     1 
ATOM   130  C CB    . GLN A 1 19  ? -1.651  19.179  22.203  1.00 57.77  ? 458 GLN A CB    1 
ATOM   131  C CG    . GLN A 1 19  ? -1.725  20.597  21.677  1.00 60.58  ? 458 GLN A CG    1 
ATOM   132  C CD    . GLN A 1 19  ? -3.123  21.114  21.825  1.00 63.48  ? 458 GLN A CD    1 
ATOM   133  O OE1   . GLN A 1 19  ? -3.605  21.301  22.943  1.00 74.13  ? 458 GLN A OE1   1 
ATOM   134  N NE2   . GLN A 1 19  ? -3.799  21.311  20.714  1.00 65.09  ? 458 GLN A NE2   1 
ATOM   135  N N     . TYR A 1 20  ? -0.646  16.119  21.723  1.00 47.40  ? 459 TYR A N     1 
ATOM   136  C CA    . TYR A 1 20  ? -0.619  14.715  22.132  1.00 48.67  ? 459 TYR A CA    1 
ATOM   137  C C     . TYR A 1 20  ? 0.794   14.282  22.397  1.00 48.07  ? 459 TYR A C     1 
ATOM   138  O O     . TYR A 1 20  ? 1.075   13.654  23.414  1.00 51.33  ? 459 TYR A O     1 
ATOM   139  C CB    . TYR A 1 20  ? -1.262  13.810  21.055  1.00 49.14  ? 459 TYR A CB    1 
ATOM   140  C CG    . TYR A 1 20  ? -1.133  12.316  21.319  1.00 54.60  ? 459 TYR A CG    1 
ATOM   141  C CD1   . TYR A 1 20  ? -0.063  11.586  20.787  1.00 54.78  ? 459 TYR A CD1   1 
ATOM   142  C CD2   . TYR A 1 20  ? -2.086  11.625  22.077  1.00 52.70  ? 459 TYR A CD2   1 
ATOM   143  C CE1   . TYR A 1 20  ? 0.067   10.224  21.016  1.00 59.57  ? 459 TYR A CE1   1 
ATOM   144  C CE2   . TYR A 1 20  ? -1.966  10.243  22.292  1.00 55.89  ? 459 TYR A CE2   1 
ATOM   145  C CZ    . TYR A 1 20  ? -0.884  9.549   21.759  1.00 58.88  ? 459 TYR A CZ    1 
ATOM   146  O OH    . TYR A 1 20  ? -0.718  8.180   21.993  1.00 55.84  ? 459 TYR A OH    1 
ATOM   147  N N     . MET A 1 21  ? 1.684   14.602  21.467  1.00 49.60  ? 460 MET A N     1 
ATOM   148  C CA    . MET A 1 21  ? 3.120   14.317  21.614  1.00 47.95  ? 460 MET A CA    1 
ATOM   149  C C     . MET A 1 21  ? 3.704   15.034  22.822  1.00 50.70  ? 460 MET A C     1 
ATOM   150  O O     . MET A 1 21  ? 4.574   14.526  23.529  1.00 53.50  ? 460 MET A O     1 
ATOM   151  C CB    . MET A 1 21  ? 3.897   14.744  20.354  1.00 52.43  ? 460 MET A CB    1 
ATOM   152  C CG    . MET A 1 21  ? 3.556   13.923  19.109  1.00 54.21  ? 460 MET A CG    1 
ATOM   153  S SD    . MET A 1 21  ? 4.654   14.169  17.689  1.00 56.22  ? 460 MET A SD    1 
ATOM   154  C CE    . MET A 1 21  ? 4.467   15.904  17.262  1.00 55.08  ? 460 MET A CE    1 
ATOM   155  N N     . SER A 1 22  ? 3.248   16.244  23.045  1.00 51.72  ? 461 SER A N     1 
ATOM   156  C CA    . SER A 1 22  ? 3.706   17.031  24.192  1.00 53.72  ? 461 SER A CA    1 
ATOM   157  C C     . SER A 1 22  ? 3.237   16.376  25.514  1.00 52.12  ? 461 SER A C     1 
ATOM   158  O O     . SER A 1 22  ? 4.036   16.085  26.397  1.00 52.57  ? 461 SER A O     1 
ATOM   159  C CB    . SER A 1 22  ? 3.180   18.460  24.021  1.00 56.40  ? 461 SER A CB    1 
ATOM   160  O OG    . SER A 1 22  ? 3.389   19.260  25.173  1.00 63.76  ? 461 SER A OG    1 
ATOM   161  N N     . PHE A 1 23  ? 1.939   16.080  25.603  1.00 55.13  ? 462 PHE A N     1 
ATOM   162  C CA    . PHE A 1 23  ? 1.362   15.324  26.718  1.00 54.09  ? 462 PHE A CA    1 
ATOM   163  C C     . PHE A 1 23  ? 2.173   14.091  27.101  1.00 54.38  ? 462 PHE A C     1 
ATOM   164  O O     . PHE A 1 23  ? 2.503   13.916  28.253  1.00 50.67  ? 462 PHE A O     1 
ATOM   165  C CB    . PHE A 1 23  ? -0.070  14.874  26.359  1.00 59.15  ? 462 PHE A CB    1 
ATOM   166  C CG    . PHE A 1 23  ? -0.840  14.286  27.518  1.00 56.89  ? 462 PHE A CG    1 
ATOM   167  C CD1   . PHE A 1 23  ? -1.135  15.063  28.630  1.00 61.58  ? 462 PHE A CD1   1 
ATOM   168  C CD2   . PHE A 1 23  ? -1.265  12.967  27.501  1.00 63.09  ? 462 PHE A CD2   1 
ATOM   169  C CE1   . PHE A 1 23  ? -1.853  14.538  29.695  1.00 64.64  ? 462 PHE A CE1   1 
ATOM   170  C CE2   . PHE A 1 23  ? -1.981  12.430  28.567  1.00 68.64  ? 462 PHE A CE2   1 
ATOM   171  C CZ    . PHE A 1 23  ? -2.281  13.220  29.666  1.00 65.52  ? 462 PHE A CZ    1 
ATOM   172  N N     . HIS A 1 24  ? 2.464   13.231  26.120  1.00 49.27  ? 463 HIS A N     1 
ATOM   173  C CA    . HIS A 1 24  ? 3.207   11.998  26.350  1.00 46.03  ? 463 HIS A CA    1 
ATOM   174  C C     . HIS A 1 24  ? 4.710   12.204  26.348  1.00 47.00  ? 463 HIS A C     1 
ATOM   175  O O     . HIS A 1 24  ? 5.448   11.238  26.392  1.00 49.95  ? 463 HIS A O     1 
ATOM   176  C CB    . HIS A 1 24  ? 2.839   10.961  25.285  1.00 43.73  ? 463 HIS A CB    1 
ATOM   177  C CG    . HIS A 1 24  ? 1.427   10.518  25.378  1.00 49.16  ? 463 HIS A CG    1 
ATOM   178  N ND1   . HIS A 1 24  ? 1.008   9.614   26.330  1.00 49.10  ? 463 HIS A ND1   1 
ATOM   179  C CD2   . HIS A 1 24  ? 0.319   10.902  24.711  1.00 52.01  ? 463 HIS A CD2   1 
ATOM   180  C CE1   . HIS A 1 24  ? -0.292  9.422   26.210  1.00 48.91  ? 463 HIS A CE1   1 
ATOM   181  N NE2   . HIS A 1 24  ? -0.736  10.206  25.247  1.00 51.82  ? 463 HIS A NE2   1 
ATOM   182  N N     . LYS A 1 25  ? 5.162   13.447  26.244  1.00 48.24  ? 464 LYS A N     1 
ATOM   183  C CA    . LYS A 1 25  ? 6.593   13.769  26.294  1.00 50.36  ? 464 LYS A CA    1 
ATOM   184  C C     . LYS A 1 25  ? 7.476   12.962  25.356  1.00 53.46  ? 464 LYS A C     1 
ATOM   185  O O     . LYS A 1 25  ? 8.549   12.486  25.737  1.00 50.98  ? 464 LYS A O     1 
ATOM   186  C CB    . LYS A 1 25  ? 7.121   13.624  27.717  1.00 57.39  ? 464 LYS A CB    1 
ATOM   187  C CG    . LYS A 1 25  ? 6.312   14.418  28.723  1.00 65.71  ? 464 LYS A CG    1 
ATOM   188  C CD    . LYS A 1 25  ? 6.679   14.072  30.152  1.00 71.90  ? 464 LYS A CD    1 
ATOM   189  C CE    . LYS A 1 25  ? 5.876   14.937  31.105  1.00 80.91  ? 464 LYS A CE    1 
ATOM   190  N NZ    . LYS A 1 25  ? 6.342   14.781  32.510  1.00 91.99  ? 464 LYS A NZ    1 
ATOM   191  N N     . LEU A 1 26  ? 7.054   12.846  24.104  1.00 47.73  ? 465 LEU A N     1 
ATOM   192  C CA    . LEU A 1 26  ? 7.865   12.165  23.098  1.00 47.60  ? 465 LEU A CA    1 
ATOM   193  C C     . LEU A 1 26  ? 9.137   12.972  22.862  1.00 49.24  ? 465 LEU A C     1 
ATOM   194  O O     . LEU A 1 26  ? 9.113   14.177  22.906  1.00 49.44  ? 465 LEU A O     1 
ATOM   195  C CB    . LEU A 1 26  ? 7.086   11.979  21.805  1.00 48.22  ? 465 LEU A CB    1 
ATOM   196  C CG    . LEU A 1 26  ? 5.793   11.171  22.004  1.00 52.02  ? 465 LEU A CG    1 
ATOM   197  C CD1   . LEU A 1 26  ? 4.999   11.070  20.716  1.00 53.86  ? 465 LEU A CD1   1 
ATOM   198  C CD2   . LEU A 1 26  ? 6.084   9.798   22.572  1.00 55.51  ? 465 LEU A CD2   1 
ATOM   199  N N     . PRO A 1 27  ? 10.262  12.313  22.619  1.00 47.97  ? 466 PRO A N     1 
ATOM   200  C CA    . PRO A 1 27  ? 11.487  13.134  22.382  1.00 49.33  ? 466 PRO A CA    1 
ATOM   201  C C     . PRO A 1 27  ? 11.454  13.955  21.071  1.00 52.77  ? 466 PRO A C     1 
ATOM   202  O O     . PRO A 1 27  ? 10.631  13.694  20.185  1.00 48.65  ? 466 PRO A O     1 
ATOM   203  C CB    . PRO A 1 27  ? 12.612  12.086  22.246  1.00 52.12  ? 466 PRO A CB    1 
ATOM   204  C CG    . PRO A 1 27  ? 11.973  10.728  22.425  1.00 55.00  ? 466 PRO A CG    1 
ATOM   205  C CD    . PRO A 1 27  ? 10.458  10.888  22.333  1.00 50.63  ? 466 PRO A CD    1 
ATOM   206  N N     . ALA A 1 28  ? 12.400  14.879  20.932  1.00 55.86  ? 467 ALA A N     1 
ATOM   207  C CA    . ALA A 1 28  ? 12.417  15.856  19.841  1.00 53.92  ? 467 ALA A CA    1 
ATOM   208  C C     . ALA A 1 28  ? 12.677  15.221  18.461  1.00 53.59  ? 467 ALA A C     1 
ATOM   209  O O     . ALA A 1 28  ? 12.050  15.626  17.493  1.00 53.69  ? 467 ALA A O     1 
ATOM   210  C CB    . ALA A 1 28  ? 13.442  16.941  20.141  1.00 56.29  ? 467 ALA A CB    1 
ATOM   211  N N     . ASP A 1 29  ? 13.579  14.240  18.374  1.00 49.61  ? 468 ASP A N     1 
ATOM   212  C CA    . ASP A 1 29  ? 13.790  13.466  17.149  1.00 52.34  ? 468 ASP A CA    1 
ATOM   213  C C     . ASP A 1 29  ? 12.495  12.739  16.698  1.00 55.22  ? 468 ASP A C     1 
ATOM   214  O O     . ASP A 1 29  ? 12.230  12.641  15.508  1.00 51.89  ? 468 ASP A O     1 
ATOM   215  C CB    . ASP A 1 29  ? 14.859  12.368  17.334  1.00 59.97  ? 468 ASP A CB    1 
ATOM   216  C CG    . ASP A 1 29  ? 16.302  12.903  17.465  1.00 66.46  ? 468 ASP A CG    1 
ATOM   217  O OD1   . ASP A 1 29  ? 16.617  14.006  16.977  1.00 67.24  ? 468 ASP A OD1   1 
ATOM   218  O OD2   . ASP A 1 29  ? 17.144  12.161  18.033  1.00 72.65  ? 468 ASP A OD2   1 
ATOM   219  N N     . PHE A 1 30  ? 11.720  12.180  17.623  1.00 49.25  ? 469 PHE A N     1 
ATOM   220  C CA    . PHE A 1 30  ? 10.521  11.444  17.206  1.00 47.13  ? 469 PHE A CA    1 
ATOM   221  C C     . PHE A 1 30  ? 9.450   12.440  16.752  1.00 45.16  ? 469 PHE A C     1 
ATOM   222  O O     . PHE A 1 30  ? 8.761   12.210  15.756  1.00 49.15  ? 469 PHE A O     1 
ATOM   223  C CB    . PHE A 1 30  ? 9.978   10.517  18.299  1.00 51.57  ? 469 PHE A CB    1 
ATOM   224  C CG    . PHE A 1 30  ? 8.752   9.760   17.857  1.00 55.45  ? 469 PHE A CG    1 
ATOM   225  C CD1   . PHE A 1 30  ? 8.869   8.705   16.969  1.00 55.25  ? 469 PHE A CD1   1 
ATOM   226  C CD2   . PHE A 1 30  ? 7.489   10.150  18.255  1.00 66.52  ? 469 PHE A CD2   1 
ATOM   227  C CE1   . PHE A 1 30  ? 7.769   8.004   16.544  1.00 56.98  ? 469 PHE A CE1   1 
ATOM   228  C CE2   . PHE A 1 30  ? 6.366   9.461   17.820  1.00 67.30  ? 469 PHE A CE2   1 
ATOM   229  C CZ    . PHE A 1 30  ? 6.515   8.380   16.965  1.00 64.00  ? 469 PHE A CZ    1 
ATOM   230  N N     . ARG A 1 31  ? 9.334   13.564  17.446  1.00 46.13  ? 470 ARG A N     1 
ATOM   231  C CA    . ARG A 1 31  ? 8.398   14.626  17.019  1.00 49.66  ? 470 ARG A CA    1 
ATOM   232  C C     . ARG A 1 31  ? 8.661   15.135  15.603  1.00 47.41  ? 470 ARG A C     1 
ATOM   233  O O     . ARG A 1 31  ? 7.719   15.375  14.832  1.00 48.35  ? 470 ARG A O     1 
ATOM   234  C CB    . ARG A 1 31  ? 8.408   15.813  17.985  1.00 48.77  ? 470 ARG A CB    1 
ATOM   235  C CG    . ARG A 1 31  ? 7.823   15.499  19.353  1.00 52.97  ? 470 ARG A CG    1 
ATOM   236  C CD    . ARG A 1 31  ? 7.688   16.760  20.205  1.00 55.60  ? 470 ARG A CD    1 
ATOM   237  N NE    . ARG A 1 31  ? 7.802   16.408  21.607  1.00 67.73  ? 470 ARG A NE    1 
ATOM   238  C CZ    . ARG A 1 31  ? 7.315   17.111  22.631  1.00 72.33  ? 470 ARG A CZ    1 
ATOM   239  N NH1   . ARG A 1 31  ? 6.653   18.247  22.427  1.00 64.39  ? 470 ARG A NH1   1 
ATOM   240  N NH2   . ARG A 1 31  ? 7.496   16.662  23.880  1.00 66.39  ? 470 ARG A NH2   1 
ATOM   241  N N     . GLN A 1 32  ? 9.933   15.316  15.277  1.00 46.11  ? 471 GLN A N     1 
ATOM   242  C CA    . GLN A 1 32  ? 10.348  15.745  13.941  1.00 51.55  ? 471 GLN A CA    1 
ATOM   243  C C     . GLN A 1 32  ? 9.984   14.698  12.873  1.00 46.76  ? 471 GLN A C     1 
ATOM   244  O O     . GLN A 1 32  ? 9.539   15.035  11.782  1.00 46.69  ? 471 GLN A O     1 
ATOM   245  C CB    . GLN A 1 32  ? 11.871  16.001  13.910  1.00 57.83  ? 471 GLN A CB    1 
ATOM   246  C CG    . GLN A 1 32  ? 12.422  16.498  12.568  1.00 57.31  ? 471 GLN A CG    1 
ATOM   247  C CD    . GLN A 1 32  ? 11.772  17.816  12.142  1.00 66.62  ? 471 GLN A CD    1 
ATOM   248  O OE1   . GLN A 1 32  ? 11.653  18.735  12.939  1.00 68.01  ? 471 GLN A OE1   1 
ATOM   249  N NE2   . GLN A 1 32  ? 11.333  17.899  10.887  1.00 69.62  ? 471 GLN A NE2   1 
ATOM   250  N N     . LYS A 1 33  ? 10.223  13.433  13.181  1.00 47.43  ? 472 LYS A N     1 
ATOM   251  C CA    . LYS A 1 33  ? 9.830   12.330  12.289  1.00 48.78  ? 472 LYS A CA    1 
ATOM   252  C C     . LYS A 1 33  ? 8.292   12.334  12.037  1.00 45.76  ? 472 LYS A C     1 
ATOM   253  O O     . LYS A 1 33  ? 7.840   12.119  10.911  1.00 43.11  ? 472 LYS A O     1 
ATOM   254  C CB    . LYS A 1 33  ? 10.349  10.999  12.876  1.00 50.24  ? 472 LYS A CB    1 
ATOM   255  C CG    . LYS A 1 33  ? 10.203  9.791   11.970  1.00 58.39  ? 472 LYS A CG    1 
ATOM   256  C CD    . LYS A 1 33  ? 10.790  8.532   12.611  1.00 62.21  ? 472 LYS A CD    1 
ATOM   257  C CE    . LYS A 1 33  ? 10.628  7.327   11.693  1.00 62.42  ? 472 LYS A CE    1 
ATOM   258  N NZ    . LYS A 1 33  ? 11.196  6.110   12.333  1.00 61.74  ? 472 LYS A NZ    1 
ATOM   259  N N     . ILE A 1 34  ? 7.504   12.644  13.072  1.00 47.94  ? 473 ILE A N     1 
ATOM   260  C CA    . ILE A 1 34  ? 6.039   12.750  12.949  1.00 49.99  ? 473 ILE A CA    1 
ATOM   261  C C     . ILE A 1 34  ? 5.615   13.952  12.106  1.00 48.79  ? 473 ILE A C     1 
ATOM   262  O O     . ILE A 1 34  ? 4.732   13.855  11.275  1.00 50.61  ? 473 ILE A O     1 
ATOM   263  C CB    . ILE A 1 34  ? 5.403   12.820  14.352  1.00 49.54  ? 473 ILE A CB    1 
ATOM   264  C CG1   . ILE A 1 34  ? 5.509   11.452  15.023  1.00 54.06  ? 473 ILE A CG1   1 
ATOM   265  C CG2   . ILE A 1 34  ? 3.974   13.309  14.313  1.00 52.95  ? 473 ILE A CG2   1 
ATOM   266  C CD1   . ILE A 1 34  ? 4.423   10.484  14.646  1.00 59.22  ? 473 ILE A CD1   1 
ATOM   267  N N     . HIS A 1 35  ? 6.251   15.086  12.347  1.00 50.42  ? 474 HIS A N     1 
ATOM   268  C CA    . HIS A 1 35  ? 6.104   16.282  11.518  1.00 51.99  ? 474 HIS A CA    1 
ATOM   269  C C     . HIS A 1 35  ? 6.374   15.997  10.046  1.00 50.00  ? 474 HIS A C     1 
ATOM   270  O O     . HIS A 1 35  ? 5.568   16.351  9.174   1.00 49.03  ? 474 HIS A O     1 
ATOM   271  C CB    . HIS A 1 35  ? 7.091   17.347  12.003  1.00 60.29  ? 474 HIS A CB    1 
ATOM   272  C CG    . HIS A 1 35  ? 6.976   18.651  11.282  1.00 71.88  ? 474 HIS A CG    1 
ATOM   273  N ND1   . HIS A 1 35  ? 6.114   19.650  11.686  1.00 74.84  ? 474 HIS A ND1   1 
ATOM   274  C CD2   . HIS A 1 35  ? 7.614   19.122  10.184  1.00 77.07  ? 474 HIS A CD2   1 
ATOM   275  C CE1   . HIS A 1 35  ? 6.225   20.680  10.867  1.00 79.89  ? 474 HIS A CE1   1 
ATOM   276  N NE2   . HIS A 1 35  ? 7.127   20.385  9.947   1.00 83.21  ? 474 HIS A NE2   1 
ATOM   277  N N     . ASP A 1 36  ? 7.507   15.368  9.761   1.00 44.93  ? 475 ASP A N     1 
ATOM   278  C CA    . ASP A 1 36  ? 7.857   15.033  8.370   1.00 45.91  ? 475 ASP A CA    1 
ATOM   279  C C     . ASP A 1 36  ? 6.866   14.046  7.751   1.00 47.51  ? 475 ASP A C     1 
ATOM   280  O O     . ASP A 1 36  ? 6.491   14.172  6.590   1.00 44.78  ? 475 ASP A O     1 
ATOM   281  C CB    . ASP A 1 36  ? 9.260   14.451  8.275   1.00 46.88  ? 475 ASP A CB    1 
ATOM   282  C CG    . ASP A 1 36  ? 10.339  15.435  8.690   1.00 54.62  ? 475 ASP A CG    1 
ATOM   283  O OD1   . ASP A 1 36  ? 10.043  16.646  8.853   1.00 56.62  ? 475 ASP A OD1   1 
ATOM   284  O OD2   . ASP A 1 36  ? 11.497  14.980  8.858   1.00 57.85  ? 475 ASP A OD2   1 
ATOM   285  N N     . TYR A 1 37  ? 6.451   13.054  8.523   1.00 46.65  ? 476 TYR A N     1 
ATOM   286  C CA    . TYR A 1 37  ? 5.453   12.116  8.044   1.00 43.31  ? 476 TYR A CA    1 
ATOM   287  C C     . TYR A 1 37  ? 4.182   12.850  7.673   1.00 46.77  ? 476 TYR A C     1 
ATOM   288  O O     . TYR A 1 37  ? 3.620   12.635  6.606   1.00 46.56  ? 476 TYR A O     1 
ATOM   289  C CB    . TYR A 1 37  ? 5.159   11.036  9.084   1.00 40.28  ? 476 TYR A CB    1 
ATOM   290  C CG    . TYR A 1 37  ? 3.852   10.307  8.794   1.00 43.90  ? 476 TYR A CG    1 
ATOM   291  C CD1   . TYR A 1 37  ? 3.809   9.240   7.915   1.00 41.25  ? 476 TYR A CD1   1 
ATOM   292  C CD2   . TYR A 1 37  ? 2.671   10.727  9.355   1.00 43.12  ? 476 TYR A CD2   1 
ATOM   293  C CE1   . TYR A 1 37  ? 2.621   8.584   7.624   1.00 47.30  ? 476 TYR A CE1   1 
ATOM   294  C CE2   . TYR A 1 37  ? 1.477   10.093  9.082   1.00 44.23  ? 476 TYR A CE2   1 
ATOM   295  C CZ    . TYR A 1 37  ? 1.440   9.021   8.222   1.00 49.03  ? 476 TYR A CZ    1 
ATOM   296  O OH    . TYR A 1 37  ? 0.234   8.398   7.961   1.00 48.92  ? 476 TYR A OH    1 
ATOM   297  N N     . TYR A 1 38  ? 3.699   13.686  8.579   1.00 45.45  ? 477 TYR A N     1 
ATOM   298  C CA    . TYR A 1 38  ? 2.533   14.491  8.311   1.00 46.73  ? 477 TYR A CA    1 
ATOM   299  C C     . TYR A 1 38  ? 2.624   15.316  7.023   1.00 54.62  ? 477 TYR A C     1 
ATOM   300  O O     . TYR A 1 38  ? 1.675   15.348  6.222   1.00 48.56  ? 477 TYR A O     1 
ATOM   301  C CB    . TYR A 1 38  ? 2.294   15.444  9.469   1.00 55.46  ? 477 TYR A CB    1 
ATOM   302  C CG    . TYR A 1 38  ? 0.958   15.270  10.024  1.00 57.87  ? 477 TYR A CG    1 
ATOM   303  C CD1   . TYR A 1 38  ? -0.058  16.141  9.703   1.00 66.71  ? 477 TYR A CD1   1 
ATOM   304  C CD2   . TYR A 1 38  ? 0.684   14.194  10.854  1.00 67.35  ? 477 TYR A CD2   1 
ATOM   305  C CE1   . TYR A 1 38  ? -1.328  15.964  10.208  1.00 71.20  ? 477 TYR A CE1   1 
ATOM   306  C CE2   . TYR A 1 38  ? -0.586  13.992  11.359  1.00 72.03  ? 477 TYR A CE2   1 
ATOM   307  C CZ    . TYR A 1 38  ? -1.588  14.885  11.036  1.00 74.01  ? 477 TYR A CZ    1 
ATOM   308  O OH    . TYR A 1 38  ? -2.860  14.722  11.541  1.00 90.27  ? 477 TYR A OH    1 
ATOM   309  N N     . GLU A 1 39  ? 3.732   16.030  6.842   1.00 49.99  ? 478 GLU A N     1 
ATOM   310  C CA    . GLU A 1 39  ? 3.906   16.807  5.612   1.00 54.73  ? 478 GLU A CA    1 
ATOM   311  C C     . GLU A 1 39  ? 3.905   15.944  4.362   1.00 54.11  ? 478 GLU A C     1 
ATOM   312  O O     . GLU A 1 39  ? 3.265   16.315  3.363   1.00 52.86  ? 478 GLU A O     1 
ATOM   313  C CB    . GLU A 1 39  ? 5.153   17.667  5.661   1.00 60.28  ? 478 GLU A CB    1 
ATOM   314  C CG    . GLU A 1 39  ? 4.986   18.826  6.624   1.00 69.29  ? 478 GLU A CG    1 
ATOM   315  C CD    . GLU A 1 39  ? 6.073   19.888  6.522   1.00 73.35  ? 478 GLU A CD    1 
ATOM   316  O OE1   . GLU A 1 39  ? 7.224   19.546  6.193   1.00 71.32  ? 478 GLU A OE1   1 
ATOM   317  O OE2   . GLU A 1 39  ? 5.763   21.071  6.784   1.00 76.11  ? 478 GLU A OE2   1 
ATOM   318  N N     . HIS A 1 40  ? 4.574   14.794  4.403   1.00 49.48  ? 479 HIS A N     1 
ATOM   319  C CA    . HIS A 1 40  ? 4.564   13.876  3.257   1.00 47.62  ? 479 HIS A CA    1 
ATOM   320  C C     . HIS A 1 40  ? 3.226   13.256  3.006   1.00 46.40  ? 479 HIS A C     1 
ATOM   321  O O     . HIS A 1 40  ? 2.847   13.088  1.854   1.00 46.99  ? 479 HIS A O     1 
ATOM   322  C CB    . HIS A 1 40  ? 5.606   12.777  3.403   1.00 53.35  ? 479 HIS A CB    1 
ATOM   323  C CG    . HIS A 1 40  ? 7.000   13.256  3.161   1.00 54.30  ? 479 HIS A CG    1 
ATOM   324  N ND1   . HIS A 1 40  ? 7.637   14.134  4.010   1.00 55.66  ? 479 HIS A ND1   1 
ATOM   325  C CD2   . HIS A 1 40  ? 7.874   12.989  2.163   1.00 55.16  ? 479 HIS A CD2   1 
ATOM   326  C CE1   . HIS A 1 40  ? 8.849   14.379  3.551   1.00 57.49  ? 479 HIS A CE1   1 
ATOM   327  N NE2   . HIS A 1 40  ? 9.019   13.692  2.434   1.00 57.15  ? 479 HIS A NE2   1 
ATOM   328  N N     . ARG A 1 41  ? 2.511   12.901  4.082   1.00 44.16  ? 480 ARG A N     1 
ATOM   329  C CA    . ARG A 1 41  ? 1.251   12.199  3.961   1.00 42.94  ? 480 ARG A CA    1 
ATOM   330  C C     . ARG A 1 41  ? 0.087   13.108  3.537   1.00 48.43  ? 480 ARG A C     1 
ATOM   331  O O     . ARG A 1 41  ? -0.750  12.692  2.741   1.00 45.55  ? 480 ARG A O     1 
ATOM   332  C CB    . ARG A 1 41  ? 0.905   11.463  5.254   1.00 46.36  ? 480 ARG A CB    1 
ATOM   333  C CG    . ARG A 1 41  ? -0.499  10.884  5.349   1.00 46.36  ? 480 ARG A CG    1 
ATOM   334  C CD    . ARG A 1 41  ? -0.676  9.726   4.399   1.00 50.22  ? 480 ARG A CD    1 
ATOM   335  N NE    . ARG A 1 41  ? -2.028  9.189   4.503   1.00 48.39  ? 480 ARG A NE    1 
ATOM   336  C CZ    . ARG A 1 41  ? -3.074  9.676   3.846   1.00 52.81  ? 480 ARG A CZ    1 
ATOM   337  N NH1   . ARG A 1 41  ? -2.940  10.740  3.043   1.00 51.48  ? 480 ARG A NH1   1 
ATOM   338  N NH2   . ARG A 1 41  ? -4.263  9.129   4.019   1.00 52.80  ? 480 ARG A NH2   1 
ATOM   339  N N     . TYR A 1 42  ? 0.012   14.319  4.076   1.00 48.87  ? 481 TYR A N     1 
ATOM   340  C CA    . TYR A 1 42  ? -1.180  15.173  3.889   1.00 44.72  ? 481 TYR A CA    1 
ATOM   341  C C     . TYR A 1 42  ? -0.906  16.436  3.074   1.00 50.99  ? 481 TYR A C     1 
ATOM   342  O O     . TYR A 1 42  ? -1.835  17.044  2.516   1.00 55.16  ? 481 TYR A O     1 
ATOM   343  C CB    . TYR A 1 42  ? -1.826  15.496  5.232   1.00 45.75  ? 481 TYR A CB    1 
ATOM   344  C CG    . TYR A 1 42  ? -2.357  14.256  5.947   1.00 44.67  ? 481 TYR A CG    1 
ATOM   345  C CD1   . TYR A 1 42  ? -3.478  13.582  5.466   1.00 47.62  ? 481 TYR A CD1   1 
ATOM   346  C CD2   . TYR A 1 42  ? -1.729  13.764  7.095   1.00 48.21  ? 481 TYR A CD2   1 
ATOM   347  C CE1   . TYR A 1 42  ? -3.951  12.438  6.097   1.00 53.05  ? 481 TYR A CE1   1 
ATOM   348  C CE2   . TYR A 1 42  ? -2.190  12.628  7.745   1.00 49.79  ? 481 TYR A CE2   1 
ATOM   349  C CZ    . TYR A 1 42  ? -3.301  11.962  7.239   1.00 51.49  ? 481 TYR A CZ    1 
ATOM   350  O OH    . TYR A 1 42  ? -3.763  10.838  7.888   1.00 57.55  ? 481 TYR A OH    1 
ATOM   351  N N     . GLN A 1 43  ? 0.365   16.819  2.993   1.00 51.25  ? 482 GLN A N     1 
ATOM   352  C CA    . GLN A 1 43  ? 0.807   17.867  2.077   1.00 57.29  ? 482 GLN A CA    1 
ATOM   353  C C     . GLN A 1 43  ? 0.050   19.164  2.326   1.00 57.00  ? 482 GLN A C     1 
ATOM   354  O O     . GLN A 1 43  ? -0.204  19.924  1.413   1.00 51.47  ? 482 GLN A O     1 
ATOM   355  C CB    . GLN A 1 43  ? 0.680   17.398  0.623   1.00 59.94  ? 482 GLN A CB    1 
ATOM   356  C CG    . GLN A 1 43  ? 1.136   15.952  0.436   1.00 63.65  ? 482 GLN A CG    1 
ATOM   357  C CD    . GLN A 1 43  ? 1.350   15.579  -1.012  1.00 71.36  ? 482 GLN A CD    1 
ATOM   358  O OE1   . GLN A 1 43  ? 0.500   14.945  -1.626  1.00 69.38  ? 482 GLN A OE1   1 
ATOM   359  N NE2   . GLN A 1 43  ? 2.495   15.964  -1.563  1.00 78.18  ? 482 GLN A NE2   1 
ATOM   360  N N     . GLY A 1 44  ? -0.297  19.404  3.588   1.00 52.81  ? 483 GLY A N     1 
ATOM   361  C CA    . GLY A 1 44  ? -0.852  20.685  4.009   1.00 51.17  ? 483 GLY A CA    1 
ATOM   362  C C     . GLY A 1 44  ? -2.345  20.828  3.891   1.00 47.30  ? 483 GLY A C     1 
ATOM   363  O O     . GLY A 1 44  ? -2.879  21.864  4.236   1.00 45.19  ? 483 GLY A O     1 
ATOM   364  N N     . LYS A 1 45  ? -3.041  19.785  3.453   1.00 44.96  ? 484 LYS A N     1 
ATOM   365  C CA    . LYS A 1 45  ? -4.492  19.832  3.391   1.00 49.97  ? 484 LYS A CA    1 
ATOM   366  C C     . LYS A 1 45  ? -5.075  18.556  3.984   1.00 52.09  ? 484 LYS A C     1 
ATOM   367  O O     . LYS A 1 45  ? -4.526  17.479  3.737   1.00 51.02  ? 484 LYS A O     1 
ATOM   368  C CB    . LYS A 1 45  ? -4.934  19.989  1.925   1.00 53.91  ? 484 LYS A CB    1 
ATOM   369  C CG    . LYS A 1 45  ? -4.630  21.359  1.329   1.00 58.23  ? 484 LYS A CG    1 
ATOM   370  C CD    . LYS A 1 45  ? -4.874  21.382  -0.173  1.00 65.76  ? 484 LYS A CD    1 
ATOM   371  C CE    . LYS A 1 45  ? -4.398  22.683  -0.811  1.00 70.79  ? 484 LYS A CE    1 
ATOM   372  N NZ    . LYS A 1 45  ? -4.525  22.708  -2.305  1.00 72.30  ? 484 LYS A NZ    1 
ATOM   373  N N     . MET A 1 46  ? -6.183  18.671  4.722   1.00 46.42  ? 485 MET A N     1 
ATOM   374  C CA    . MET A 1 46  ? -6.885  17.497  5.242   1.00 53.36  ? 485 MET A CA    1 
ATOM   375  C C     . MET A 1 46  ? -8.362  17.492  4.861   1.00 63.24  ? 485 MET A C     1 
ATOM   376  O O     . MET A 1 46  ? -9.021  18.543  4.815   1.00 57.51  ? 485 MET A O     1 
ATOM   377  C CB    . MET A 1 46  ? -6.753  17.422  6.757   1.00 64.14  ? 485 MET A CB    1 
ATOM   378  C CG    . MET A 1 46  ? -6.916  16.024  7.316   1.00 73.17  ? 485 MET A CG    1 
ATOM   379  S SD    . MET A 1 46  ? -5.848  15.746  8.740   1.00 83.92  ? 485 MET A SD    1 
ATOM   380  C CE    . MET A 1 46  ? -4.255  16.251  8.131   1.00 69.69  ? 485 MET A CE    1 
ATOM   381  N N     . PHE A 1 47  ? -8.859  16.288  4.597   1.00 62.19  ? 486 PHE A N     1 
ATOM   382  C CA    . PHE A 1 47  ? -10.210 16.057  4.135   1.00 71.38  ? 486 PHE A CA    1 
ATOM   383  C C     . PHE A 1 47  ? -10.840 14.910  4.941   1.00 73.95  ? 486 PHE A C     1 
ATOM   384  O O     . PHE A 1 47  ? -10.158 13.947  5.326   1.00 71.21  ? 486 PHE A O     1 
ATOM   385  C CB    . PHE A 1 47  ? -10.187 15.682  2.638   1.00 74.50  ? 486 PHE A CB    1 
ATOM   386  C CG    . PHE A 1 47  ? -9.520  16.707  1.749   1.00 68.39  ? 486 PHE A CG    1 
ATOM   387  C CD1   . PHE A 1 47  ? -8.278  16.457  1.192   1.00 66.99  ? 486 PHE A CD1   1 
ATOM   388  C CD2   . PHE A 1 47  ? -10.158 17.904  1.440   1.00 67.59  ? 486 PHE A CD2   1 
ATOM   389  C CE1   . PHE A 1 47  ? -7.666  17.383  0.358   1.00 69.35  ? 486 PHE A CE1   1 
ATOM   390  C CE2   . PHE A 1 47  ? -9.550  18.841  0.602   1.00 66.98  ? 486 PHE A CE2   1 
ATOM   391  C CZ    . PHE A 1 47  ? -8.302  18.585  0.063   1.00 66.77  ? 486 PHE A CZ    1 
ATOM   392  N N     . ASP A 1 48  ? -12.137 15.021  5.206   1.00 72.28  ? 487 ASP A N     1 
ATOM   393  C CA    . ASP A 1 48  ? -12.936 13.876  5.645   1.00 69.43  ? 487 ASP A CA    1 
ATOM   394  C C     . ASP A 1 48  ? -13.391 13.172  4.353   1.00 69.83  ? 487 ASP A C     1 
ATOM   395  O O     . ASP A 1 48  ? -14.508 13.400  3.856   1.00 65.00  ? 487 ASP A O     1 
ATOM   396  C CB    . ASP A 1 48  ? -14.107 14.378  6.484   1.00 73.80  ? 487 ASP A CB    1 
ATOM   397  C CG    . ASP A 1 48  ? -14.977 13.259  7.056   1.00 77.49  ? 487 ASP A CG    1 
ATOM   398  O OD1   . ASP A 1 48  ? -14.676 12.039  6.904   1.00 67.56  ? 487 ASP A OD1   1 
ATOM   399  O OD2   . ASP A 1 48  ? -16.006 13.643  7.660   1.00 83.31  ? 487 ASP A OD2   1 
ATOM   400  N N     . GLU A 1 49  ? -12.495 12.348  3.803   1.00 59.84  ? 488 GLU A N     1 
ATOM   401  C CA    . GLU A 1 49  ? -12.681 11.734  2.484   1.00 66.97  ? 488 GLU A CA    1 
ATOM   402  C C     . GLU A 1 49  ? -13.847 10.760  2.465   1.00 66.48  ? 488 GLU A C     1 
ATOM   403  O O     . GLU A 1 49  ? -14.578 10.691  1.470   1.00 59.65  ? 488 GLU A O     1 
ATOM   404  C CB    . GLU A 1 49  ? -11.447 10.940  2.057   1.00 75.00  ? 488 GLU A CB    1 
ATOM   405  C CG    . GLU A 1 49  ? -10.463 11.660  1.157   1.00 86.90  ? 488 GLU A CG    1 
ATOM   406  C CD    . GLU A 1 49  ? -9.554  10.687  0.410   1.00 95.50  ? 488 GLU A CD    1 
ATOM   407  O OE1   . GLU A 1 49  ? -10.022 9.587   0.020   1.00 94.73  ? 488 GLU A OE1   1 
ATOM   408  O OE2   . GLU A 1 49  ? -8.370  11.026  0.195   1.00 106.72 ? 488 GLU A OE2   1 
ATOM   409  N N     . ASP A 1 50  ? -13.974 9.961   3.528   1.00 60.21  ? 489 ASP A N     1 
ATOM   410  C CA    . ASP A 1 50  ? -15.055 8.987   3.611   1.00 65.40  ? 489 ASP A CA    1 
ATOM   411  C C     . ASP A 1 50  ? -16.372 9.731   3.417   1.00 59.36  ? 489 ASP A C     1 
ATOM   412  O O     . ASP A 1 50  ? -17.226 9.296   2.639   1.00 61.55  ? 489 ASP A O     1 
ATOM   413  C CB    . ASP A 1 50  ? -15.045 8.229   4.958   1.00 75.66  ? 489 ASP A CB    1 
ATOM   414  C CG    . ASP A 1 50  ? -13.890 7.197   5.068   1.00 89.13  ? 489 ASP A CG    1 
ATOM   415  O OD1   . ASP A 1 50  ? -13.271 6.832   4.034   1.00 88.41  ? 489 ASP A OD1   1 
ATOM   416  O OD2   . ASP A 1 50  ? -13.611 6.735   6.204   1.00 100.94 ? 489 ASP A OD2   1 
ATOM   417  N N     . SER A 1 51  ? -16.505 10.859  4.110   1.00 55.90  ? 490 SER A N     1 
ATOM   418  C CA    . SER A 1 51  ? -17.705 11.719  4.055   1.00 58.56  ? 490 SER A CA    1 
ATOM   419  C C     . SER A 1 51  ? -17.927 12.289  2.663   1.00 54.62  ? 490 SER A C     1 
ATOM   420  O O     . SER A 1 51  ? -19.018 12.181  2.119   1.00 57.15  ? 490 SER A O     1 
ATOM   421  C CB    . SER A 1 51  ? -17.596 12.856  5.081   1.00 60.03  ? 490 SER A CB    1 
ATOM   422  O OG    . SER A 1 51  ? -18.808 13.577  5.173   1.00 64.91  ? 490 SER A OG    1 
ATOM   423  N N     . ILE A 1 52  ? -16.879 12.849  2.067   1.00 54.33  ? 491 ILE A N     1 
ATOM   424  C CA    . ILE A 1 52  ? -16.958 13.363  0.691   1.00 52.99  ? 491 ILE A CA    1 
ATOM   425  C C     . ILE A 1 52  ? -17.402 12.322  -0.338  1.00 55.57  ? 491 ILE A C     1 
ATOM   426  O O     . ILE A 1 52  ? -18.371 12.522  -1.072  1.00 52.86  ? 491 ILE A O     1 
ATOM   427  C CB    . ILE A 1 52  ? -15.620 13.980  0.260   1.00 57.30  ? 491 ILE A CB    1 
ATOM   428  C CG1   . ILE A 1 52  ? -15.357 15.249  1.109   1.00 54.57  ? 491 ILE A CG1   1 
ATOM   429  C CG2   . ILE A 1 52  ? -15.649 14.290  -1.243  1.00 56.04  ? 491 ILE A CG2   1 
ATOM   430  C CD1   . ILE A 1 52  ? -13.933 15.764  1.070   1.00 59.43  ? 491 ILE A CD1   1 
ATOM   431  N N     . LEU A 1 53  ? -16.708 11.203  -0.408  1.00 51.75  ? 492 LEU A N     1 
ATOM   432  C CA    . LEU A 1 53  ? -17.060 10.205  -1.397  1.00 54.31  ? 492 LEU A CA    1 
ATOM   433  C C     . LEU A 1 53  ? -18.411 9.534   -1.069  1.00 52.19  ? 492 LEU A C     1 
ATOM   434  O O     . LEU A 1 53  ? -19.146 9.109   -1.967  1.00 49.36  ? 492 LEU A O     1 
ATOM   435  C CB    . LEU A 1 53  ? -15.897 9.207   -1.573  1.00 55.36  ? 492 LEU A CB    1 
ATOM   436  C CG    . LEU A 1 53  ? -14.609 9.940   -2.040  1.00 62.25  ? 492 LEU A CG    1 
ATOM   437  C CD1   . LEU A 1 53  ? -13.364 9.286   -1.481  1.00 65.57  ? 492 LEU A CD1   1 
ATOM   438  C CD2   . LEU A 1 53  ? -14.515 10.075  -3.555  1.00 62.21  ? 492 LEU A CD2   1 
ATOM   439  N N     . GLY A 1 54  ? -18.751 9.464   0.211   1.00 49.70  ? 493 GLY A N     1 
ATOM   440  C CA    . GLY A 1 54  ? -20.061 8.952   0.611   1.00 51.26  ? 493 GLY A CA    1 
ATOM   441  C C     . GLY A 1 54  ? -21.203 9.863   0.161   1.00 53.37  ? 493 GLY A C     1 
ATOM   442  O O     . GLY A 1 54  ? -22.332 9.429   0.027   1.00 49.70  ? 493 GLY A O     1 
ATOM   443  N N     . GLU A 1 55  ? -20.911 11.132  -0.086  1.00 51.32  ? 494 GLU A N     1 
ATOM   444  C CA    . GLU A 1 55  ? -21.923 12.043  -0.582  1.00 55.78  ? 494 GLU A CA    1 
ATOM   445  C C     . GLU A 1 55  ? -22.201 11.830  -2.079  1.00 52.64  ? 494 GLU A C     1 
ATOM   446  O O     . GLU A 1 55  ? -23.208 12.313  -2.603  1.00 53.01  ? 494 GLU A O     1 
ATOM   447  C CB    . GLU A 1 55  ? -21.516 13.492  -0.274  1.00 60.17  ? 494 GLU A CB    1 
ATOM   448  C CG    . GLU A 1 55  ? -21.668 13.831  1.210   1.00 65.08  ? 494 GLU A CG    1 
ATOM   449  C CD    . GLU A 1 55  ? -20.914 15.069  1.650   1.00 73.42  ? 494 GLU A CD    1 
ATOM   450  O OE1   . GLU A 1 55  ? -20.841 15.305  2.879   1.00 78.06  ? 494 GLU A OE1   1 
ATOM   451  O OE2   . GLU A 1 55  ? -20.389 15.800  0.779   1.00 73.43  ? 494 GLU A OE2   1 
ATOM   452  N N     . LEU A 1 56  ? -21.327 11.087  -2.749  1.00 51.62  ? 495 LEU A N     1 
ATOM   453  C CA    . LEU A 1 56  ? -21.427 10.866  -4.195  1.00 51.14  ? 495 LEU A CA    1 
ATOM   454  C C     . LEU A 1 56  ? -22.151 9.569   -4.522  1.00 51.14  ? 495 LEU A C     1 
ATOM   455  O O     . LEU A 1 56  ? -22.818 8.990   -3.662  1.00 56.61  ? 495 LEU A O     1 
ATOM   456  C CB    . LEU A 1 56  ? -20.048 10.883  -4.834  1.00 50.91  ? 495 LEU A CB    1 
ATOM   457  C CG    . LEU A 1 56  ? -19.166 12.074  -4.493  1.00 48.91  ? 495 LEU A CG    1 
ATOM   458  C CD1   . LEU A 1 56  ? -17.886 11.929  -5.266  1.00 53.00  ? 495 LEU A CD1   1 
ATOM   459  C CD2   . LEU A 1 56  ? -19.805 13.428  -4.792  1.00 51.64  ? 495 LEU A CD2   1 
ATOM   460  N N     . ASN A 1 57  ? -22.070 9.137   -5.771  1.00 46.97  ? 496 ASN A N     1 
ATOM   461  C CA    . ASN A 1 57  ? -22.642 7.859   -6.146  1.00 47.01  ? 496 ASN A CA    1 
ATOM   462  C C     . ASN A 1 57  ? -21.531 6.939   -6.660  1.00 46.34  ? 496 ASN A C     1 
ATOM   463  O O     . ASN A 1 57  ? -20.369 7.321   -6.662  1.00 47.27  ? 496 ASN A O     1 
ATOM   464  C CB    . ASN A 1 57  ? -23.744 8.053   -7.198  1.00 48.35  ? 496 ASN A CB    1 
ATOM   465  C CG    . ASN A 1 57  ? -23.212 8.691   -8.470  1.00 50.20  ? 496 ASN A CG    1 
ATOM   466  O OD1   . ASN A 1 57  ? -22.012 8.755   -8.667  1.00 52.16  ? 496 ASN A OD1   1 
ATOM   467  N ND2   . ASN A 1 57  ? -24.090 9.145   -9.326  1.00 50.22  ? 496 ASN A ND2   1 
ATOM   468  N N     . GLY A 1 58  ? -21.890 5.707   -7.025  1.00 48.87  ? 497 GLY A N     1 
ATOM   469  C CA    . GLY A 1 58  ? -20.926 4.739   -7.553  1.00 49.79  ? 497 GLY A CA    1 
ATOM   470  C C     . GLY A 1 58  ? -20.154 5.280   -8.749  1.00 48.24  ? 497 GLY A C     1 
ATOM   471  O O     . GLY A 1 58  ? -18.935 5.297   -8.740  1.00 46.62  ? 497 GLY A O     1 
ATOM   472  N N     . PRO A 1 59  ? -20.867 5.720   -9.795  1.00 49.09  ? 498 PRO A N     1 
ATOM   473  C CA    . PRO A 1 59  ? -20.173 6.153   -11.009 1.00 48.65  ? 498 PRO A CA    1 
ATOM   474  C C     . PRO A 1 59  ? -19.187 7.299   -10.794 1.00 45.57  ? 498 PRO A C     1 
ATOM   475  O O     . PRO A 1 59  ? -18.108 7.262   -11.373 1.00 47.42  ? 498 PRO A O     1 
ATOM   476  C CB    . PRO A 1 59  ? -21.308 6.565   -11.940 1.00 55.07  ? 498 PRO A CB    1 
ATOM   477  C CG    . PRO A 1 59  ? -22.477 5.726   -11.479 1.00 51.97  ? 498 PRO A CG    1 
ATOM   478  C CD    . PRO A 1 59  ? -22.312 5.513   -10.014 1.00 48.75  ? 498 PRO A CD    1 
ATOM   479  N N     . LEU A 1 60  ? -19.519 8.278   -9.949  1.00 44.06  ? 499 LEU A N     1 
ATOM   480  C CA    . LEU A 1 60  ? -18.612 9.391   -9.721  1.00 45.08  ? 499 LEU A CA    1 
ATOM   481  C C     . LEU A 1 60  ? -17.407 8.903   -8.942  1.00 44.43  ? 499 LEU A C     1 
ATOM   482  O O     . LEU A 1 60  ? -16.286 9.244   -9.295  1.00 43.59  ? 499 LEU A O     1 
ATOM   483  C CB    . LEU A 1 60  ? -19.297 10.586  -9.016  1.00 46.88  ? 499 LEU A CB    1 
ATOM   484  C CG    . LEU A 1 60  ? -20.330 11.272  -9.956  1.00 49.99  ? 499 LEU A CG    1 
ATOM   485  C CD1   . LEU A 1 60  ? -21.146 12.309  -9.204  1.00 49.11  ? 499 LEU A CD1   1 
ATOM   486  C CD2   . LEU A 1 60  ? -19.708 11.882  -11.205 1.00 46.86  ? 499 LEU A CD2   1 
ATOM   487  N N     . ARG A 1 61  ? -17.625 8.116   -7.885  1.00 42.19  ? 500 ARG A N     1 
ATOM   488  C CA    . ARG A 1 61  ? -16.492 7.564   -7.113  1.00 45.16  ? 500 ARG A CA    1 
ATOM   489  C C     . ARG A 1 61  ? -15.538 6.781   -8.017  1.00 45.99  ? 500 ARG A C     1 
ATOM   490  O O     . ARG A 1 61  ? -14.323 6.867   -7.883  1.00 44.94  ? 500 ARG A O     1 
ATOM   491  C CB    . ARG A 1 61  ? -16.978 6.643   -5.987  1.00 48.83  ? 500 ARG A CB    1 
ATOM   492  C CG    . ARG A 1 61  ? -17.521 7.396   -4.790  1.00 52.21  ? 500 ARG A CG    1 
ATOM   493  C CD    . ARG A 1 61  ? -17.697 6.486   -3.565  1.00 52.64  ? 500 ARG A CD    1 
ATOM   494  N NE    . ARG A 1 61  ? -18.775 5.531   -3.727  1.00 53.65  ? 500 ARG A NE    1 
ATOM   495  C CZ    . ARG A 1 61  ? -20.056 5.801   -3.480  1.00 57.18  ? 500 ARG A CZ    1 
ATOM   496  N NH1   . ARG A 1 61  ? -20.449 7.003   -3.050  1.00 58.70  ? 500 ARG A NH1   1 
ATOM   497  N NH2   . ARG A 1 61  ? -20.957 4.859   -3.663  1.00 57.38  ? 500 ARG A NH2   1 
ATOM   498  N N     . GLU A 1 62  ? -16.104 6.020   -8.945  1.00 45.33  ? 501 GLU A N     1 
ATOM   499  C CA    . GLU A 1 62  ? -15.316 5.179   -9.817  1.00 46.16  ? 501 GLU A CA    1 
ATOM   500  C C     . GLU A 1 62  ? -14.556 5.998   -10.826 1.00 47.12  ? 501 GLU A C     1 
ATOM   501  O O     . GLU A 1 62  ? -13.388 5.727   -11.084 1.00 43.50  ? 501 GLU A O     1 
ATOM   502  C CB    . GLU A 1 62  ? -16.208 4.152   -10.490 1.00 49.60  ? 501 GLU A CB    1 
ATOM   503  C CG    . GLU A 1 62  ? -16.708 3.151   -9.443  1.00 52.53  ? 501 GLU A CG    1 
ATOM   504  C CD    . GLU A 1 62  ? -17.634 2.089   -10.032 1.00 59.57  ? 501 GLU A CD    1 
ATOM   505  O OE1   . GLU A 1 62  ? -18.027 2.218   -11.207 1.00 54.88  ? 501 GLU A OE1   1 
ATOM   506  O OE2   . GLU A 1 62  ? -17.975 1.133   -9.309  1.00 65.92  ? 501 GLU A OE2   1 
ATOM   507  N N     . GLU A 1 63  ? -15.180 7.053   -11.340 1.00 41.97  ? 502 GLU A N     1 
ATOM   508  C CA    . GLU A 1 63  ? -14.471 7.985   -12.195 1.00 45.35  ? 502 GLU A CA    1 
ATOM   509  C C     . GLU A 1 63  ? -13.311 8.714   -11.490 1.00 41.28  ? 502 GLU A C     1 
ATOM   510  O O     . GLU A 1 63  ? -12.237 8.932   -12.069 1.00 40.25  ? 502 GLU A O     1 
ATOM   511  C CB    . GLU A 1 63  ? -15.440 9.040   -12.738 1.00 51.14  ? 502 GLU A CB    1 
ATOM   512  C CG    . GLU A 1 63  ? -15.231 9.279   -14.200 1.00 59.36  ? 502 GLU A CG    1 
ATOM   513  C CD    . GLU A 1 63  ? -16.164 10.328  -14.766 1.00 62.43  ? 502 GLU A CD    1 
ATOM   514  O OE1   . GLU A 1 63  ? -17.393 10.284  -14.461 1.00 61.44  ? 502 GLU A OE1   1 
ATOM   515  O OE2   . GLU A 1 63  ? -15.641 11.189  -15.520 1.00 65.83  ? 502 GLU A OE2   1 
ATOM   516  N N     . ILE A 1 64  ? -13.540 9.132   -10.264 1.00 43.61  ? 503 ILE A N     1 
ATOM   517  C CA    . ILE A 1 64  ? -12.503 9.821   -9.456  1.00 39.49  ? 503 ILE A CA    1 
ATOM   518  C C     . ILE A 1 64  ? -11.277 8.907   -9.174  1.00 41.92  ? 503 ILE A C     1 
ATOM   519  O O     . ILE A 1 64  ? -10.138 9.277   -9.401  1.00 44.48  ? 503 ILE A O     1 
ATOM   520  C CB    . ILE A 1 64  ? -13.114 10.326  -8.121  1.00 40.41  ? 503 ILE A CB    1 
ATOM   521  C CG1   . ILE A 1 64  ? -14.090 11.484  -8.402  1.00 44.67  ? 503 ILE A CG1   1 
ATOM   522  C CG2   . ILE A 1 64  ? -12.037 10.768  -7.149  1.00 44.32  ? 503 ILE A CG2   1 
ATOM   523  C CD1   . ILE A 1 64  ? -14.981 11.908  -7.236  1.00 40.48  ? 503 ILE A CD1   1 
ATOM   524  N N     . VAL A 1 65  ? -11.535 7.707   -8.674  1.00 46.58  ? 504 VAL A N     1 
ATOM   525  C CA    . VAL A 1 65  ? -10.479 6.773   -8.350  1.00 48.14  ? 504 VAL A CA    1 
ATOM   526  C C     . VAL A 1 65  ? -9.684  6.377   -9.616  1.00 48.84  ? 504 VAL A C     1 
ATOM   527  O O     . VAL A 1 65  ? -8.462  6.275   -9.563  1.00 44.70  ? 504 VAL A O     1 
ATOM   528  C CB    . VAL A 1 65  ? -11.078 5.562   -7.588  1.00 54.18  ? 504 VAL A CB    1 
ATOM   529  C CG1   . VAL A 1 65  ? -11.600 4.482   -8.544  1.00 51.37  ? 504 VAL A CG1   1 
ATOM   530  C CG2   . VAL A 1 65  ? -10.071 5.011   -6.614  1.00 61.31  ? 504 VAL A CG2   1 
ATOM   531  N N     . ASN A 1 66  ? -10.347 6.209   -10.762 1.00 38.64  ? 505 ASN A N     1 
ATOM   532  C CA    . ASN A 1 66  ? -9.609  5.969   -12.013 1.00 39.52  ? 505 ASN A CA    1 
ATOM   533  C C     . ASN A 1 66  ? -8.724  7.138   -12.417 1.00 41.53  ? 505 ASN A C     1 
ATOM   534  O O     . ASN A 1 66  ? -7.586  6.914   -12.869 1.00 37.88  ? 505 ASN A O     1 
ATOM   535  C CB    . ASN A 1 66  ? -10.495 5.523   -13.171 1.00 38.92  ? 505 ASN A CB    1 
ATOM   536  C CG    . ASN A 1 66  ? -10.749 4.014   -13.145 1.00 43.48  ? 505 ASN A CG    1 
ATOM   537  O OD1   . ASN A 1 66  ? -9.846  3.209   -13.428 1.00 46.03  ? 505 ASN A OD1   1 
ATOM   538  N ND2   . ASN A 1 66  ? -11.964 3.622   -12.755 1.00 41.54  ? 505 ASN A ND2   1 
ATOM   539  N N     . PHE A 1 67  ? -9.211  8.370   -12.220 1.00 39.30  ? 506 PHE A N     1 
ATOM   540  C CA    . PHE A 1 67  ? -8.440  9.571   -12.586 1.00 42.61  ? 506 PHE A CA    1 
ATOM   541  C C     . PHE A 1 67  ? -7.241  9.742   -11.659 1.00 43.46  ? 506 PHE A C     1 
ATOM   542  O O     . PHE A 1 67  ? -6.155  10.073  -12.126 1.00 41.27  ? 506 PHE A O     1 
ATOM   543  C CB    . PHE A 1 67  ? -9.281  10.857  -12.549 1.00 41.74  ? 506 PHE A CB    1 
ATOM   544  C CG    . PHE A 1 67  ? -8.540  12.072  -13.066 1.00 46.07  ? 506 PHE A CG    1 
ATOM   545  C CD1   . PHE A 1 67  ? -8.579  12.415  -14.418 1.00 47.57  ? 506 PHE A CD1   1 
ATOM   546  C CD2   . PHE A 1 67  ? -7.800  12.866  -12.212 1.00 48.44  ? 506 PHE A CD2   1 
ATOM   547  C CE1   . PHE A 1 67  ? -7.865  13.492  -14.912 1.00 48.96  ? 506 PHE A CE1   1 
ATOM   548  C CE2   . PHE A 1 67  ? -7.100  13.970  -12.698 1.00 46.10  ? 506 PHE A CE2   1 
ATOM   549  C CZ    . PHE A 1 67  ? -7.147  14.295  -14.036 1.00 47.55  ? 506 PHE A CZ    1 
ATOM   550  N N     . ASN A 1 68  ? -7.460  9.540   -10.352 1.00 41.20  ? 507 ASN A N     1 
ATOM   551  C CA    . ASN A 1 68  ? -6.401  9.690   -9.354  1.00 43.74  ? 507 ASN A CA    1 
ATOM   552  C C     . ASN A 1 68  ? -5.285  8.648   -9.519  1.00 45.30  ? 507 ASN A C     1 
ATOM   553  O O     . ASN A 1 68  ? -4.159  8.911   -9.201  1.00 45.17  ? 507 ASN A O     1 
ATOM   554  C CB    . ASN A 1 68  ? -6.978  9.602   -7.922  1.00 42.89  ? 507 ASN A CB    1 
ATOM   555  C CG    . ASN A 1 68  ? -7.844  10.814  -7.554  1.00 48.04  ? 507 ASN A CG    1 
ATOM   556  O OD1   . ASN A 1 68  ? -7.859  11.825  -8.258  1.00 50.04  ? 507 ASN A OD1   1 
ATOM   557  N ND2   . ASN A 1 68  ? -8.539  10.725  -6.430  1.00 47.77  ? 507 ASN A ND2   1 
HETATM 558  N N     . CSX A 1 69  ? -5.599  7.462   -10.028 1.00 45.79  ? 508 CSX A N     1 
HETATM 559  C CA    . CSX A 1 69  ? -4.597  6.409   -10.149 1.00 39.56  ? 508 CSX A CA    1 
HETATM 560  C CB    . CSX A 1 69  ? -5.210  5.204   -9.417  1.00 47.87  ? 508 CSX A CB    1 
HETATM 561  S SG    . CSX A 1 69  ? -4.895  5.322   -7.689  1.00 61.89  ? 508 CSX A SG    1 
HETATM 562  C C     . CSX A 1 69  ? -4.149  6.134   -11.576 1.00 41.76  ? 508 CSX A C     1 
HETATM 563  O O     . CSX A 1 69  ? -3.703  5.044   -11.867 1.00 40.12  ? 508 CSX A O     1 
HETATM 564  O OD    . CSX A 1 69  ? -6.198  5.000   -7.071  1.00 69.80  ? 508 CSX A OD    1 
ATOM   565  N N     . ARG A 1 70  ? -4.248  7.104   -12.493 1.00 39.28  ? 509 ARG A N     1 
ATOM   566  C CA    . ARG A 1 70  ? -3.952  6.813   -13.914 1.00 40.87  ? 509 ARG A CA    1 
ATOM   567  C C     . ARG A 1 70  ? -2.538  6.283   -14.100 1.00 43.88  ? 509 ARG A C     1 
ATOM   568  O O     . ARG A 1 70  ? -2.282  5.414   -14.928 1.00 41.18  ? 509 ARG A O     1 
ATOM   569  C CB    . ARG A 1 70  ? -4.145  8.038   -14.797 1.00 39.55  ? 509 ARG A CB    1 
ATOM   570  C CG    . ARG A 1 70  ? -5.631  8.385   -15.088 1.00 43.15  ? 509 ARG A CG    1 
ATOM   571  C CD    . ARG A 1 70  ? -5.752  9.744   -15.787 1.00 43.13  ? 509 ARG A CD    1 
ATOM   572  N NE    . ARG A 1 70  ? -5.183  10.810  -14.929 1.00 40.99  ? 509 ARG A NE    1 
ATOM   573  C CZ    . ARG A 1 70  ? -4.704  11.972  -15.365 1.00 46.79  ? 509 ARG A CZ    1 
ATOM   574  N NH1   . ARG A 1 70  ? -4.218  12.849  -14.481 1.00 46.47  ? 509 ARG A NH1   1 
ATOM   575  N NH2   . ARG A 1 70  ? -4.717  12.274  -16.673 1.00 48.34  ? 509 ARG A NH2   1 
ATOM   576  N N     . LYS A 1 71  ? -1.635  6.838   -13.310 1.00 46.02  ? 510 LYS A N     1 
ATOM   577  C CA    . LYS A 1 71  ? -0.211  6.578   -13.408 1.00 50.58  ? 510 LYS A CA    1 
ATOM   578  C C     . LYS A 1 71  ? 0.071   5.214   -12.836 1.00 48.18  ? 510 LYS A C     1 
ATOM   579  O O     . LYS A 1 71  ? 0.751   4.366   -13.453 1.00 45.24  ? 510 LYS A O     1 
ATOM   580  C CB    . LYS A 1 71  ? 0.514   7.612   -12.559 1.00 56.78  ? 510 LYS A CB    1 
ATOM   581  C CG    . LYS A 1 71  ? 1.580   8.372   -13.285 1.00 68.13  ? 510 LYS A CG    1 
ATOM   582  C CD    . LYS A 1 71  ? 2.946   7.754   -13.116 1.00 66.60  ? 510 LYS A CD    1 
ATOM   583  C CE    . LYS A 1 71  ? 3.971   8.877   -13.153 1.00 78.32  ? 510 LYS A CE    1 
ATOM   584  N NZ    . LYS A 1 71  ? 5.348   8.382   -13.413 1.00 80.74  ? 510 LYS A NZ    1 
ATOM   585  N N     . LEU A 1 72  ? -0.477  5.001   -11.654 1.00 42.37  ? 511 LEU A N     1 
ATOM   586  C CA    . LEU A 1 72  ? -0.387  3.696   -11.000 1.00 46.02  ? 511 LEU A CA    1 
ATOM   587  C C     . LEU A 1 72  ? -0.872  2.609   -11.975 1.00 46.29  ? 511 LEU A C     1 
ATOM   588  O O     . LEU A 1 72  ? -0.170  1.633   -12.215 1.00 44.21  ? 511 LEU A O     1 
ATOM   589  C CB    . LEU A 1 72  ? -1.202  3.674   -9.692  1.00 48.60  ? 511 LEU A CB    1 
ATOM   590  C CG    . LEU A 1 72  ? -1.164  2.342   -8.888  1.00 49.64  ? 511 LEU A CG    1 
ATOM   591  C CD1   . LEU A 1 72  ? 0.204   2.170   -8.240  1.00 48.89  ? 511 LEU A CD1   1 
ATOM   592  C CD2   . LEU A 1 72  ? -2.235  2.257   -7.810  1.00 50.14  ? 511 LEU A CD2   1 
ATOM   593  N N     . VAL A 1 73  ? -2.061  2.802   -12.572 1.00 43.33  ? 512 VAL A N     1 
ATOM   594  C CA    . VAL A 1 73  ? -2.642  1.812   -13.486 1.00 40.67  ? 512 VAL A CA    1 
ATOM   595  C C     . VAL A 1 73  ? -1.781  1.603   -14.745 1.00 45.84  ? 512 VAL A C     1 
ATOM   596  O O     . VAL A 1 73  ? -1.496  0.442   -15.138 1.00 48.09  ? 512 VAL A O     1 
ATOM   597  C CB    . VAL A 1 73  ? -4.097  2.190   -13.902 1.00 41.46  ? 512 VAL A CB    1 
ATOM   598  C CG1   . VAL A 1 73  ? -4.569  1.291   -15.020 1.00 44.36  ? 512 VAL A CG1   1 
ATOM   599  C CG2   . VAL A 1 73  ? -5.040  2.083   -12.709 1.00 41.67  ? 512 VAL A CG2   1 
ATOM   600  N N     . ALA A 1 74  ? -1.347  2.708   -15.356 1.00 41.08  ? 513 ALA A N     1 
ATOM   601  C CA    . ALA A 1 74  ? -0.647  2.637   -16.624 1.00 47.05  ? 513 ALA A CA    1 
ATOM   602  C C     . ALA A 1 74  ? 0.763   2.073   -16.495 1.00 48.62  ? 513 ALA A C     1 
ATOM   603  O O     . ALA A 1 74  ? 1.292   1.559   -17.443 1.00 49.22  ? 513 ALA A O     1 
ATOM   604  C CB    . ALA A 1 74  ? -0.577  4.000   -17.268 1.00 45.33  ? 513 ALA A CB    1 
ATOM   605  N N     . SER A 1 75  ? 1.376   2.188   -15.336 1.00 50.31  ? 514 SER A N     1 
ATOM   606  C CA    . SER A 1 75  ? 2.765   1.787   -15.191 1.00 55.68  ? 514 SER A CA    1 
ATOM   607  C C     . SER A 1 75  ? 2.899   0.365   -14.639 1.00 59.74  ? 514 SER A C     1 
ATOM   608  O O     . SER A 1 75  ? 3.992   -0.129  -14.420 1.00 58.35  ? 514 SER A O     1 
ATOM   609  C CB    . SER A 1 75  ? 3.436   2.736   -14.240 1.00 54.34  ? 514 SER A CB    1 
ATOM   610  O OG    . SER A 1 75  ? 3.021   2.391   -12.942 1.00 64.55  ? 514 SER A OG    1 
ATOM   611  N N     . MET A 1 76  ? 1.782   -0.295  -14.386 1.00 58.19  ? 515 MET A N     1 
ATOM   612  C CA    . MET A 1 76  ? 1.837   -1.568  -13.745 1.00 54.48  ? 515 MET A CA    1 
ATOM   613  C C     . MET A 1 76  ? 1.126   -2.528  -14.664 1.00 51.33  ? 515 MET A C     1 
ATOM   614  O O     . MET A 1 76  ? -0.094  -2.488  -14.759 1.00 47.06  ? 515 MET A O     1 
ATOM   615  C CB    . MET A 1 76  ? 1.159   -1.488  -12.384 1.00 54.62  ? 515 MET A CB    1 
ATOM   616  C CG    . MET A 1 76  ? 1.016   -2.861  -11.754 1.00 63.94  ? 515 MET A CG    1 
ATOM   617  S SD    . MET A 1 76  ? 0.327   -2.911  -10.099 1.00 63.24  ? 515 MET A SD    1 
ATOM   618  C CE    . MET A 1 76  ? -0.890  -1.606  -10.021 1.00 62.88  ? 515 MET A CE    1 
ATOM   619  N N     . PRO A 1 77  ? 1.883   -3.390  -15.359 1.00 51.36  ? 516 PRO A N     1 
ATOM   620  C CA    . PRO A 1 77  ? 1.305   -4.231  -16.404 1.00 56.08  ? 516 PRO A CA    1 
ATOM   621  C C     . PRO A 1 77  ? 0.084   -5.035  -16.002 1.00 62.39  ? 516 PRO A C     1 
ATOM   622  O O     . PRO A 1 77  ? -0.845  -5.197  -16.816 1.00 59.02  ? 516 PRO A O     1 
ATOM   623  C CB    . PRO A 1 77  ? 2.465   -5.165  -16.766 1.00 60.92  ? 516 PRO A CB    1 
ATOM   624  C CG    . PRO A 1 77  ? 3.662   -4.299  -16.587 1.00 60.49  ? 516 PRO A CG    1 
ATOM   625  C CD    . PRO A 1 77  ? 3.356   -3.401  -15.412 1.00 56.22  ? 516 PRO A CD    1 
ATOM   626  N N     . LEU A 1 78  ? 0.075   -5.538  -14.764 1.00 55.36  ? 517 LEU A N     1 
ATOM   627  C CA    . LEU A 1 78  ? -1.078  -6.283  -14.286 1.00 55.70  ? 517 LEU A CA    1 
ATOM   628  C C     . LEU A 1 78  ? -2.362  -5.465  -14.356 1.00 50.28  ? 517 LEU A C     1 
ATOM   629  O O     . LEU A 1 78  ? -3.423  -6.017  -14.605 1.00 56.79  ? 517 LEU A O     1 
ATOM   630  C CB    . LEU A 1 78  ? -0.853  -6.720  -12.839 1.00 60.95  ? 517 LEU A CB    1 
ATOM   631  C CG    . LEU A 1 78  ? -2.041  -7.403  -12.180 1.00 67.84  ? 517 LEU A CG    1 
ATOM   632  C CD1   . LEU A 1 78  ? -2.105  -8.846  -12.645 1.00 70.90  ? 517 LEU A CD1   1 
ATOM   633  C CD2   . LEU A 1 78  ? -1.952  -7.305  -10.659 1.00 77.03  ? 517 LEU A CD2   1 
ATOM   634  N N     . PHE A 1 79  ? -2.291  -4.185  -14.006 1.00 49.48  ? 518 PHE A N     1 
ATOM   635  C CA    . PHE A 1 79  ? -3.481  -3.304  -14.076 1.00 50.25  ? 518 PHE A CA    1 
ATOM   636  C C     . PHE A 1 79  ? -3.698  -2.802  -15.514 1.00 45.18  ? 518 PHE A C     1 
ATOM   637  O O     . PHE A 1 79  ? -4.799  -2.825  -16.045 1.00 46.76  ? 518 PHE A O     1 
ATOM   638  C CB    . PHE A 1 79  ? -3.362  -2.135  -13.075 1.00 49.46  ? 518 PHE A CB    1 
ATOM   639  C CG    . PHE A 1 79  ? -3.770  -2.481  -11.645 1.00 50.95  ? 518 PHE A CG    1 
ATOM   640  C CD1   . PHE A 1 79  ? -3.841  -3.798  -11.202 1.00 57.52  ? 518 PHE A CD1   1 
ATOM   641  C CD2   . PHE A 1 79  ? -4.021  -1.471  -10.732 1.00 58.27  ? 518 PHE A CD2   1 
ATOM   642  C CE1   . PHE A 1 79  ? -4.195  -4.093  -9.885  1.00 60.32  ? 518 PHE A CE1   1 
ATOM   643  C CE2   . PHE A 1 79  ? -4.378  -1.755  -9.412  1.00 56.84  ? 518 PHE A CE2   1 
ATOM   644  C CZ    . PHE A 1 79  ? -4.477  -3.070  -8.993  1.00 52.12  ? 518 PHE A CZ    1 
ATOM   645  N N     . ALA A 1 80  ? -2.626  -2.399  -16.153 1.00 47.99  ? 519 ALA A N     1 
ATOM   646  C CA    . ALA A 1 80  ? -2.726  -1.745  -17.451 1.00 54.01  ? 519 ALA A CA    1 
ATOM   647  C C     . ALA A 1 80  ? -3.390  -2.618  -18.528 1.00 56.17  ? 519 ALA A C     1 
ATOM   648  O O     . ALA A 1 80  ? -4.119  -2.100  -19.364 1.00 53.06  ? 519 ALA A O     1 
ATOM   649  C CB    . ALA A 1 80  ? -1.348  -1.291  -17.898 1.00 56.36  ? 519 ALA A CB    1 
ATOM   650  N N     . ASN A 1 81  ? -3.171  -3.931  -18.480 1.00 54.87  ? 520 ASN A N     1 
ATOM   651  C CA    . ASN A 1 81  ? -3.680  -4.859  -19.505 1.00 59.61  ? 520 ASN A CA    1 
ATOM   652  C C     . ASN A 1 81  ? -4.874  -5.642  -19.062 1.00 57.52  ? 520 ASN A C     1 
ATOM   653  O O     . ASN A 1 81  ? -5.328  -6.522  -19.774 1.00 59.69  ? 520 ASN A O     1 
ATOM   654  C CB    . ASN A 1 81  ? -2.615  -5.898  -19.834 1.00 63.04  ? 520 ASN A CB    1 
ATOM   655  C CG    . ASN A 1 81  ? -1.350  -5.278  -20.346 1.00 63.33  ? 520 ASN A CG    1 
ATOM   656  O OD1   . ASN A 1 81  ? -1.385  -4.476  -21.271 1.00 68.41  ? 520 ASN A OD1   1 
ATOM   657  N ND2   . ASN A 1 81  ? -0.222  -5.645  -19.751 1.00 65.50  ? 520 ASN A ND2   1 
ATOM   658  N N     . ALA A 1 82  ? -5.366  -5.361  -17.867 1.00 54.72  ? 521 ALA A N     1 
ATOM   659  C CA    . ALA A 1 82  ? -6.462  -6.131  -17.313 1.00 53.63  ? 521 ALA A CA    1 
ATOM   660  C C     . ALA A 1 82  ? -7.784  -5.512  -17.736 1.00 54.44  ? 521 ALA A C     1 
ATOM   661  O O     . ALA A 1 82  ? -7.820  -4.375  -18.243 1.00 56.20  ? 521 ALA A O     1 
ATOM   662  C CB    . ALA A 1 82  ? -6.352  -6.173  -15.786 1.00 56.74  ? 521 ALA A CB    1 
ATOM   663  N N     . ASP A 1 83  ? -8.866  -6.258  -17.527 1.00 49.09  ? 522 ASP A N     1 
ATOM   664  C CA    . ASP A 1 83  ? -10.228 -5.737  -17.676 1.00 52.41  ? 522 ASP A CA    1 
ATOM   665  C C     . ASP A 1 83  ? -10.458 -4.478  -16.791 1.00 57.42  ? 522 ASP A C     1 
ATOM   666  O O     . ASP A 1 83  ? -10.293 -4.531  -15.559 1.00 52.66  ? 522 ASP A O     1 
ATOM   667  C CB    . ASP A 1 83  ? -11.224 -6.845  -17.317 1.00 55.72  ? 522 ASP A CB    1 
ATOM   668  C CG    . ASP A 1 83  ? -12.663 -6.374  -17.265 1.00 64.01  ? 522 ASP A CG    1 
ATOM   669  O OD1   . ASP A 1 83  ? -13.013 -5.326  -17.848 1.00 71.54  ? 522 ASP A OD1   1 
ATOM   670  O OD2   . ASP A 1 83  ? -13.463 -7.081  -16.632 1.00 71.21  ? 522 ASP A OD2   1 
ATOM   671  N N     . PRO A 1 84  ? -10.849 -3.337  -17.412 1.00 61.67  ? 523 PRO A N     1 
ATOM   672  C CA    . PRO A 1 84  ? -11.057 -2.129  -16.612 1.00 59.17  ? 523 PRO A CA    1 
ATOM   673  C C     . PRO A 1 84  ? -12.002 -2.257  -15.414 1.00 56.11  ? 523 PRO A C     1 
ATOM   674  O O     . PRO A 1 84  ? -11.876 -1.490  -14.463 1.00 55.01  ? 523 PRO A O     1 
ATOM   675  C CB    . PRO A 1 84  ? -11.597 -1.126  -17.646 1.00 64.53  ? 523 PRO A CB    1 
ATOM   676  C CG    . PRO A 1 84  ? -10.823 -1.488  -18.882 1.00 70.57  ? 523 PRO A CG    1 
ATOM   677  C CD    . PRO A 1 84  ? -10.855 -3.014  -18.856 1.00 68.40  ? 523 PRO A CD    1 
ATOM   678  N N     . ASN A 1 85  ? -12.928 -3.210  -15.431 1.00 54.25  ? 524 ASN A N     1 
ATOM   679  C CA    . ASN A 1 85  ? -13.820 -3.378  -14.304 1.00 53.74  ? 524 ASN A CA    1 
ATOM   680  C C     . ASN A 1 85  ? -13.156 -4.053  -13.108 1.00 52.06  ? 524 ASN A C     1 
ATOM   681  O O     . ASN A 1 85  ? -13.507 -3.786  -11.956 1.00 49.56  ? 524 ASN A O     1 
ATOM   682  C CB    . ASN A 1 85  ? -15.073 -4.151  -14.715 1.00 66.19  ? 524 ASN A CB    1 
ATOM   683  C CG    . ASN A 1 85  ? -15.989 -3.334  -15.611 1.00 68.63  ? 524 ASN A CG    1 
ATOM   684  O OD1   . ASN A 1 85  ? -16.343 -2.199  -15.286 1.00 75.62  ? 524 ASN A OD1   1 
ATOM   685  N ND2   . ASN A 1 85  ? -16.372 -3.907  -16.741 1.00 67.24  ? 524 ASN A ND2   1 
ATOM   686  N N     . PHE A 1 86  ? -12.219 -4.941  -13.383 1.00 48.08  ? 525 PHE A N     1 
ATOM   687  C CA    . PHE A 1 86  ? -11.417 -5.509  -12.338 1.00 49.72  ? 525 PHE A CA    1 
ATOM   688  C C     . PHE A 1 86  ? -10.558 -4.396  -11.725 1.00 49.55  ? 525 PHE A C     1 
ATOM   689  O O     . PHE A 1 86  ? -10.526 -4.254  -10.507 1.00 45.01  ? 525 PHE A O     1 
ATOM   690  C CB    . PHE A 1 86  ? -10.548 -6.641  -12.876 1.00 51.01  ? 525 PHE A CB    1 
ATOM   691  C CG    . PHE A 1 86  ? -9.327  -6.925  -12.025 1.00 52.01  ? 525 PHE A CG    1 
ATOM   692  C CD1   . PHE A 1 86  ? -9.429  -7.666  -10.867 1.00 48.84  ? 525 PHE A CD1   1 
ATOM   693  C CD2   . PHE A 1 86  ? -8.084  -6.424  -12.391 1.00 53.73  ? 525 PHE A CD2   1 
ATOM   694  C CE1   . PHE A 1 86  ? -8.308  -7.913  -10.088 1.00 53.37  ? 525 PHE A CE1   1 
ATOM   695  C CE2   . PHE A 1 86  ? -6.970  -6.660  -11.623 1.00 52.31  ? 525 PHE A CE2   1 
ATOM   696  C CZ    . PHE A 1 86  ? -7.079  -7.417  -10.469 1.00 50.75  ? 525 PHE A CZ    1 
ATOM   697  N N     . VAL A 1 87  ? -9.911  -3.586  -12.585 1.00 50.17  ? 526 VAL A N     1 
ATOM   698  C CA    . VAL A 1 87  ? -9.102  -2.462  -12.130 1.00 46.22  ? 526 VAL A CA    1 
ATOM   699  C C     . VAL A 1 87  ? -9.921  -1.578  -11.191 1.00 48.38  ? 526 VAL A C     1 
ATOM   700  O O     . VAL A 1 87  ? -9.527  -1.318  -10.034 1.00 45.47  ? 526 VAL A O     1 
ATOM   701  C CB    . VAL A 1 87  ? -8.522  -1.617  -13.309 1.00 48.10  ? 526 VAL A CB    1 
ATOM   702  C CG1   . VAL A 1 87  ? -7.745  -0.403  -12.797 1.00 43.33  ? 526 VAL A CG1   1 
ATOM   703  C CG2   . VAL A 1 87  ? -7.595  -2.459  -14.158 1.00 48.51  ? 526 VAL A CG2   1 
ATOM   704  N N     . THR A 1 88  ? -11.069 -1.123  -11.674 1.00 44.92  ? 527 THR A N     1 
ATOM   705  C CA    . THR A 1 88  ? -11.912 -0.245  -10.891 1.00 44.19  ? 527 THR A CA    1 
ATOM   706  C C     . THR A 1 88  ? -12.288 -0.854  -9.562  1.00 43.31  ? 527 THR A C     1 
ATOM   707  O O     . THR A 1 88  ? -12.264 -0.179  -8.545  1.00 43.29  ? 527 THR A O     1 
ATOM   708  C CB    . THR A 1 88  ? -13.179 0.108   -11.650 1.00 40.04  ? 527 THR A CB    1 
ATOM   709  O OG1   . THR A 1 88  ? -12.787 0.886   -12.783 1.00 44.47  ? 527 THR A OG1   1 
ATOM   710  C CG2   . THR A 1 88  ? -14.124 0.857   -10.810 1.00 41.57  ? 527 THR A CG2   1 
ATOM   711  N N     . ALA A 1 89  ? -12.672 -2.112  -9.582  1.00 45.74  ? 528 ALA A N     1 
ATOM   712  C CA    . ALA A 1 89  ? -13.008 -2.812  -8.356  1.00 48.07  ? 528 ALA A CA    1 
ATOM   713  C C     . ALA A 1 89  ? -11.802 -2.854  -7.369  1.00 49.19  ? 528 ALA A C     1 
ATOM   714  O O     . ALA A 1 89  ? -11.990 -2.689  -6.184  1.00 53.65  ? 528 ALA A O     1 
ATOM   715  C CB    . ALA A 1 89  ? -13.516 -4.217  -8.691  1.00 50.34  ? 528 ALA A CB    1 
ATOM   716  N N     . MET A 1 90  ? -10.569 -3.019  -7.858  1.00 47.31  ? 529 MET A N     1 
ATOM   717  C CA    . MET A 1 90  ? -9.381  -2.962  -6.971  1.00 41.34  ? 529 MET A CA    1 
ATOM   718  C C     . MET A 1 90  ? -9.181  -1.544  -6.455  1.00 45.11  ? 529 MET A C     1 
ATOM   719  O O     . MET A 1 90  ? -9.090  -1.316  -5.245  1.00 43.54  ? 529 MET A O     1 
ATOM   720  C CB    . MET A 1 90  ? -8.132  -3.391  -7.701  1.00 42.28  ? 529 MET A CB    1 
ATOM   721  C CG    . MET A 1 90  ? -8.125  -4.844  -8.129  1.00 49.80  ? 529 MET A CG    1 
ATOM   722  S SD    . MET A 1 90  ? -7.841  -5.986  -6.744  1.00 56.93  ? 529 MET A SD    1 
ATOM   723  C CE    . MET A 1 90  ? -6.055  -5.894  -6.680  1.00 51.33  ? 529 MET A CE    1 
ATOM   724  N N     . LEU A 1 91  ? -9.169  -0.596  -7.387  1.00 40.19  ? 530 LEU A N     1 
ATOM   725  C CA    . LEU A 1 91  ? -8.895  0.786   -7.089  1.00 43.13  ? 530 LEU A CA    1 
ATOM   726  C C     . LEU A 1 91  ? -9.795  1.294   -6.014  1.00 43.63  ? 530 LEU A C     1 
ATOM   727  O O     . LEU A 1 91  ? -9.333  2.002   -5.134  1.00 41.83  ? 530 LEU A O     1 
ATOM   728  C CB    . LEU A 1 91  ? -9.053  1.702   -8.318  1.00 40.06  ? 530 LEU A CB    1 
ATOM   729  C CG    . LEU A 1 91  ? -8.064  1.513   -9.476  1.00 43.00  ? 530 LEU A CG    1 
ATOM   730  C CD1   . LEU A 1 91  ? -8.297  2.559   -10.585 1.00 42.37  ? 530 LEU A CD1   1 
ATOM   731  C CD2   . LEU A 1 91  ? -6.618  1.533   -9.018  1.00 40.97  ? 530 LEU A CD2   1 
ATOM   732  N N     . THR A 1 92  ? -11.084 0.952   -6.067  1.00 46.09  ? 531 THR A N     1 
ATOM   733  C CA    . THR A 1 92  ? -12.026 1.533   -5.103  1.00 46.06  ? 531 THR A CA    1 
ATOM   734  C C     . THR A 1 92  ? -11.776 1.019   -3.674  1.00 46.70  ? 531 THR A C     1 
ATOM   735  O O     . THR A 1 92  ? -12.286 1.606   -2.730  1.00 50.08  ? 531 THR A O     1 
ATOM   736  C CB    . THR A 1 92  ? -13.528 1.281   -5.454  1.00 49.56  ? 531 THR A CB    1 
ATOM   737  O OG1   . THR A 1 92  ? -13.786 -0.109  -5.483  1.00 55.85  ? 531 THR A OG1   1 
ATOM   738  C CG2   . THR A 1 92  ? -13.932 1.838   -6.794  1.00 51.32  ? 531 THR A CG2   1 
ATOM   739  N N     . LYS A 1 93  ? -11.019 -0.079  -3.532  1.00 51.02  ? 532 LYS A N     1 
ATOM   740  C CA    . LYS A 1 93  ? -10.656 -0.632  -2.215  1.00 48.27  ? 532 LYS A CA    1 
ATOM   741  C C     . LYS A 1 93  ? -9.251  -0.287  -1.700  1.00 46.12  ? 532 LYS A C     1 
ATOM   742  O O     . LYS A 1 93  ? -8.904  -0.658  -0.582  1.00 46.93  ? 532 LYS A O     1 
ATOM   743  C CB    . LYS A 1 93  ? -10.888 -2.152  -2.206  1.00 49.05  ? 532 LYS A CB    1 
ATOM   744  C CG    . LYS A 1 93  ? -12.395 -2.482  -2.232  1.00 52.99  ? 532 LYS A CG    1 
ATOM   745  C CD    . LYS A 1 93  ? -12.682 -3.799  -2.939  1.00 61.18  ? 532 LYS A CD    1 
ATOM   746  C CE    . LYS A 1 93  ? -14.152 -3.949  -3.359  1.00 63.92  ? 532 LYS A CE    1 
ATOM   747  N NZ    . LYS A 1 93  ? -14.398 -3.285  -4.676  1.00 57.33  ? 532 LYS A NZ    1 
ATOM   748  N N     . LEU A 1 94  ? -8.472  0.469   -2.466  1.00 41.92  ? 533 LEU A N     1 
ATOM   749  C CA    . LEU A 1 94  ? -7.108  0.802   -2.056  1.00 42.67  ? 533 LEU A CA    1 
ATOM   750  C C     . LEU A 1 94  ? -7.044  1.917   -1.025  1.00 43.18  ? 533 LEU A C     1 
ATOM   751  O O     . LEU A 1 94  ? -7.811  2.859   -1.079  1.00 45.71  ? 533 LEU A O     1 
ATOM   752  C CB    . LEU A 1 94  ? -6.292  1.222   -3.266  1.00 43.19  ? 533 LEU A CB    1 
ATOM   753  C CG    . LEU A 1 94  ? -6.027  0.141   -4.307  1.00 45.07  ? 533 LEU A CG    1 
ATOM   754  C CD1   . LEU A 1 94  ? -5.201  0.784   -5.428  1.00 46.20  ? 533 LEU A CD1   1 
ATOM   755  C CD2   . LEU A 1 94  ? -5.326  -1.048  -3.695  1.00 47.06  ? 533 LEU A CD2   1 
ATOM   756  N N     . LYS A 1 95  ? -6.093  1.824   -0.101  1.00 43.12  ? 534 LYS A N     1 
ATOM   757  C CA    . LYS A 1 95  ? -5.916  2.841   0.901   1.00 45.12  ? 534 LYS A CA    1 
ATOM   758  C C     . LYS A 1 95  ? -4.492  3.371   0.790   1.00 44.78  ? 534 LYS A C     1 
ATOM   759  O O     . LYS A 1 95  ? -3.512  2.623   0.773   1.00 41.52  ? 534 LYS A O     1 
ATOM   760  C CB    . LYS A 1 95  ? -6.159  2.203   2.259   1.00 55.70  ? 534 LYS A CB    1 
ATOM   761  C CG    . LYS A 1 95  ? -5.841  3.060   3.465   1.00 66.76  ? 534 LYS A CG    1 
ATOM   762  C CD    . LYS A 1 95  ? -5.807  2.166   4.710   1.00 75.42  ? 534 LYS A CD    1 
ATOM   763  C CE    . LYS A 1 95  ? -6.012  2.946   6.000   1.00 77.37  ? 534 LYS A CE    1 
ATOM   764  N NZ    . LYS A 1 95  ? -5.092  4.103   6.115   1.00 76.52  ? 534 LYS A NZ    1 
ATOM   765  N N     . PHE A 1 96  ? -4.392  4.677   0.734   1.00 45.33  ? 535 PHE A N     1 
ATOM   766  C CA    . PHE A 1 96  ? -3.137  5.346   0.544   1.00 44.47  ? 535 PHE A CA    1 
ATOM   767  C C     . PHE A 1 96  ? -2.348  5.336   1.836   1.00 41.59  ? 535 PHE A C     1 
ATOM   768  O O     . PHE A 1 96  ? -2.890  5.646   2.853   1.00 41.21  ? 535 PHE A O     1 
ATOM   769  C CB    . PHE A 1 96  ? -3.394  6.781   0.105   1.00 45.23  ? 535 PHE A CB    1 
ATOM   770  C CG    . PHE A 1 96  ? -2.144  7.544   -0.177  1.00 45.40  ? 535 PHE A CG    1 
ATOM   771  C CD1   . PHE A 1 96  ? -1.247  7.085   -1.125  1.00 47.98  ? 535 PHE A CD1   1 
ATOM   772  C CD2   . PHE A 1 96  ? -1.846  8.683   0.526   1.00 46.80  ? 535 PHE A CD2   1 
ATOM   773  C CE1   . PHE A 1 96  ? -0.077  7.774   -1.391  1.00 50.24  ? 535 PHE A CE1   1 
ATOM   774  C CE2   . PHE A 1 96  ? -0.672  9.389   0.267   1.00 49.76  ? 535 PHE A CE2   1 
ATOM   775  C CZ    . PHE A 1 96  ? 0.207   8.922   -0.689  1.00 47.24  ? 535 PHE A CZ    1 
ATOM   776  N N     . GLU A 1 97  ? -1.077  4.969   1.771   1.00 40.34  ? 536 GLU A N     1 
ATOM   777  C CA    . GLU A 1 97  ? -0.192  4.931   2.941   1.00 46.84  ? 536 GLU A CA    1 
ATOM   778  C C     . GLU A 1 97  ? 1.178   5.495   2.586   1.00 43.10  ? 536 GLU A C     1 
ATOM   779  O O     . GLU A 1 97  ? 1.677   5.321   1.467   1.00 42.76  ? 536 GLU A O     1 
ATOM   780  C CB    . GLU A 1 97  ? -0.037  3.502   3.458   1.00 47.12  ? 536 GLU A CB    1 
ATOM   781  C CG    . GLU A 1 97  ? -1.289  2.993   4.144   1.00 50.52  ? 536 GLU A CG    1 
ATOM   782  C CD    . GLU A 1 97  ? -1.170  1.569   4.664   1.00 57.77  ? 536 GLU A CD    1 
ATOM   783  O OE1   . GLU A 1 97  ? -0.135  1.244   5.282   1.00 65.47  ? 536 GLU A OE1   1 
ATOM   784  O OE2   . GLU A 1 97  ? -2.132  0.783   4.470   1.00 60.28  ? 536 GLU A OE2   1 
ATOM   785  N N     . VAL A 1 98  ? 1.776   6.198   3.535   1.00 40.43  ? 537 VAL A N     1 
ATOM   786  C CA    . VAL A 1 98  ? 3.146   6.695   3.372   1.00 41.78  ? 537 VAL A CA    1 
ATOM   787  C C     . VAL A 1 98  ? 4.047   6.064   4.417   1.00 41.44  ? 537 VAL A C     1 
ATOM   788  O O     . VAL A 1 98  ? 3.683   6.013   5.595   1.00 43.53  ? 537 VAL A O     1 
ATOM   789  C CB    . VAL A 1 98  ? 3.165   8.240   3.504   1.00 44.86  ? 537 VAL A CB    1 
ATOM   790  C CG1   . VAL A 1 98  ? 4.585   8.773   3.618   1.00 49.13  ? 537 VAL A CG1   1 
ATOM   791  C CG2   . VAL A 1 98  ? 2.439   8.870   2.327   1.00 44.48  ? 537 VAL A CG2   1 
ATOM   792  N N     . PHE A 1 99  ? 5.212   5.570   3.999   1.00 41.35  ? 538 PHE A N     1 
ATOM   793  C CA    . PHE A 1 99  ? 6.214   5.055   4.917   1.00 41.88  ? 538 PHE A CA    1 
ATOM   794  C C     . PHE A 1 99  ? 7.524   5.802   4.750   1.00 43.60  ? 538 PHE A C     1 
ATOM   795  O O     . PHE A 1 99  ? 7.836   6.260   3.675   1.00 51.16  ? 538 PHE A O     1 
ATOM   796  C CB    . PHE A 1 99  ? 6.476   3.560   4.717   1.00 43.65  ? 538 PHE A CB    1 
ATOM   797  C CG    . PHE A 1 99  ? 5.309   2.700   5.036   1.00 41.56  ? 538 PHE A CG    1 
ATOM   798  C CD1   . PHE A 1 99  ? 4.302   2.515   4.105   1.00 44.52  ? 538 PHE A CD1   1 
ATOM   799  C CD2   . PHE A 1 99  ? 5.203   2.081   6.265   1.00 44.05  ? 538 PHE A CD2   1 
ATOM   800  C CE1   . PHE A 1 99  ? 3.217   1.714   4.380   1.00 42.33  ? 538 PHE A CE1   1 
ATOM   801  C CE2   . PHE A 1 99  ? 4.111   1.291   6.567   1.00 45.70  ? 538 PHE A CE2   1 
ATOM   802  C CZ    . PHE A 1 99  ? 3.122   1.094   5.615   1.00 49.69  ? 538 PHE A CZ    1 
ATOM   803  N N     . GLN A 1 100 ? 8.300   5.865   5.836   1.00 47.17  ? 539 GLN A N     1 
ATOM   804  C CA    . GLN A 1 100 ? 9.582   6.568   5.904   1.00 45.09  ? 539 GLN A CA    1 
ATOM   805  C C     . GLN A 1 100 ? 10.784  5.630   5.849   1.00 46.54  ? 539 GLN A C     1 
ATOM   806  O O     . GLN A 1 100 ? 10.674  4.450   6.244   1.00 46.84  ? 539 GLN A O     1 
ATOM   807  C CB    . GLN A 1 100 ? 9.632   7.345   7.204   1.00 47.62  ? 539 GLN A CB    1 
ATOM   808  C CG    . GLN A 1 100 ? 8.601   8.454   7.224   1.00 50.39  ? 539 GLN A CG    1 
ATOM   809  C CD    . GLN A 1 100 ? 8.472   9.074   8.573   1.00 48.47  ? 539 GLN A CD    1 
ATOM   810  O OE1   . GLN A 1 100 ? 8.072   8.415   9.494   1.00 51.76  ? 539 GLN A OE1   1 
ATOM   811  N NE2   . GLN A 1 100 ? 8.831   10.353  8.700   1.00 52.22  ? 539 GLN A NE2   1 
ATOM   812  N N     . PRO A 1 101 ? 11.944  6.138   5.378   1.00 48.55  ? 540 PRO A N     1 
ATOM   813  C CA    . PRO A 1 101 ? 13.142  5.286   5.246   1.00 50.78  ? 540 PRO A CA    1 
ATOM   814  C C     . PRO A 1 101 ? 13.466  4.470   6.497   1.00 50.06  ? 540 PRO A C     1 
ATOM   815  O O     . PRO A 1 101 ? 13.391  4.973   7.604   1.00 51.20  ? 540 PRO A O     1 
ATOM   816  C CB    . PRO A 1 101 ? 14.246  6.294   4.927   1.00 57.31  ? 540 PRO A CB    1 
ATOM   817  C CG    . PRO A 1 101 ? 13.544  7.411   4.196   1.00 54.57  ? 540 PRO A CG    1 
ATOM   818  C CD    . PRO A 1 101 ? 12.136  7.457   4.730   1.00 54.84  ? 540 PRO A CD    1 
ATOM   819  N N     . GLY A 1 102 ? 13.768  3.194   6.327   1.00 48.29  ? 541 GLY A N     1 
ATOM   820  C CA    . GLY A 1 102 ? 14.061  2.321   7.478   1.00 50.16  ? 541 GLY A CA    1 
ATOM   821  C C     . GLY A 1 102 ? 12.851  1.603   8.029   1.00 56.23  ? 541 GLY A C     1 
ATOM   822  O O     . GLY A 1 102 ? 13.003  0.586   8.685   1.00 63.23  ? 541 GLY A O     1 
ATOM   823  N N     . ASP A 1 103 ? 11.641  2.111   7.760   1.00 55.02  ? 542 ASP A N     1 
ATOM   824  C CA    . ASP A 1 103 ? 10.428  1.460   8.254   1.00 53.67  ? 542 ASP A CA    1 
ATOM   825  C C     . ASP A 1 103 ? 10.327  0.057   7.684   1.00 49.05  ? 542 ASP A C     1 
ATOM   826  O O     . ASP A 1 103 ? 10.499  -0.178  6.472   1.00 49.30  ? 542 ASP A O     1 
ATOM   827  C CB    . ASP A 1 103 ? 9.148   2.196   7.818   1.00 60.23  ? 542 ASP A CB    1 
ATOM   828  C CG    . ASP A 1 103 ? 8.897   3.513   8.566   1.00 65.30  ? 542 ASP A CG    1 
ATOM   829  O OD1   . ASP A 1 103 ? 9.603   3.844   9.552   1.00 65.72  ? 542 ASP A OD1   1 
ATOM   830  O OD2   . ASP A 1 103 ? 7.947   4.225   8.135   1.00 57.05  ? 542 ASP A OD2   1 
ATOM   831  N N     . TYR A 1 104 ? 10.023  -0.863  8.573   1.00 49.86  ? 543 TYR A N     1 
ATOM   832  C CA    . TYR A 1 104 ? 9.661   -2.216  8.225   1.00 53.84  ? 543 TYR A CA    1 
ATOM   833  C C     . TYR A 1 104 ? 8.162   -2.235  7.935   1.00 51.57  ? 543 TYR A C     1 
ATOM   834  O O     . TYR A 1 104 ? 7.336   -2.162  8.830   1.00 52.63  ? 543 TYR A O     1 
ATOM   835  C CB    . TYR A 1 104 ? 10.064  -3.205  9.337   1.00 60.52  ? 543 TYR A CB    1 
ATOM   836  C CG    . TYR A 1 104 ? 11.530  -3.601  9.231   1.00 64.70  ? 543 TYR A CG    1 
ATOM   837  C CD1   . TYR A 1 104 ? 11.916  -4.732  8.515   1.00 69.41  ? 543 TYR A CD1   1 
ATOM   838  C CD2   . TYR A 1 104 ? 12.539  -2.818  9.809   1.00 72.89  ? 543 TYR A CD2   1 
ATOM   839  C CE1   . TYR A 1 104 ? 13.258  -5.091  8.395   1.00 67.82  ? 543 TYR A CE1   1 
ATOM   840  C CE2   . TYR A 1 104 ? 13.886  -3.168  9.683   1.00 72.04  ? 543 TYR A CE2   1 
ATOM   841  C CZ    . TYR A 1 104 ? 14.230  -4.305  8.972   1.00 72.36  ? 543 TYR A CZ    1 
ATOM   842  O OH    . TYR A 1 104 ? 15.545  -4.660  8.825   1.00 78.40  ? 543 TYR A OH    1 
ATOM   843  N N     . ILE A 1 105 ? 7.844   -2.314  6.647   1.00 51.46  ? 544 ILE A N     1 
ATOM   844  C CA    . ILE A 1 105 ? 6.470   -2.377  6.171   1.00 45.96  ? 544 ILE A CA    1 
ATOM   845  C C     . ILE A 1 105 ? 5.922   -3.773  6.497   1.00 47.49  ? 544 ILE A C     1 
ATOM   846  O O     . ILE A 1 105 ? 4.823   -3.892  7.019   1.00 47.54  ? 544 ILE A O     1 
ATOM   847  C CB    . ILE A 1 105 ? 6.433   -2.056  4.650   1.00 46.88  ? 544 ILE A CB    1 
ATOM   848  C CG1   . ILE A 1 105 ? 7.006   -0.630  4.429   1.00 43.39  ? 544 ILE A CG1   1 
ATOM   849  C CG2   . ILE A 1 105 ? 5.014   -2.213  4.085   1.00 44.19  ? 544 ILE A CG2   1 
ATOM   850  C CD1   . ILE A 1 105 ? 7.308   -0.235  3.011   1.00 45.46  ? 544 ILE A CD1   1 
ATOM   851  N N     . ILE A 1 106 ? 6.695   -4.809  6.144   1.00 49.54  ? 545 ILE A N     1 
ATOM   852  C CA    . ILE A 1 106 ? 6.404   -6.236  6.442   1.00 49.09  ? 545 ILE A CA    1 
ATOM   853  C C     . ILE A 1 106 ? 7.616   -6.917  7.131   1.00 49.79  ? 545 ILE A C     1 
ATOM   854  O O     . ILE A 1 106 ? 8.765   -6.727  6.721   1.00 51.22  ? 545 ILE A O     1 
ATOM   855  C CB    . ILE A 1 106 ? 6.086   -7.042  5.162   1.00 51.21  ? 545 ILE A CB    1 
ATOM   856  C CG1   . ILE A 1 106 ? 4.786   -6.564  4.503   1.00 52.10  ? 545 ILE A CG1   1 
ATOM   857  C CG2   . ILE A 1 106 ? 6.010   -8.546  5.434   1.00 56.97  ? 545 ILE A CG2   1 
ATOM   858  C CD1   . ILE A 1 106 ? 4.640   -7.067  3.088   1.00 52.27  ? 545 ILE A CD1   1 
ATOM   859  N N     . ARG A 1 107 ? 7.319   -7.711  8.157   1.00 53.73  ? 546 ARG A N     1 
ATOM   860  C CA    . ARG A 1 107 ? 8.277   -8.595  8.849   1.00 63.12  ? 546 ARG A CA    1 
ATOM   861  C C     . ARG A 1 107 ? 8.045   -10.057 8.484   1.00 57.45  ? 546 ARG A C     1 
ATOM   862  O O     . ARG A 1 107 ? 6.919   -10.561 8.611   1.00 60.76  ? 546 ARG A O     1 
ATOM   863  C CB    . ARG A 1 107 ? 8.119   -8.492  10.367  1.00 63.31  ? 546 ARG A CB    1 
ATOM   864  C CG    . ARG A 1 107 ? 8.201   -7.086  10.906  1.00 70.19  ? 546 ARG A CG    1 
ATOM   865  C CD    . ARG A 1 107 ? 8.241   -7.099  12.425  1.00 76.19  ? 546 ARG A CD    1 
ATOM   866  N NE    . ARG A 1 107 ? 8.388   -5.760  12.980  1.00 77.52  ? 546 ARG A NE    1 
ATOM   867  C CZ    . ARG A 1 107 ? 9.512   -5.047  12.970  1.00 80.20  ? 546 ARG A CZ    1 
ATOM   868  N NH1   . ARG A 1 107 ? 10.625  -5.524  12.418  1.00 88.08  ? 546 ARG A NH1   1 
ATOM   869  N NH2   . ARG A 1 107 ? 9.522   -3.838  13.515  1.00 75.77  ? 546 ARG A NH2   1 
ATOM   870  N N     . GLU A 1 108 ? 9.111   -10.733 8.055   1.00 58.69  ? 547 GLU A N     1 
ATOM   871  C CA    . GLU A 1 108 ? 9.080   -12.169 7.768   1.00 63.03  ? 547 GLU A CA    1 
ATOM   872  C C     . GLU A 1 108 ? 8.560   -12.923 8.981   1.00 64.44  ? 547 GLU A C     1 
ATOM   873  O O     . GLU A 1 108 ? 8.785   -12.512 10.121  1.00 60.89  ? 547 GLU A O     1 
ATOM   874  C CB    . GLU A 1 108 ? 10.481  -12.684 7.426   1.00 68.02  ? 547 GLU A CB    1 
ATOM   875  C CG    . GLU A 1 108 ? 10.532  -14.156 7.027   1.00 76.02  ? 547 GLU A CG    1 
ATOM   876  C CD    . GLU A 1 108 ? 11.899  -14.600 6.511   1.00 82.14  ? 547 GLU A CD    1 
ATOM   877  O OE1   . GLU A 1 108 ? 12.716  -13.749 6.104   1.00 93.08  ? 547 GLU A OE1   1 
ATOM   878  O OE2   . GLU A 1 108 ? 12.167  -15.818 6.502   1.00 87.29  ? 547 GLU A OE2   1 
ATOM   879  N N     . GLY A 1 109 ? 7.820   -13.991 8.722   1.00 65.44  ? 548 GLY A N     1 
ATOM   880  C CA    . GLY A 1 109 ? 7.353   -14.874 9.784   1.00 69.37  ? 548 GLY A CA    1 
ATOM   881  C C     . GLY A 1 109 ? 5.997   -14.510 10.335  1.00 67.83  ? 548 GLY A C     1 
ATOM   882  O O     . GLY A 1 109 ? 5.311   -15.362 10.880  1.00 72.23  ? 548 GLY A O     1 
ATOM   883  N N     . THR A 1 110 ? 5.605   -13.246 10.200  1.00 65.20  ? 549 THR A N     1 
ATOM   884  C CA    . THR A 1 110 ? 4.330   -12.772 10.741  1.00 56.17  ? 549 THR A CA    1 
ATOM   885  C C     . THR A 1 110 ? 3.204   -13.137 9.816   1.00 50.60  ? 549 THR A C     1 
ATOM   886  O O     . THR A 1 110 ? 3.434   -13.591 8.704   1.00 60.43  ? 549 THR A O     1 
ATOM   887  C CB    . THR A 1 110 ? 4.324   -11.251 10.888  1.00 60.45  ? 549 THR A CB    1 
ATOM   888  O OG1   . THR A 1 110 ? 4.499   -10.660 9.576   1.00 58.71  ? 549 THR A OG1   1 
ATOM   889  C CG2   . THR A 1 110 ? 5.447   -10.819 11.857  1.00 58.74  ? 549 THR A CG2   1 
ATOM   890  N N     . ILE A 1 111 ? 1.981   -12.901 10.255  1.00 59.59  ? 550 ILE A N     1 
ATOM   891  C CA    . ILE A 1 111 ? 0.799   -13.235 9.457   1.00 64.53  ? 550 ILE A CA    1 
ATOM   892  C C     . ILE A 1 111 ? 0.348   -11.992 8.680   1.00 63.33  ? 550 ILE A C     1 
ATOM   893  O O     . ILE A 1 111 ? 0.164   -10.908 9.253   1.00 64.32  ? 550 ILE A O     1 
ATOM   894  C CB    . ILE A 1 111 ? -0.356  -13.813 10.333  1.00 72.38  ? 550 ILE A CB    1 
ATOM   895  C CG1   . ILE A 1 111 ? -1.718  -13.684 9.642   1.00 77.93  ? 550 ILE A CG1   1 
ATOM   896  C CG2   . ILE A 1 111 ? -0.431  -13.106 11.669  1.00 74.71  ? 550 ILE A CG2   1 
ATOM   897  C CD1   . ILE A 1 111 ? -2.852  -14.395 10.360  1.00 86.76  ? 550 ILE A CD1   1 
ATOM   898  N N     . GLY A 1 112 ? 0.124   -12.171 7.385   1.00 65.71  ? 551 GLY A N     1 
ATOM   899  C CA    . GLY A 1 112 ? -0.162  -11.053 6.492   1.00 65.35  ? 551 GLY A CA    1 
ATOM   900  C C     . GLY A 1 112 ? -1.633  -10.713 6.341   1.00 62.87  ? 551 GLY A C     1 
ATOM   901  O O     . GLY A 1 112 ? -2.436  -11.574 5.975   1.00 60.57  ? 551 GLY A O     1 
ATOM   902  N N     . LYS A 1 113 ? -1.969  -9.440  6.574   1.00 54.08  ? 552 LYS A N     1 
ATOM   903  C CA    . LYS A 1 113 ? -3.328  -8.942  6.440   1.00 57.06  ? 552 LYS A CA    1 
ATOM   904  C C     . LYS A 1 113 ? -3.530  -8.020  5.213   1.00 56.02  ? 552 LYS A C     1 
ATOM   905  O O     . LYS A 1 113 ? -4.641  -7.575  4.960   1.00 48.31  ? 552 LYS A O     1 
ATOM   906  C CB    . LYS A 1 113 ? -3.702  -8.147  7.696   1.00 58.79  ? 552 LYS A CB    1 
ATOM   907  C CG    . LYS A 1 113 ? -3.486  -8.881  9.003   1.00 70.99  ? 552 LYS A CG    1 
ATOM   908  C CD    . LYS A 1 113 ? -4.788  -9.476  9.501   1.00 74.11  ? 552 LYS A CD    1 
ATOM   909  C CE    . LYS A 1 113 ? -4.569  -10.321 10.742  1.00 85.15  ? 552 LYS A CE    1 
ATOM   910  N NZ    . LYS A 1 113 ? -5.505  -11.480 10.712  1.00 92.09  ? 552 LYS A NZ    1 
ATOM   911  N N     . LYS A 1 114 ? -2.472  -7.716  4.463   1.00 56.32  ? 553 LYS A N     1 
ATOM   912  C CA    . LYS A 1 114 ? -2.609  -6.778  3.340   1.00 50.77  ? 553 LYS A CA    1 
ATOM   913  C C     . LYS A 1 114 ? -1.426  -6.857  2.398   1.00 48.96  ? 553 LYS A C     1 
ATOM   914  O O     . LYS A 1 114 ? -0.348  -7.331  2.745   1.00 50.96  ? 553 LYS A O     1 
ATOM   915  C CB    . LYS A 1 114 ? -2.774  -5.342  3.839   1.00 53.12  ? 553 LYS A CB    1 
ATOM   916  C CG    . LYS A 1 114 ? -1.878  -5.020  5.013   1.00 57.95  ? 553 LYS A CG    1 
ATOM   917  C CD    . LYS A 1 114 ? -1.910  -3.560  5.368   1.00 64.41  ? 553 LYS A CD    1 
ATOM   918  C CE    . LYS A 1 114 ? -3.318  -3.075  5.627   1.00 68.46  ? 553 LYS A CE    1 
ATOM   919  N NZ    . LYS A 1 114 ? -3.223  -1.726  6.236   1.00 75.13  ? 553 LYS A NZ    1 
ATOM   920  N N     . MET A 1 115 ? -1.660  -6.435  1.172   1.00 45.79  ? 554 MET A N     1 
ATOM   921  C CA    . MET A 1 115 ? -0.597  -6.281  0.217   1.00 44.74  ? 554 MET A CA    1 
ATOM   922  C C     . MET A 1 115 ? -0.525  -4.807  -0.179  1.00 45.17  ? 554 MET A C     1 
ATOM   923  O O     . MET A 1 115 ? -1.423  -4.015  0.190   1.00 41.45  ? 554 MET A O     1 
ATOM   924  C CB    . MET A 1 115 ? -0.839  -7.184  -0.979  1.00 46.26  ? 554 MET A CB    1 
ATOM   925  C CG    . MET A 1 115 ? -2.024  -6.793  -1.838  1.00 48.07  ? 554 MET A CG    1 
ATOM   926  S SD    . MET A 1 115 ? -1.931  -7.596  -3.436  1.00 48.76  ? 554 MET A SD    1 
ATOM   927  C CE    . MET A 1 115 ? -0.563  -6.721  -4.208  1.00 49.98  ? 554 MET A CE    1 
ATOM   928  N N     . TYR A 1 116 ? 0.520   -4.460  -0.943  1.00 43.59  ? 555 TYR A N     1 
ATOM   929  C CA    . TYR A 1 116 ? 0.891   -3.056  -1.193  1.00 39.97  ? 555 TYR A CA    1 
ATOM   930  C C     . TYR A 1 116 ? 1.307   -2.852  -2.620  1.00 38.56  ? 555 TYR A C     1 
ATOM   931  O O     . TYR A 1 116 ? 2.056   -3.654  -3.125  1.00 37.85  ? 555 TYR A O     1 
ATOM   932  C CB    . TYR A 1 116 ? 2.113   -2.701  -0.357  1.00 40.63  ? 555 TYR A CB    1 
ATOM   933  C CG    . TYR A 1 116 ? 1.839   -2.756  1.111   1.00 44.10  ? 555 TYR A CG    1 
ATOM   934  C CD1   . TYR A 1 116 ? 1.992   -3.955  1.823   1.00 42.36  ? 555 TYR A CD1   1 
ATOM   935  C CD2   . TYR A 1 116 ? 1.415   -1.641  1.793   1.00 41.77  ? 555 TYR A CD2   1 
ATOM   936  C CE1   . TYR A 1 116 ? 1.708   -4.002  3.174   1.00 45.39  ? 555 TYR A CE1   1 
ATOM   937  C CE2   . TYR A 1 116 ? 1.161   -1.690  3.141   1.00 39.47  ? 555 TYR A CE2   1 
ATOM   938  C CZ    . TYR A 1 116 ? 1.312   -2.878  3.808   1.00 41.99  ? 555 TYR A CZ    1 
ATOM   939  O OH    . TYR A 1 116 ? 1.074   -2.956  5.129   1.00 45.03  ? 555 TYR A OH    1 
ATOM   940  N N     . PHE A 1 117 ? 0.869   -1.742  -3.218  1.00 36.61  ? 556 PHE A N     1 
ATOM   941  C CA    . PHE A 1 117 ? 1.207   -1.353  -4.587  1.00 38.35  ? 556 PHE A CA    1 
ATOM   942  C C     . PHE A 1 117 ? 2.011   -0.094  -4.431  1.00 36.92  ? 556 PHE A C     1 
ATOM   943  O O     . PHE A 1 117 ? 1.613   0.798   -3.710  1.00 37.83  ? 556 PHE A O     1 
ATOM   944  C CB    . PHE A 1 117 ? -0.053  -1.074  -5.428  1.00 39.48  ? 556 PHE A CB    1 
ATOM   945  C CG    . PHE A 1 117 ? -0.909  -2.269  -5.611  1.00 43.56  ? 556 PHE A CG    1 
ATOM   946  C CD1   . PHE A 1 117 ? -0.700  -3.130  -6.689  1.00 44.68  ? 556 PHE A CD1   1 
ATOM   947  C CD2   . PHE A 1 117 ? -1.907  -2.563  -4.705  1.00 45.45  ? 556 PHE A CD2   1 
ATOM   948  C CE1   . PHE A 1 117 ? -1.496  -4.257  -6.855  1.00 48.60  ? 556 PHE A CE1   1 
ATOM   949  C CE2   . PHE A 1 117 ? -2.700  -3.696  -4.861  1.00 50.82  ? 556 PHE A CE2   1 
ATOM   950  C CZ    . PHE A 1 117 ? -2.500  -4.543  -5.930  1.00 47.72  ? 556 PHE A CZ    1 
ATOM   951  N N     . ILE A 1 118 ? 3.168   -0.059  -5.081  1.00 39.39  ? 557 ILE A N     1 
ATOM   952  C CA    . ILE A 1 118 ? 4.100   1.032   -4.926  1.00 41.74  ? 557 ILE A CA    1 
ATOM   953  C C     . ILE A 1 118 ? 3.741   2.061   -5.980  1.00 42.50  ? 557 ILE A C     1 
ATOM   954  O O     . ILE A 1 118 ? 3.843   1.822   -7.182  1.00 43.36  ? 557 ILE A O     1 
ATOM   955  C CB    . ILE A 1 118 ? 5.550   0.583   -5.138  1.00 41.66  ? 557 ILE A CB    1 
ATOM   956  C CG1   . ILE A 1 118 ? 5.908   -0.575  -4.205  1.00 41.48  ? 557 ILE A CG1   1 
ATOM   957  C CG2   . ILE A 1 118 ? 6.489   1.770   -4.992  1.00 47.08  ? 557 ILE A CG2   1 
ATOM   958  C CD1   . ILE A 1 118 ? 7.186   -1.283  -4.595  1.00 46.03  ? 557 ILE A CD1   1 
ATOM   959  N N     . GLN A 1 119 ? 3.265   3.201   -5.533  1.00 43.89  ? 558 GLN A N     1 
ATOM   960  C CA    . GLN A 1 119 ? 3.082   4.285   -6.461  1.00 46.74  ? 558 GLN A CA    1 
ATOM   961  C C     . GLN A 1 119 ? 4.434   4.974   -6.700  1.00 49.22  ? 558 GLN A C     1 
ATOM   962  O O     . GLN A 1 119 ? 4.838   5.162   -7.833  1.00 49.02  ? 558 GLN A O     1 
ATOM   963  C CB    . GLN A 1 119 ? 2.072   5.261   -5.936  1.00 49.59  ? 558 GLN A CB    1 
ATOM   964  C CG    . GLN A 1 119 ? 1.713   6.298   -7.001  1.00 58.31  ? 558 GLN A CG    1 
ATOM   965  C CD    . GLN A 1 119 ? 1.389   7.615   -6.380  1.00 65.15  ? 558 GLN A CD    1 
ATOM   966  O OE1   . GLN A 1 119 ? 2.186   8.168   -5.598  1.00 74.42  ? 558 GLN A OE1   1 
ATOM   967  N NE2   . GLN A 1 119 ? 0.213   8.134   -6.702  1.00 68.83  ? 558 GLN A NE2   1 
ATOM   968  N N     . HIS A 1 120 ? 5.138   5.322   -5.626  1.00 49.35  ? 559 HIS A N     1 
ATOM   969  C CA    . HIS A 1 120 ? 6.464   5.912   -5.732  1.00 48.06  ? 559 HIS A CA    1 
ATOM   970  C C     . HIS A 1 120 ? 7.308   5.477   -4.557  1.00 49.64  ? 559 HIS A C     1 
ATOM   971  O O     . HIS A 1 120 ? 6.892   5.618   -3.414  1.00 47.20  ? 559 HIS A O     1 
ATOM   972  C CB    . HIS A 1 120 ? 6.355   7.443   -5.774  1.00 55.86  ? 559 HIS A CB    1 
ATOM   973  C CG    . HIS A 1 120 ? 7.658   8.152   -5.985  1.00 62.40  ? 559 HIS A CG    1 
ATOM   974  N ND1   . HIS A 1 120 ? 8.466   7.927   -7.080  1.00 73.01  ? 559 HIS A ND1   1 
ATOM   975  C CD2   . HIS A 1 120 ? 8.266   9.131   -5.269  1.00 65.93  ? 559 HIS A CD2   1 
ATOM   976  C CE1   . HIS A 1 120 ? 9.530   8.708   -7.013  1.00 68.57  ? 559 HIS A CE1   1 
ATOM   977  N NE2   . HIS A 1 120 ? 9.430   9.452   -5.925  1.00 71.79  ? 559 HIS A NE2   1 
ATOM   978  N N     . GLY A 1 121 ? 8.498   4.953   -4.840  1.00 46.74  ? 560 GLY A N     1 
ATOM   979  C CA    . GLY A 1 121 ? 9.487   4.707   -3.813  1.00 50.97  ? 560 GLY A CA    1 
ATOM   980  C C     . GLY A 1 121 ? 10.228  3.427   -4.070  1.00 44.79  ? 560 GLY A C     1 
ATOM   981  O O     . GLY A 1 121 ? 9.893   2.703   -4.977  1.00 50.62  ? 560 GLY A O     1 
ATOM   982  N N     . VAL A 1 122 ? 11.230  3.144   -3.257  1.00 48.70  ? 561 VAL A N     1 
ATOM   983  C CA    . VAL A 1 122 ? 11.973  1.908   -3.374  1.00 45.98  ? 561 VAL A CA    1 
ATOM   984  C C     . VAL A 1 122 ? 11.929  1.185   -2.069  1.00 44.73  ? 561 VAL A C     1 
ATOM   985  O O     . VAL A 1 122 ? 12.072  1.813   -1.031  1.00 47.01  ? 561 VAL A O     1 
ATOM   986  C CB    . VAL A 1 122 ? 13.446  2.195   -3.736  1.00 51.40  ? 561 VAL A CB    1 
ATOM   987  C CG1   . VAL A 1 122 ? 14.250  0.910   -3.849  1.00 52.52  ? 561 VAL A CG1   1 
ATOM   988  C CG2   . VAL A 1 122 ? 13.510  2.951   -5.055  1.00 52.35  ? 561 VAL A CG2   1 
ATOM   989  N N     . VAL A 1 123 ? 11.741  -0.136  -2.132  1.00 43.46  ? 562 VAL A N     1 
ATOM   990  C CA    . VAL A 1 123 ? 11.751  -1.000  -0.960  1.00 45.15  ? 562 VAL A CA    1 
ATOM   991  C C     . VAL A 1 123 ? 12.731  -2.130  -1.182  1.00 50.63  ? 562 VAL A C     1 
ATOM   992  O O     . VAL A 1 123 ? 13.069  -2.468  -2.323  1.00 47.46  ? 562 VAL A O     1 
ATOM   993  C CB    . VAL A 1 123 ? 10.364  -1.628  -0.644  1.00 47.73  ? 562 VAL A CB    1 
ATOM   994  C CG1   . VAL A 1 123 ? 9.284   -0.542  -0.501  1.00 45.25  ? 562 VAL A CG1   1 
ATOM   995  C CG2   . VAL A 1 123 ? 9.957   -2.648  -1.701  1.00 47.76  ? 562 VAL A CG2   1 
ATOM   996  N N     . SER A 1 124 ? 13.179  -2.709  -0.072  1.00 54.17  ? 563 SER A N     1 
ATOM   997  C CA    . SER A 1 124 ? 14.100  -3.832  -0.082  1.00 59.60  ? 563 SER A CA    1 
ATOM   998  C C     . SER A 1 124 ? 13.373  -5.046  0.398   1.00 54.86  ? 563 SER A C     1 
ATOM   999  O O     . SER A 1 124 ? 12.790  -5.015  1.449   1.00 48.23  ? 563 SER A O     1 
ATOM   1000 C CB    . SER A 1 124 ? 15.274  -3.576  0.869   1.00 62.09  ? 563 SER A CB    1 
ATOM   1001 O OG    . SER A 1 124 ? 16.177  -2.651  0.312   1.00 67.55  ? 563 SER A OG    1 
ATOM   1002 N N     . VAL A 1 125 ? 13.417  -6.122  -0.372  1.00 55.56  ? 564 VAL A N     1 
ATOM   1003 C CA    . VAL A 1 125 ? 12.898  -7.383  0.098   1.00 57.31  ? 564 VAL A CA    1 
ATOM   1004 C C     . VAL A 1 125 ? 14.039  -8.174  0.765   1.00 63.13  ? 564 VAL A C     1 
ATOM   1005 O O     . VAL A 1 125 ? 15.033  -8.473  0.106   1.00 61.65  ? 564 VAL A O     1 
ATOM   1006 C CB    . VAL A 1 125 ? 12.332  -8.200  -1.068  1.00 55.28  ? 564 VAL A CB    1 
ATOM   1007 C CG1   . VAL A 1 125 ? 11.802  -9.531  -0.559  1.00 53.18  ? 564 VAL A CG1   1 
ATOM   1008 C CG2   . VAL A 1 125 ? 11.277  -7.390  -1.821  1.00 55.41  ? 564 VAL A CG2   1 
ATOM   1009 N N     . LEU A 1 126 ? 13.853  -8.538  2.040   1.00 63.45  ? 565 LEU A N     1 
ATOM   1010 C CA    . LEU A 1 126 ? 14.892  -9.125  2.889   1.00 70.74  ? 565 LEU A CA    1 
ATOM   1011 C C     . LEU A 1 126 ? 14.512  -10.498 3.446   1.00 71.67  ? 565 LEU A C     1 
ATOM   1012 O O     . LEU A 1 126 ? 13.450  -10.635 4.046   1.00 73.40  ? 565 LEU A O     1 
ATOM   1013 C CB    . LEU A 1 126 ? 15.141  -8.213  4.103   1.00 71.09  ? 565 LEU A CB    1 
ATOM   1014 C CG    . LEU A 1 126 ? 15.319  -6.716  3.880   1.00 74.62  ? 565 LEU A CG    1 
ATOM   1015 C CD1   . LEU A 1 126 ? 15.449  -5.976  5.214   1.00 73.68  ? 565 LEU A CD1   1 
ATOM   1016 C CD2   . LEU A 1 126 ? 16.529  -6.489  2.989   1.00 78.50  ? 565 LEU A CD2   1 
ATOM   1017 N N     . THR A 1 127 ? 15.402  -11.487 3.300   1.00 75.45  ? 566 THR A N     1 
ATOM   1018 C CA    . THR A 1 127 ? 15.246  -12.815 3.938   1.00 79.16  ? 566 THR A CA    1 
ATOM   1019 C C     . THR A 1 127 ? 16.481  -13.207 4.756   1.00 76.29  ? 566 THR A C     1 
ATOM   1020 O O     . THR A 1 127 ? 17.597  -12.821 4.406   1.00 70.84  ? 566 THR A O     1 
ATOM   1021 C CB    . THR A 1 127 ? 14.984  -13.935 2.908   1.00 76.69  ? 566 THR A CB    1 
ATOM   1022 O OG1   . THR A 1 127 ? 16.178  -14.190 2.158   1.00 76.13  ? 566 THR A OG1   1 
ATOM   1023 C CG2   . THR A 1 127 ? 13.870  -13.536 1.961   1.00 77.68  ? 566 THR A CG2   1 
ATOM   1024 N N     . LYS A 1 128 ? 16.262  -13.978 5.834   1.00 83.90  ? 567 LYS A N     1 
ATOM   1025 C CA    . LYS A 1 128 ? 17.330  -14.416 6.764   1.00 81.45  ? 567 LYS A CA    1 
ATOM   1026 C C     . LYS A 1 128 ? 18.500  -15.014 5.998   1.00 84.45  ? 567 LYS A C     1 
ATOM   1027 O O     . LYS A 1 128 ? 19.649  -14.830 6.391   1.00 89.21  ? 567 LYS A O     1 
ATOM   1028 C CB    . LYS A 1 128 ? 16.808  -15.446 7.774   1.00 76.14  ? 567 LYS A CB    1 
ATOM   1029 N N     . GLY A 1 129 ? 18.187  -15.702 4.893   1.00 82.72  ? 568 GLY A N     1 
ATOM   1030 C CA    . GLY A 1 129 ? 19.184  -16.270 3.987   1.00 85.45  ? 568 GLY A CA    1 
ATOM   1031 C C     . GLY A 1 129 ? 19.878  -15.299 3.042   1.00 95.00  ? 568 GLY A C     1 
ATOM   1032 O O     . GLY A 1 129 ? 20.419  -15.720 2.017   1.00 97.95  ? 568 GLY A O     1 
ATOM   1033 N N     . ASN A 1 130 ? 19.840  -14.004 3.365   1.00 99.78  ? 569 ASN A N     1 
ATOM   1034 C CA    . ASN A 1 130 ? 20.594  -12.952 2.653   1.00 103.40 ? 569 ASN A CA    1 
ATOM   1035 C C     . ASN A 1 130 ? 20.210  -12.687 1.172   1.00 103.98 ? 569 ASN A C     1 
ATOM   1036 O O     . ASN A 1 130 ? 20.672  -11.704 0.592   1.00 102.67 ? 569 ASN A O     1 
ATOM   1037 C CB    . ASN A 1 130 ? 22.099  -13.197 2.794   1.00 98.64  ? 569 ASN A CB    1 
ATOM   1038 N N     . LYS A 1 131 ? 19.367  -13.530 0.569   1.00 108.80 ? 570 LYS A N     1 
ATOM   1039 C CA    . LYS A 1 131 ? 18.865  -13.292 -0.794  1.00 111.99 ? 570 LYS A CA    1 
ATOM   1040 C C     . LYS A 1 131 ? 18.010  -11.993 -0.841  1.00 119.40 ? 570 LYS A C     1 
ATOM   1041 O O     . LYS A 1 131 ? 16.886  -11.959 -0.320  1.00 128.62 ? 570 LYS A O     1 
ATOM   1042 C CB    . LYS A 1 131 ? 18.070  -14.514 -1.282  1.00 103.20 ? 570 LYS A CB    1 
ATOM   1043 N N     . GLU A 1 132 ? 18.547  -10.947 -1.486  1.00 112.87 ? 571 GLU A N     1 
ATOM   1044 C CA    . GLU A 1 132 ? 18.084  -9.551  -1.318  1.00 106.36 ? 571 GLU A CA    1 
ATOM   1045 C C     . GLU A 1 132 ? 17.716  -8.795  -2.641  1.00 103.57 ? 571 GLU A C     1 
ATOM   1046 O O     . GLU A 1 132 ? 18.571  -8.641  -3.516  1.00 99.58  ? 571 GLU A O     1 
ATOM   1047 C CB    . GLU A 1 132 ? 19.191  -8.794  -0.565  1.00 102.08 ? 571 GLU A CB    1 
ATOM   1048 C CG    . GLU A 1 132 ? 18.795  -7.438  0.007   1.00 108.62 ? 571 GLU A CG    1 
ATOM   1049 C CD    . GLU A 1 132 ? 19.303  -6.264  -0.815  1.00 111.21 ? 571 GLU A CD    1 
ATOM   1050 O OE1   . GLU A 1 132 ? 18.990  -6.183  -2.020  1.00 111.90 ? 571 GLU A OE1   1 
ATOM   1051 O OE2   . GLU A 1 132 ? 20.013  -5.409  -0.248  1.00 105.94 ? 571 GLU A OE2   1 
ATOM   1052 N N     . MET A 1 133 ? 16.470  -8.302  -2.767  1.00 93.58  ? 572 MET A N     1 
ATOM   1053 C CA    . MET A 1 133 ? 15.998  -7.600  -3.990  1.00 80.20  ? 572 MET A CA    1 
ATOM   1054 C C     . MET A 1 133 ? 15.382  -6.225  -3.730  1.00 71.33  ? 572 MET A C     1 
ATOM   1055 O O     . MET A 1 133 ? 14.945  -5.935  -2.628  1.00 69.76  ? 572 MET A O     1 
ATOM   1056 C CB    . MET A 1 133 ? 14.930  -8.428  -4.711  1.00 85.26  ? 572 MET A CB    1 
ATOM   1057 C CG    . MET A 1 133 ? 15.453  -9.594  -5.520  1.00 93.41  ? 572 MET A CG    1 
ATOM   1058 S SD    . MET A 1 133 ? 15.525  -11.119 -4.564  1.00 107.49 ? 572 MET A SD    1 
ATOM   1059 C CE    . MET A 1 133 ? 16.104  -12.257 -5.831  1.00 107.55 ? 572 MET A CE    1 
ATOM   1060 N N     . LYS A 1 134 ? 15.336  -5.395  -4.774  1.00 71.93  ? 573 LYS A N     1 
ATOM   1061 C CA    . LYS A 1 134 ? 14.620  -4.117  -4.740  1.00 64.55  ? 573 LYS A CA    1 
ATOM   1062 C C     . LYS A 1 134 ? 13.365  -4.187  -5.557  1.00 64.09  ? 573 LYS A C     1 
ATOM   1063 O O     . LYS A 1 134 ? 13.334  -4.810  -6.613  1.00 60.35  ? 573 LYS A O     1 
ATOM   1064 C CB    . LYS A 1 134 ? 15.448  -2.965  -5.302  1.00 68.54  ? 573 LYS A CB    1 
ATOM   1065 C CG    . LYS A 1 134 ? 16.734  -2.659  -4.564  1.00 74.02  ? 573 LYS A CG    1 
ATOM   1066 C CD    . LYS A 1 134 ? 16.591  -2.766  -3.056  1.00 78.54  ? 573 LYS A CD    1 
ATOM   1067 C CE    . LYS A 1 134 ? 17.963  -2.852  -2.405  1.00 91.37  ? 573 LYS A CE    1 
ATOM   1068 N NZ    . LYS A 1 134 ? 18.781  -1.647  -2.716  1.00 96.07  ? 573 LYS A NZ    1 
ATOM   1069 N N     . LEU A 1 135 ? 12.327  -3.533  -5.057  1.00 54.71  ? 574 LEU A N     1 
ATOM   1070 C CA    . LEU A 1 135 ? 11.148  -3.281  -5.843  1.00 50.94  ? 574 LEU A CA    1 
ATOM   1071 C C     . LEU A 1 135 ? 10.899  -1.794  -5.841  1.00 45.39  ? 574 LEU A C     1 
ATOM   1072 O O     . LEU A 1 135 ? 11.229  -1.109  -4.872  1.00 51.60  ? 574 LEU A O     1 
ATOM   1073 C CB    . LEU A 1 135 ? 9.958   -4.012  -5.259  1.00 45.86  ? 574 LEU A CB    1 
ATOM   1074 C CG    . LEU A 1 135 ? 10.071  -5.520  -5.186  1.00 49.34  ? 574 LEU A CG    1 
ATOM   1075 C CD1   . LEU A 1 135 ? 8.922   -6.025  -4.318  1.00 49.77  ? 574 LEU A CD1   1 
ATOM   1076 C CD2   . LEU A 1 135 ? 10.022  -6.133  -6.574  1.00 48.35  ? 574 LEU A CD2   1 
ATOM   1077 N N     . SER A 1 136 ? 10.332  -1.290  -6.932  1.00 46.00  ? 575 SER A N     1 
ATOM   1078 C CA    . SER A 1 136 ? 10.080  0.132   -7.052  1.00 48.67  ? 575 SER A CA    1 
ATOM   1079 C C     . SER A 1 136 ? 8.783   0.441   -7.793  1.00 46.82  ? 575 SER A C     1 
ATOM   1080 O O     . SER A 1 136 ? 7.953   -0.449  -7.988  1.00 48.07  ? 575 SER A O     1 
ATOM   1081 C CB    . SER A 1 136 ? 11.259  0.811   -7.742  1.00 52.37  ? 575 SER A CB    1 
ATOM   1082 O OG    . SER A 1 136 ? 11.201  2.192   -7.451  1.00 60.56  ? 575 SER A OG    1 
ATOM   1083 N N     . ASP A 1 137 ? 8.636   1.699   -8.205  1.00 44.65  ? 576 ASP A N     1 
ATOM   1084 C CA    . ASP A 1 137 ? 7.421   2.230   -8.852  1.00 48.72  ? 576 ASP A CA    1 
ATOM   1085 C C     . ASP A 1 137 ? 6.848   1.266   -9.854  1.00 49.38  ? 576 ASP A C     1 
ATOM   1086 O O     . ASP A 1 137 ? 7.582   0.771   -10.688 1.00 48.80  ? 576 ASP A O     1 
ATOM   1087 C CB    . ASP A 1 137 ? 7.736   3.523   -9.626  1.00 56.27  ? 576 ASP A CB    1 
ATOM   1088 C CG    . ASP A 1 137 ? 8.279   4.651   -8.741  1.00 62.32  ? 576 ASP A CG    1 
ATOM   1089 O OD1   . ASP A 1 137 ? 8.966   4.388   -7.731  1.00 69.16  ? 576 ASP A OD1   1 
ATOM   1090 O OD2   . ASP A 1 137 ? 8.010   5.825   -9.069  1.00 71.00  ? 576 ASP A OD2   1 
ATOM   1091 N N     . GLY A 1 138 ? 5.542   0.999   -9.782  1.00 48.26  ? 577 GLY A N     1 
ATOM   1092 C CA    . GLY A 1 138 ? 4.903   0.068   -10.706 1.00 52.13  ? 577 GLY A CA    1 
ATOM   1093 C C     . GLY A 1 138 ? 4.884   -1.385  -10.261 1.00 51.78  ? 577 GLY A C     1 
ATOM   1094 O O     . GLY A 1 138 ? 4.238   -2.197  -10.897 1.00 50.46  ? 577 GLY A O     1 
ATOM   1095 N N     . SER A 1 139 ? 5.566   -1.721  -9.162  1.00 50.29  ? 578 SER A N     1 
ATOM   1096 C CA    . SER A 1 139 ? 5.566   -3.092  -8.665  1.00 51.74  ? 578 SER A CA    1 
ATOM   1097 C C     . SER A 1 139 ? 4.639   -3.224  -7.477  1.00 45.74  ? 578 SER A C     1 
ATOM   1098 O O     . SER A 1 139 ? 3.989   -2.273  -7.098  1.00 46.11  ? 578 SER A O     1 
ATOM   1099 C CB    . SER A 1 139 ? 6.968   -3.561  -8.323  1.00 54.61  ? 578 SER A CB    1 
ATOM   1100 O OG    . SER A 1 139 ? 7.003   -4.979  -8.287  1.00 61.68  ? 578 SER A OG    1 
ATOM   1101 N N     . TYR A 1 140 ? 4.518   -4.429  -6.940  1.00 47.92  ? 579 TYR A N     1 
ATOM   1102 C CA    . TYR A 1 140 ? 3.709   -4.674  -5.749  1.00 44.05  ? 579 TYR A CA    1 
ATOM   1103 C C     . TYR A 1 140 ? 4.359   -5.779  -4.899  1.00 48.00  ? 579 TYR A C     1 
ATOM   1104 O O     . TYR A 1 140 ? 5.265   -6.489  -5.372  1.00 42.96  ? 579 TYR A O     1 
ATOM   1105 C CB    . TYR A 1 140 ? 2.292   -5.057  -6.137  1.00 48.38  ? 579 TYR A CB    1 
ATOM   1106 C CG    . TYR A 1 140 ? 2.234   -6.289  -7.008  1.00 51.41  ? 579 TYR A CG    1 
ATOM   1107 C CD1   . TYR A 1 140 ? 2.285   -7.573  -6.434  1.00 52.35  ? 579 TYR A CD1   1 
ATOM   1108 C CD2   . TYR A 1 140 ? 2.139   -6.189  -8.409  1.00 55.71  ? 579 TYR A CD2   1 
ATOM   1109 C CE1   . TYR A 1 140 ? 2.242   -8.720  -7.220  1.00 51.53  ? 579 TYR A CE1   1 
ATOM   1110 C CE2   . TYR A 1 140 ? 2.105   -7.330  -9.208  1.00 53.32  ? 579 TYR A CE2   1 
ATOM   1111 C CZ    . TYR A 1 140 ? 2.171   -8.593  -8.612  1.00 55.79  ? 579 TYR A CZ    1 
ATOM   1112 O OH    . TYR A 1 140 ? 2.129   -9.746  -9.368  1.00 55.28  ? 579 TYR A OH    1 
ATOM   1113 N N     . PHE A 1 141 ? 3.897   -5.924  -3.657  1.00 43.03  ? 580 PHE A N     1 
ATOM   1114 C CA    . PHE A 1 141 ? 4.496   -6.916  -2.763  1.00 42.74  ? 580 PHE A CA    1 
ATOM   1115 C C     . PHE A 1 141 ? 3.553   -7.214  -1.626  1.00 41.00  ? 580 PHE A C     1 
ATOM   1116 O O     . PHE A 1 141 ? 2.612   -6.476  -1.402  1.00 44.22  ? 580 PHE A O     1 
ATOM   1117 C CB    . PHE A 1 141 ? 5.846   -6.433  -2.232  1.00 41.24  ? 580 PHE A CB    1 
ATOM   1118 C CG    . PHE A 1 141 ? 5.767   -5.167  -1.402  1.00 41.84  ? 580 PHE A CG    1 
ATOM   1119 C CD1   . PHE A 1 141 ? 5.372   -5.213  -0.068  1.00 44.19  ? 580 PHE A CD1   1 
ATOM   1120 C CD2   . PHE A 1 141 ? 6.083   -3.943  -1.956  1.00 42.28  ? 580 PHE A CD2   1 
ATOM   1121 C CE1   . PHE A 1 141 ? 5.315   -4.065  0.694   1.00 43.04  ? 580 PHE A CE1   1 
ATOM   1122 C CE2   . PHE A 1 141 ? 6.019   -2.784  -1.207  1.00 42.31  ? 580 PHE A CE2   1 
ATOM   1123 C CZ    . PHE A 1 141 ? 5.631   -2.837  0.112   1.00 43.54  ? 580 PHE A CZ    1 
ATOM   1124 N N     . GLY A 1 142 ? 3.797   -8.312  -0.915  1.00 43.52  ? 581 GLY A N     1 
ATOM   1125 C CA    . GLY A 1 142 ? 2.915   -8.716  0.179   1.00 40.84  ? 581 GLY A CA    1 
ATOM   1126 C C     . GLY A 1 142 ? 1.784   -9.615  -0.265  1.00 42.75  ? 581 GLY A C     1 
ATOM   1127 O O     . GLY A 1 142 ? 0.854   -9.873  0.519   1.00 42.78  ? 581 GLY A O     1 
ATOM   1128 N N     . GLU A 1 143 ? 1.838   -10.064 -1.527  1.00 45.54  ? 582 GLU A N     1 
ATOM   1129 C CA    . GLU A 1 143 ? 0.737   -10.819 -2.143  1.00 49.03  ? 582 GLU A CA    1 
ATOM   1130 C C     . GLU A 1 143 ? 0.785   -12.329 -1.881  1.00 48.31  ? 582 GLU A C     1 
ATOM   1131 O O     . GLU A 1 143 ? -0.240  -13.007 -1.927  1.00 52.10  ? 582 GLU A O     1 
ATOM   1132 C CB    . GLU A 1 143 ? 0.722   -10.618 -3.667  1.00 52.87  ? 582 GLU A CB    1 
ATOM   1133 C CG    . GLU A 1 143 ? 1.698   -11.475 -4.480  1.00 51.93  ? 582 GLU A CG    1 
ATOM   1134 C CD    . GLU A 1 143 ? 3.122   -10.958 -4.493  1.00 53.99  ? 582 GLU A CD    1 
ATOM   1135 O OE1   . GLU A 1 143 ? 3.516   -10.122 -3.632  1.00 56.81  ? 582 GLU A OE1   1 
ATOM   1136 O OE2   . GLU A 1 143 ? 3.868   -11.400 -5.394  1.00 60.44  ? 582 GLU A OE2   1 
ATOM   1137 N N     . ILE A 1 144 ? 1.978   -12.843 -1.659  1.00 48.20  ? 583 ILE A N     1 
ATOM   1138 C CA    . ILE A 1 144 ? 2.189   -14.285 -1.540  1.00 54.43  ? 583 ILE A CA    1 
ATOM   1139 C C     . ILE A 1 144 ? 1.399   -14.833 -0.342  1.00 55.98  ? 583 ILE A C     1 
ATOM   1140 O O     . ILE A 1 144 ? 0.614   -15.774 -0.479  1.00 62.28  ? 583 ILE A O     1 
ATOM   1141 C CB    . ILE A 1 144 ? 3.686   -14.615 -1.450  1.00 55.56  ? 583 ILE A CB    1 
ATOM   1142 C CG1   . ILE A 1 144 ? 4.375   -14.184 -2.753  1.00 59.18  ? 583 ILE A CG1   1 
ATOM   1143 C CG2   . ILE A 1 144 ? 3.875   -16.110 -1.190  1.00 61.87  ? 583 ILE A CG2   1 
ATOM   1144 C CD1   . ILE A 1 144 ? 5.876   -14.399 -2.802  1.00 63.52  ? 583 ILE A CD1   1 
ATOM   1145 N N     . CYS A 1 145 ? 1.553   -14.175 0.797   1.00 54.35  ? 584 CYS A N     1 
ATOM   1146 C CA    . CYS A 1 145 ? 0.833   -14.533 1.992   1.00 55.93  ? 584 CYS A CA    1 
ATOM   1147 C C     . CYS A 1 145 ? -0.666  -14.511 1.791   1.00 58.05  ? 584 CYS A C     1 
ATOM   1148 O O     . CYS A 1 145 ? -1.360  -15.348 2.339   1.00 60.69  ? 584 CYS A O     1 
ATOM   1149 C CB    . CYS A 1 145 ? 1.211   -13.589 3.137   1.00 61.88  ? 584 CYS A CB    1 
ATOM   1150 S SG    . CYS A 1 145 ? 0.684   -14.110 4.793   1.00 78.27  ? 584 CYS A SG    1 
ATOM   1151 N N     . LEU A 1 146 ? -1.181  -13.543 1.030   1.00 59.59  ? 585 LEU A N     1 
ATOM   1152 C CA    . LEU A 1 146 ? -2.622  -13.482 0.747   1.00 56.54  ? 585 LEU A CA    1 
ATOM   1153 C C     . LEU A 1 146 ? -3.105  -14.649 -0.108  1.00 56.55  ? 585 LEU A C     1 
ATOM   1154 O O     . LEU A 1 146 ? -4.222  -15.123 0.046   1.00 62.51  ? 585 LEU A O     1 
ATOM   1155 C CB    . LEU A 1 146 ? -2.981  -12.172 0.034   1.00 58.26  ? 585 LEU A CB    1 
ATOM   1156 C CG    . LEU A 1 146 ? -3.369  -11.024 0.959   1.00 60.15  ? 585 LEU A CG    1 
ATOM   1157 C CD1   . LEU A 1 146 ? -2.491  -10.946 2.203   1.00 59.33  ? 585 LEU A CD1   1 
ATOM   1158 C CD2   . LEU A 1 146 ? -3.354  -9.720  0.182   1.00 61.74  ? 585 LEU A CD2   1 
ATOM   1159 N N     . LEU A 1 147 ? -2.273  -15.058 -1.044  1.00 52.12  ? 586 LEU A N     1 
ATOM   1160 C CA    . LEU A 1 147 ? -2.555  -16.210 -1.880  1.00 61.57  ? 586 LEU A CA    1 
ATOM   1161 C C     . LEU A 1 147 ? -2.517  -17.522 -1.066  1.00 63.28  ? 586 LEU A C     1 
ATOM   1162 O O     . LEU A 1 147 ? -3.388  -18.361 -1.210  1.00 71.70  ? 586 LEU A O     1 
ATOM   1163 C CB    . LEU A 1 147 ? -1.550  -16.277 -3.039  1.00 58.08  ? 586 LEU A CB    1 
ATOM   1164 C CG    . LEU A 1 147 ? -1.611  -15.111 -4.030  1.00 54.34  ? 586 LEU A CG    1 
ATOM   1165 C CD1   . LEU A 1 147 ? -0.395  -15.045 -4.940  1.00 54.52  ? 586 LEU A CD1   1 
ATOM   1166 C CD2   . LEU A 1 147 ? -2.886  -15.199 -4.852  1.00 57.14  ? 586 LEU A CD2   1 
ATOM   1167 N N     . THR A 1 148 ? -1.529  -17.678 -0.191  1.00 71.23  ? 587 THR A N     1 
ATOM   1168 C CA    . THR A 1 148 ? -1.334  -18.945 0.516   1.00 69.41  ? 587 THR A CA    1 
ATOM   1169 C C     . THR A 1 148 ? -1.849  -18.948 1.945   1.00 74.72  ? 587 THR A C     1 
ATOM   1170 O O     . THR A 1 148 ? -1.786  -19.977 2.596   1.00 82.61  ? 587 THR A O     1 
ATOM   1171 C CB    . THR A 1 148 ? 0.159   -19.370 0.541   1.00 73.20  ? 587 THR A CB    1 
ATOM   1172 O OG1   . THR A 1 148 ? 0.932   -18.440 1.318   1.00 73.68  ? 587 THR A OG1   1 
ATOM   1173 C CG2   . THR A 1 148 ? 0.738   -19.458 -0.869  1.00 73.00  ? 587 THR A CG2   1 
ATOM   1174 N N     . ARG A 1 149 ? -2.355  -17.820 2.443   1.00 74.07  ? 588 ARG A N     1 
ATOM   1175 C CA    . ARG A 1 149 ? -2.740  -17.698 3.855   1.00 72.89  ? 588 ARG A CA    1 
ATOM   1176 C C     . ARG A 1 149 ? -1.668  -18.225 4.814   1.00 77.39  ? 588 ARG A C     1 
ATOM   1177 O O     . ARG A 1 149 ? -1.982  -18.620 5.941   1.00 76.43  ? 588 ARG A O     1 
ATOM   1178 C CB    . ARG A 1 149 ? -4.039  -18.444 4.126   1.00 81.92  ? 588 ARG A CB    1 
ATOM   1179 C CG    . ARG A 1 149 ? -5.136  -18.179 3.113   1.00 88.78  ? 588 ARG A CG    1 
ATOM   1180 C CD    . ARG A 1 149 ? -6.311  -19.138 3.314   1.00 95.65  ? 588 ARG A CD    1 
ATOM   1181 N NE    . ARG A 1 149 ? -7.602  -18.447 3.308   1.00 99.76  ? 588 ARG A NE    1 
ATOM   1182 C CZ    . ARG A 1 149 ? -8.085  -17.737 2.282   1.00 91.24  ? 588 ARG A CZ    1 
ATOM   1183 N NH1   . ARG A 1 149 ? -9.275  -17.148 2.380   1.00 87.42  ? 588 ARG A NH1   1 
ATOM   1184 N NH2   . ARG A 1 149 ? -7.385  -17.604 1.156   1.00 80.84  ? 588 ARG A NH2   1 
ATOM   1185 N N     . GLY A 1 150 ? -0.412  -18.213 4.365   1.00 72.68  ? 589 GLY A N     1 
ATOM   1186 C CA    . GLY A 1 150 ? 0.714   -18.688 5.142   1.00 70.75  ? 589 GLY A CA    1 
ATOM   1187 C C     . GLY A 1 150 ? 1.258   -17.592 6.047   1.00 72.82  ? 589 GLY A C     1 
ATOM   1188 O O     . GLY A 1 150 ? 0.494   -16.830 6.643   1.00 73.14  ? 589 GLY A O     1 
ATOM   1189 N N     . ARG A 1 151 ? 2.578   -17.555 6.180   1.00 73.69  ? 590 ARG A N     1 
ATOM   1190 C CA    . ARG A 1 151 ? 3.282   -16.503 6.915   1.00 78.09  ? 590 ARG A CA    1 
ATOM   1191 C C     . ARG A 1 151 ? 4.152   -15.745 5.902   1.00 69.78  ? 590 ARG A C     1 
ATOM   1192 O O     . ARG A 1 151 ? 4.547   -16.296 4.866   1.00 74.95  ? 590 ARG A O     1 
ATOM   1193 C CB    . ARG A 1 151 ? 4.153   -17.098 8.050   1.00 84.77  ? 590 ARG A CB    1 
ATOM   1194 C CG    . ARG A 1 151 ? 3.398   -17.823 9.174   1.00 87.10  ? 590 ARG A CG    1 
ATOM   1195 C CD    . ARG A 1 151 ? 2.428   -16.894 9.898   1.00 96.95  ? 590 ARG A CD    1 
ATOM   1196 N NE    . ARG A 1 151 ? 1.914   -17.413 11.175  1.00 96.27  ? 590 ARG A NE    1 
ATOM   1197 C CZ    . ARG A 1 151 ? 2.402   -17.130 12.388  1.00 97.49  ? 590 ARG A CZ    1 
ATOM   1198 N NH1   . ARG A 1 151 ? 3.456   -16.336 12.549  1.00 97.03  ? 590 ARG A NH1   1 
ATOM   1199 N NH2   . ARG A 1 151 ? 1.827   -17.653 13.468  1.00 96.24  ? 590 ARG A NH2   1 
ATOM   1200 N N     . ARG A 1 152 ? 4.467   -14.492 6.200   1.00 64.97  ? 591 ARG A N     1 
ATOM   1201 C CA    . ARG A 1 152 ? 5.244   -13.675 5.274   1.00 59.87  ? 591 ARG A CA    1 
ATOM   1202 C C     . ARG A 1 152 ? 6.553   -14.386 4.957   1.00 63.64  ? 591 ARG A C     1 
ATOM   1203 O O     . ARG A 1 152 ? 7.217   -14.849 5.869   1.00 62.42  ? 591 ARG A O     1 
ATOM   1204 C CB    . ARG A 1 152 ? 5.568   -12.308 5.865   1.00 55.06  ? 591 ARG A CB    1 
ATOM   1205 C CG    . ARG A 1 152 ? 4.363   -11.466 6.206   1.00 59.81  ? 591 ARG A CG    1 
ATOM   1206 C CD    . ARG A 1 152 ? 3.635   -10.981 4.966   1.00 54.22  ? 591 ARG A CD    1 
ATOM   1207 N NE    . ARG A 1 152 ? 2.767   -9.843  5.282   1.00 52.69  ? 591 ARG A NE    1 
ATOM   1208 C CZ    . ARG A 1 152 ? 1.941   -9.270  4.411   1.00 42.23  ? 591 ARG A CZ    1 
ATOM   1209 N NH1   . ARG A 1 152 ? 1.836   -9.747  3.177   1.00 44.55  ? 591 ARG A NH1   1 
ATOM   1210 N NH2   . ARG A 1 152 ? 1.196   -8.252  4.792   1.00 44.29  ? 591 ARG A NH2   1 
ATOM   1211 N N     . THR A 1 153 ? 6.905   -14.434 3.669   1.00 59.39  ? 592 THR A N     1 
ATOM   1212 C CA    . THR A 1 153 ? 8.105   -15.110 3.179   1.00 61.75  ? 592 THR A CA    1 
ATOM   1213 C C     . THR A 1 153 ? 9.336   -14.230 3.178   1.00 61.56  ? 592 THR A C     1 
ATOM   1214 O O     . THR A 1 153 ? 10.438  -14.687 2.837   1.00 62.51  ? 592 THR A O     1 
ATOM   1215 C CB    . THR A 1 153 ? 7.922   -15.575 1.711   1.00 61.45  ? 592 THR A CB    1 
ATOM   1216 O OG1   . THR A 1 153 ? 7.666   -14.439 0.876   1.00 64.62  ? 592 THR A OG1   1 
ATOM   1217 C CG2   . THR A 1 153 ? 6.770   -16.566 1.579   1.00 58.42  ? 592 THR A CG2   1 
ATOM   1218 N N     . ALA A 1 154 ? 9.158   -12.953 3.489   1.00 58.91  ? 593 ALA A N     1 
ATOM   1219 C CA    . ALA A 1 154 ? 10.286  -12.058 3.592   1.00 56.05  ? 593 ALA A CA    1 
ATOM   1220 C C     . ALA A 1 154 ? 9.906   -10.845 4.393   1.00 54.78  ? 593 ALA A C     1 
ATOM   1221 O O     . ALA A 1 154 ? 8.743   -10.622 4.692   1.00 58.46  ? 593 ALA A O     1 
ATOM   1222 C CB    . ALA A 1 154 ? 10.761  -11.649 2.199   1.00 59.25  ? 593 ALA A CB    1 
ATOM   1223 N N     . SER A 1 155 ? 10.914  -10.081 4.773   1.00 58.59  ? 594 SER A N     1 
ATOM   1224 C CA    . SER A 1 155 ? 10.702  -8.764  5.309   1.00 56.22  ? 594 SER A CA    1 
ATOM   1225 C C     . SER A 1 155 ? 10.807  -7.801  4.146   1.00 51.21  ? 594 SER A C     1 
ATOM   1226 O O     . SER A 1 155 ? 11.514  -8.064  3.163   1.00 54.51  ? 594 SER A O     1 
ATOM   1227 C CB    . SER A 1 155 ? 11.746  -8.446  6.393   1.00 61.35  ? 594 SER A CB    1 
ATOM   1228 O OG    . SER A 1 155 ? 11.330  -8.996  7.626   1.00 62.66  ? 594 SER A OG    1 
ATOM   1229 N N     . VAL A 1 156 ? 10.101  -6.692  4.258   1.00 51.58  ? 595 VAL A N     1 
ATOM   1230 C CA    . VAL A 1 156 ? 10.175  -5.643  3.276   1.00 50.32  ? 595 VAL A CA    1 
ATOM   1231 C C     . VAL A 1 156 ? 10.386  -4.313  3.979   1.00 48.50  ? 595 VAL A C     1 
ATOM   1232 O O     . VAL A 1 156 ? 9.603   -3.940  4.845   1.00 45.99  ? 595 VAL A O     1 
ATOM   1233 C CB    . VAL A 1 156 ? 8.889   -5.570  2.422   1.00 50.10  ? 595 VAL A CB    1 
ATOM   1234 C CG1   . VAL A 1 156 ? 8.999   -4.425  1.426   1.00 48.55  ? 595 VAL A CG1   1 
ATOM   1235 C CG2   . VAL A 1 156 ? 8.648   -6.888  1.707   1.00 49.24  ? 595 VAL A CG2   1 
ATOM   1236 N N     . ARG A 1 157 ? 11.426  -3.582  3.576   1.00 48.00  ? 596 ARG A N     1 
ATOM   1237 C CA    . ARG A 1 157 ? 11.803  -2.376  4.299   1.00 50.57  ? 596 ARG A CA    1 
ATOM   1238 C C     . ARG A 1 157 ? 11.839  -1.204  3.353   1.00 50.56  ? 596 ARG A C     1 
ATOM   1239 O O     . ARG A 1 157 ? 12.317  -1.354  2.220   1.00 44.26  ? 596 ARG A O     1 
ATOM   1240 C CB    . ARG A 1 157 ? 13.190  -2.523  4.935   1.00 58.54  ? 596 ARG A CB    1 
ATOM   1241 C CG    . ARG A 1 157 ? 13.331  -1.699  6.205   1.00 68.34  ? 596 ARG A CG    1 
ATOM   1242 C CD    . ARG A 1 157 ? 14.727  -1.144  6.444   1.00 71.73  ? 596 ARG A CD    1 
ATOM   1243 N NE    . ARG A 1 157 ? 15.778  -2.136  6.256   1.00 65.87  ? 596 ARG A NE    1 
ATOM   1244 C CZ    . ARG A 1 157 ? 16.565  -2.221  5.182   1.00 70.09  ? 596 ARG A CZ    1 
ATOM   1245 N NH1   . ARG A 1 157 ? 17.513  -3.159  5.153   1.00 63.17  ? 596 ARG A NH1   1 
ATOM   1246 N NH2   . ARG A 1 157 ? 16.430  -1.372  4.146   1.00 63.74  ? 596 ARG A NH2   1 
ATOM   1247 N N     . ALA A 1 158 ? 11.361  -0.044  3.813   1.00 40.70  ? 597 ALA A N     1 
ATOM   1248 C CA    . ALA A 1 158 ? 11.418  1.172   2.993   1.00 44.72  ? 597 ALA A CA    1 
ATOM   1249 C C     . ALA A 1 158 ? 12.853  1.734   2.901   1.00 46.88  ? 597 ALA A C     1 
ATOM   1250 O O     . ALA A 1 158 ? 13.486  1.994   3.913   1.00 53.27  ? 597 ALA A O     1 
ATOM   1251 C CB    . ALA A 1 158 ? 10.481  2.240   3.556   1.00 42.24  ? 597 ALA A CB    1 
ATOM   1252 N N     . ASP A 1 159 ? 13.319  1.965   1.681   1.00 51.46  ? 598 ASP A N     1 
ATOM   1253 C CA    . ASP A 1 159 ? 14.601  2.594   1.442   1.00 55.90  ? 598 ASP A CA    1 
ATOM   1254 C C     . ASP A 1 159 ? 14.503  4.102   1.276   1.00 55.73  ? 598 ASP A C     1 
ATOM   1255 O O     . ASP A 1 159 ? 15.421  4.818   1.667   1.00 56.37  ? 598 ASP A O     1 
ATOM   1256 C CB    . ASP A 1 159 ? 15.270  1.961   0.234   1.00 57.12  ? 598 ASP A CB    1 
ATOM   1257 C CG    . ASP A 1 159 ? 15.743  0.548   0.525   1.00 58.32  ? 598 ASP A CG    1 
ATOM   1258 O OD1   . ASP A 1 159 ? 16.032  -0.180  -0.437  1.00 71.05  ? 598 ASP A OD1   1 
ATOM   1259 O OD2   . ASP A 1 159 ? 15.821  0.154   1.713   1.00 66.16  ? 598 ASP A OD2   1 
ATOM   1260 N N     . THR A 1 160 ? 13.405  4.565   0.688   1.00 50.28  ? 599 THR A N     1 
ATOM   1261 C CA    . THR A 1 160 ? 13.108  5.989   0.567   1.00 51.59  ? 599 THR A CA    1 
ATOM   1262 C C     . THR A 1 160 ? 11.774  6.245   1.241   1.00 50.31  ? 599 THR A C     1 
ATOM   1263 O O     . THR A 1 160 ? 11.192  5.330   1.828   1.00 47.98  ? 599 THR A O     1 
ATOM   1264 C CB    . THR A 1 160 ? 12.962  6.392   -0.896  1.00 52.98  ? 599 THR A CB    1 
ATOM   1265 O OG1   . THR A 1 160 ? 11.969  5.554   -1.529  1.00 54.75  ? 599 THR A OG1   1 
ATOM   1266 C CG2   . THR A 1 160 ? 14.288  6.265   -1.603  1.00 56.15  ? 599 THR A CG2   1 
ATOM   1267 N N     . TYR A 1 161 ? 11.290  7.479   1.162   1.00 44.91  ? 600 TYR A N     1 
ATOM   1268 C CA    . TYR A 1 161 ? 9.904   7.761   1.460   1.00 47.99  ? 600 TYR A CA    1 
ATOM   1269 C C     . TYR A 1 161 ? 9.148   6.960   0.442   1.00 52.86  ? 600 TYR A C     1 
ATOM   1270 O O     . TYR A 1 161 ? 9.594   6.887   -0.697  1.00 52.15  ? 600 TYR A O     1 
ATOM   1271 C CB    . TYR A 1 161 ? 9.584   9.214   1.295   1.00 51.12  ? 600 TYR A CB    1 
ATOM   1272 C CG    . TYR A 1 161 ? 9.727   9.946   2.575   1.00 54.03  ? 600 TYR A CG    1 
ATOM   1273 C CD1   . TYR A 1 161 ? 10.946  10.450  2.984   1.00 54.76  ? 600 TYR A CD1   1 
ATOM   1274 C CD2   . TYR A 1 161 ? 8.633   10.130  3.388   1.00 57.92  ? 600 TYR A CD2   1 
ATOM   1275 C CE1   . TYR A 1 161 ? 11.071  11.124  4.185   1.00 56.04  ? 600 TYR A CE1   1 
ATOM   1276 C CE2   . TYR A 1 161 ? 8.735   10.798  4.585   1.00 55.57  ? 600 TYR A CE2   1 
ATOM   1277 C CZ    . TYR A 1 161 ? 9.948   11.294  4.991   1.00 56.91  ? 600 TYR A CZ    1 
ATOM   1278 O OH    . TYR A 1 161 ? 9.993   11.959  6.212   1.00 55.78  ? 600 TYR A OH    1 
ATOM   1279 N N     . CYS A 1 162 ? 8.068   6.301   0.863   1.00 45.03  ? 601 CYS A N     1 
ATOM   1280 C CA    . CYS A 1 162 ? 7.315   5.401   -0.028  1.00 44.73  ? 601 CYS A CA    1 
ATOM   1281 C C     . CYS A 1 162 ? 5.879   5.844   -0.029  1.00 40.97  ? 601 CYS A C     1 
ATOM   1282 O O     . CYS A 1 162 ? 5.305   6.042   1.016   1.00 43.56  ? 601 CYS A O     1 
ATOM   1283 C CB    . CYS A 1 162 ? 7.377   3.950   0.446   1.00 43.18  ? 601 CYS A CB    1 
ATOM   1284 S SG    . CYS A 1 162 ? 8.910   3.139   0.026   1.00 49.84  ? 601 CYS A SG    1 
ATOM   1285 N N     . ARG A 1 163 ? 5.308   5.996   -1.197  1.00 40.42  ? 602 ARG A N     1 
ATOM   1286 C CA    . ARG A 1 163 ? 3.896   6.296   -1.327  1.00 39.71  ? 602 ARG A CA    1 
ATOM   1287 C C     . ARG A 1 163 ? 3.306   4.990   -1.812  1.00 42.90  ? 602 ARG A C     1 
ATOM   1288 O O     . ARG A 1 163 ? 3.603   4.547   -2.942  1.00 40.22  ? 602 ARG A O     1 
ATOM   1289 C CB    . ARG A 1 163 ? 3.699   7.399   -2.356  1.00 43.32  ? 602 ARG A CB    1 
ATOM   1290 C CG    . ARG A 1 163 ? 4.230   8.757   -1.886  1.00 50.32  ? 602 ARG A CG    1 
ATOM   1291 C CD    . ARG A 1 163 ? 4.111   9.840   -2.946  1.00 54.79  ? 602 ARG A CD    1 
ATOM   1292 N NE    . ARG A 1 163 ? 2.867   10.601  -2.790  1.00 65.15  ? 602 ARG A NE    1 
ATOM   1293 C CZ    . ARG A 1 163 ? 2.626   11.494  -1.813  1.00 69.24  ? 602 ARG A CZ    1 
ATOM   1294 N NH1   . ARG A 1 163 ? 3.530   11.758  -0.847  1.00 70.49  ? 602 ARG A NH1   1 
ATOM   1295 N NH2   . ARG A 1 163 ? 1.459   12.124  -1.790  1.00 69.50  ? 602 ARG A NH2   1 
ATOM   1296 N N     . LEU A 1 164 ? 2.484   4.365   -0.979  1.00 35.45  ? 603 LEU A N     1 
ATOM   1297 C CA    . LEU A 1 164 ? 1.941   3.035   -1.312  1.00 36.53  ? 603 LEU A CA    1 
ATOM   1298 C C     . LEU A 1 164 ? 0.416   3.042   -1.280  1.00 39.57  ? 603 LEU A C     1 
ATOM   1299 O O     . LEU A 1 164 ? -0.212  3.939   -0.688  1.00 40.24  ? 603 LEU A O     1 
ATOM   1300 C CB    . LEU A 1 164 ? 2.446   2.004   -0.300  1.00 38.43  ? 603 LEU A CB    1 
ATOM   1301 C CG    . LEU A 1 164 ? 3.960   1.849   -0.065  1.00 38.15  ? 603 LEU A CG    1 
ATOM   1302 C CD1   . LEU A 1 164 ? 4.196   0.685   0.871   1.00 42.78  ? 603 LEU A CD1   1 
ATOM   1303 C CD2   . LEU A 1 164 ? 4.717   1.593   -1.349  1.00 43.67  ? 603 LEU A CD2   1 
ATOM   1304 N N     . TYR A 1 165 ? -0.193  2.072   -1.958  1.00 36.59  ? 604 TYR A N     1 
ATOM   1305 C CA    . TYR A 1 165 ? -1.600  1.857   -1.786  1.00 36.49  ? 604 TYR A CA    1 
ATOM   1306 C C     . TYR A 1 165 ? -1.740  0.440   -1.254  1.00 39.98  ? 604 TYR A C     1 
ATOM   1307 O O     . TYR A 1 165 ? -1.180  -0.484  -1.817  1.00 43.02  ? 604 TYR A O     1 
ATOM   1308 C CB    . TYR A 1 165 ? -2.307  1.994   -3.097  1.00 41.11  ? 604 TYR A CB    1 
ATOM   1309 C CG    . TYR A 1 165 ? -2.464  3.428   -3.531  1.00 42.40  ? 604 TYR A CG    1 
ATOM   1310 C CD1   . TYR A 1 165 ? -3.483  4.212   -3.018  1.00 46.74  ? 604 TYR A CD1   1 
ATOM   1311 C CD2   . TYR A 1 165 ? -1.613  3.982   -4.474  1.00 48.47  ? 604 TYR A CD2   1 
ATOM   1312 C CE1   . TYR A 1 165 ? -3.658  5.522   -3.430  1.00 49.96  ? 604 TYR A CE1   1 
ATOM   1313 C CE2   . TYR A 1 165 ? -1.771  5.290   -4.891  1.00 53.24  ? 604 TYR A CE2   1 
ATOM   1314 C CZ    . TYR A 1 165 ? -2.791  6.053   -4.358  1.00 51.42  ? 604 TYR A CZ    1 
ATOM   1315 O OH    . TYR A 1 165 ? -2.957  7.351   -4.749  1.00 65.71  ? 604 TYR A OH    1 
ATOM   1316 N N     . SER A 1 166 ? -2.451  0.281   -0.161  1.00 37.49  ? 605 SER A N     1 
ATOM   1317 C CA    . SER A 1 166 ? -2.659  -1.053  0.371   1.00 42.75  ? 605 SER A CA    1 
ATOM   1318 C C     . SER A 1 166 ? -4.058  -1.578  0.083   1.00 42.47  ? 605 SER A C     1 
ATOM   1319 O O     . SER A 1 166 ? -4.998  -0.803  -0.092  1.00 44.71  ? 605 SER A O     1 
ATOM   1320 C CB    . SER A 1 166 ? -2.424  -1.054  1.864   1.00 41.97  ? 605 SER A CB    1 
ATOM   1321 O OG    . SER A 1 166 ? -3.351  -0.222  2.511   1.00 38.61  ? 605 SER A OG    1 
ATOM   1322 N N     . LEU A 1 167 ? -4.158  -2.906  0.061   1.00 42.50  ? 606 LEU A N     1 
ATOM   1323 C CA    . LEU A 1 167 ? -5.382  -3.672  -0.126  1.00 42.71  ? 606 LEU A CA    1 
ATOM   1324 C C     . LEU A 1 167 ? -5.426  -4.801  0.922   1.00 47.48  ? 606 LEU A C     1 
ATOM   1325 O O     . LEU A 1 167 ? -4.502  -5.631  0.990   1.00 50.50  ? 606 LEU A O     1 
ATOM   1326 C CB    . LEU A 1 167 ? -5.356  -4.311  -1.494  1.00 41.30  ? 606 LEU A CB    1 
ATOM   1327 C CG    . LEU A 1 167 ? -6.554  -5.130  -1.991  1.00 44.32  ? 606 LEU A CG    1 
ATOM   1328 C CD1   . LEU A 1 167 ? -7.749  -4.246  -2.217  1.00 43.79  ? 606 LEU A CD1   1 
ATOM   1329 C CD2   . LEU A 1 167 ? -6.140  -5.828  -3.278  1.00 46.65  ? 606 LEU A CD2   1 
ATOM   1330 N N     . SER A 1 168 ? -6.494  -4.832  1.714   1.00 47.09  ? 607 SER A N     1 
ATOM   1331 C CA    . SER A 1 168 ? -6.650  -5.818  2.782   1.00 51.53  ? 607 SER A CA    1 
ATOM   1332 C C     . SER A 1 168 ? -6.936  -7.193  2.207   1.00 54.72  ? 607 SER A C     1 
ATOM   1333 O O     . SER A 1 168 ? -7.356  -7.334  1.043   1.00 47.53  ? 607 SER A O     1 
ATOM   1334 C CB    . SER A 1 168 ? -7.815  -5.423  3.682   1.00 51.11  ? 607 SER A CB    1 
ATOM   1335 O OG    . SER A 1 168 ? -9.038  -5.564  2.955   1.00 52.12  ? 607 SER A OG    1 
ATOM   1336 N N     . VAL A 1 169 ? -6.716  -8.213  3.033   1.00 53.97  ? 608 VAL A N     1 
ATOM   1337 C CA    . VAL A 1 169 ? -6.952  -9.592  2.604   1.00 54.14  ? 608 VAL A CA    1 
ATOM   1338 C C     . VAL A 1 169 ? -8.408  -9.850  2.202   1.00 51.39  ? 608 VAL A C     1 
ATOM   1339 O O     . VAL A 1 169 ? -8.674  -10.453 1.172   1.00 55.48  ? 608 VAL A O     1 
ATOM   1340 C CB    . VAL A 1 169 ? -6.517  -10.605 3.684   1.00 59.70  ? 608 VAL A CB    1 
ATOM   1341 C CG1   . VAL A 1 169 ? -7.268  -10.377 5.014   1.00 58.79  ? 608 VAL A CG1   1 
ATOM   1342 C CG2   . VAL A 1 169 ? -6.726  -12.028 3.166   1.00 58.74  ? 608 VAL A CG2   1 
ATOM   1343 N N     . ASP A 1 170 ? -9.351  -9.371  2.997   1.00 55.66  ? 609 ASP A N     1 
ATOM   1344 C CA    . ASP A 1 170 ? -10.770 -9.492  2.655   1.00 59.36  ? 609 ASP A CA    1 
ATOM   1345 C C     . ASP A 1 170 ? -11.116 -8.850  1.311   1.00 62.75  ? 609 ASP A C     1 
ATOM   1346 O O     . ASP A 1 170 ? -11.860 -9.437  0.503   1.00 56.33  ? 609 ASP A O     1 
ATOM   1347 C CB    . ASP A 1 170 ? -11.619 -8.837  3.733   1.00 66.00  ? 609 ASP A CB    1 
ATOM   1348 C CG    . ASP A 1 170 ? -11.554 -9.578  5.069   1.00 70.09  ? 609 ASP A CG    1 
ATOM   1349 O OD1   . ASP A 1 170 ? -10.931 -10.674 5.153   1.00 62.32  ? 609 ASP A OD1   1 
ATOM   1350 O OD2   . ASP A 1 170 ? -12.139 -9.047  6.043   1.00 72.26  ? 609 ASP A OD2   1 
ATOM   1351 N N     . ASN A 1 171 ? -10.599 -7.644  1.061   1.00 52.89  ? 610 ASN A N     1 
ATOM   1352 C CA    . ASN A 1 171 ? -10.879 -6.997  -0.237  1.00 53.33  ? 610 ASN A CA    1 
ATOM   1353 C C     . ASN A 1 171 ? -10.224 -7.694  -1.410  1.00 50.56  ? 610 ASN A C     1 
ATOM   1354 O O     . ASN A 1 171 ? -10.836 -7.866  -2.472  1.00 54.18  ? 610 ASN A O     1 
ATOM   1355 C CB    . ASN A 1 171 ? -10.474 -5.523  -0.198  1.00 59.76  ? 610 ASN A CB    1 
ATOM   1356 C CG    . ASN A 1 171 ? -11.486 -4.682  0.526   1.00 55.90  ? 610 ASN A CG    1 
ATOM   1357 O OD1   . ASN A 1 171 ? -12.670 -4.839  0.317   1.00 63.16  ? 610 ASN A OD1   1 
ATOM   1358 N ND2   . ASN A 1 171 ? -11.030 -3.790  1.371   1.00 56.16  ? 610 ASN A ND2   1 
ATOM   1359 N N     . PHE A 1 172 ? -8.978  -8.111  -1.212  1.00 53.00  ? 611 PHE A N     1 
ATOM   1360 C CA    . PHE A 1 172 ? -8.222  -8.859  -2.216  1.00 52.34  ? 611 PHE A CA    1 
ATOM   1361 C C     . PHE A 1 172 ? -9.047  -10.075 -2.608  1.00 60.17  ? 611 PHE A C     1 
ATOM   1362 O O     . PHE A 1 172 ? -9.228  -10.333 -3.807  1.00 53.00  ? 611 PHE A O     1 
ATOM   1363 C CB    . PHE A 1 172 ? -6.859  -9.265  -1.633  1.00 52.97  ? 611 PHE A CB    1 
ATOM   1364 C CG    . PHE A 1 172 ? -6.018  -10.187 -2.501  1.00 54.50  ? 611 PHE A CG    1 
ATOM   1365 C CD1   . PHE A 1 172 ? -5.141  -9.677  -3.444  1.00 57.62  ? 611 PHE A CD1   1 
ATOM   1366 C CD2   . PHE A 1 172 ? -6.016  -11.568 -2.274  1.00 61.36  ? 611 PHE A CD2   1 
ATOM   1367 C CE1   . PHE A 1 172 ? -4.327  -10.506 -4.189  1.00 60.38  ? 611 PHE A CE1   1 
ATOM   1368 C CE2   . PHE A 1 172 ? -5.209  -12.408 -3.019  1.00 62.12  ? 611 PHE A CE2   1 
ATOM   1369 C CZ    . PHE A 1 172 ? -4.353  -11.871 -3.977  1.00 66.71  ? 611 PHE A CZ    1 
ATOM   1370 N N     . ASN A 1 173 ? -9.569  -10.791 -1.601  1.00 56.40  ? 612 ASN A N     1 
ATOM   1371 C CA    . ASN A 1 173 ? -10.427 -11.975 -1.840  1.00 61.33  ? 612 ASN A CA    1 
ATOM   1372 C C     . ASN A 1 173 ? -11.767 -11.624 -2.461  1.00 56.73  ? 612 ASN A C     1 
ATOM   1373 O O     . ASN A 1 173 ? -12.164 -12.270 -3.404  1.00 64.03  ? 612 ASN A O     1 
ATOM   1374 C CB    . ASN A 1 173 ? -10.644 -12.819 -0.559  1.00 61.52  ? 612 ASN A CB    1 
ATOM   1375 C CG    . ASN A 1 173 ? -9.409  -13.589 -0.161  1.00 59.08  ? 612 ASN A CG    1 
ATOM   1376 O OD1   . ASN A 1 173 ? -8.741  -14.217 -0.994  1.00 61.05  ? 612 ASN A OD1   1 
ATOM   1377 N ND2   . ASN A 1 173 ? -9.058  -13.502 1.105   1.00 66.01  ? 612 ASN A ND2   1 
ATOM   1378 N N     . GLU A 1 174 ? -12.454 -10.599 -1.965  1.00 62.77  ? 613 GLU A N     1 
ATOM   1379 C CA    . GLU A 1 174 ? -13.702 -10.144 -2.601  1.00 66.70  ? 613 GLU A CA    1 
ATOM   1380 C C     . GLU A 1 174 ? -13.551 -9.875  -4.106  1.00 71.07  ? 613 GLU A C     1 
ATOM   1381 O O     . GLU A 1 174 ? -14.420 -10.234 -4.921  1.00 68.68  ? 613 GLU A O     1 
ATOM   1382 C CB    . GLU A 1 174 ? -14.205 -8.881  -1.918  1.00 74.76  ? 613 GLU A CB    1 
ATOM   1383 C CG    . GLU A 1 174 ? -15.548 -8.358  -2.426  1.00 77.70  ? 613 GLU A CG    1 
ATOM   1384 C CD    . GLU A 1 174 ? -15.860 -6.993  -1.854  1.00 81.32  ? 613 GLU A CD    1 
ATOM   1385 O OE1   . GLU A 1 174 ? -15.280 -6.662  -0.800  1.00 89.61  ? 613 GLU A OE1   1 
ATOM   1386 O OE2   . GLU A 1 174 ? -16.651 -6.245  -2.457  1.00 82.39  ? 613 GLU A OE2   1 
ATOM   1387 N N     . VAL A 1 175 ? -12.452 -9.227  -4.475  1.00 69.10  ? 614 VAL A N     1 
ATOM   1388 C CA    . VAL A 1 175 ? -12.210 -8.907  -5.871  1.00 65.27  ? 614 VAL A CA    1 
ATOM   1389 C C     . VAL A 1 175 ? -11.850 -10.145 -6.691  1.00 62.27  ? 614 VAL A C     1 
ATOM   1390 O O     . VAL A 1 175 ? -12.322 -10.296 -7.814  1.00 52.44  ? 614 VAL A O     1 
ATOM   1391 C CB    . VAL A 1 175 ? -11.126 -7.835  -6.045  1.00 60.46  ? 614 VAL A CB    1 
ATOM   1392 C CG1   . VAL A 1 175 ? -10.815 -7.640  -7.521  1.00 64.73  ? 614 VAL A CG1   1 
ATOM   1393 C CG2   . VAL A 1 175 ? -11.594 -6.532  -5.432  1.00 59.59  ? 614 VAL A CG2   1 
ATOM   1394 N N     . LEU A 1 176 ? -11.024 -11.035 -6.164  1.00 65.74  ? 615 LEU A N     1 
ATOM   1395 C CA    . LEU A 1 176 ? -10.672 -12.212 -6.949  1.00 72.55  ? 615 LEU A CA    1 
ATOM   1396 C C     . LEU A 1 176 ? -11.826 -13.263 -7.036  1.00 75.45  ? 615 LEU A C     1 
ATOM   1397 O O     . LEU A 1 176 ? -11.772 -14.151 -7.880  1.00 80.73  ? 615 LEU A O     1 
ATOM   1398 C CB    . LEU A 1 176 ? -9.330  -12.802 -6.492  1.00 73.74  ? 615 LEU A CB    1 
ATOM   1399 C CG    . LEU A 1 176 ? -8.123  -11.851 -6.562  1.00 79.40  ? 615 LEU A CG    1 
ATOM   1400 C CD1   . LEU A 1 176 ? -6.824  -12.604 -6.314  1.00 81.38  ? 615 LEU A CD1   1 
ATOM   1401 C CD2   . LEU A 1 176 ? -8.050  -11.101 -7.890  1.00 82.73  ? 615 LEU A CD2   1 
ATOM   1402 N N     . GLU A 1 177 ? -12.866 -13.142 -6.203  1.00 72.84  ? 616 GLU A N     1 
ATOM   1403 C CA    . GLU A 1 177 ? -14.093 -13.919 -6.423  1.00 80.51  ? 616 GLU A CA    1 
ATOM   1404 C C     . GLU A 1 177 ? -14.646 -13.501 -7.778  1.00 82.59  ? 616 GLU A C     1 
ATOM   1405 O O     . GLU A 1 177 ? -14.595 -14.289 -8.706  1.00 81.12  ? 616 GLU A O     1 
ATOM   1406 C CB    . GLU A 1 177 ? -15.148 -13.701 -5.332  1.00 77.66  ? 616 GLU A CB    1 
ATOM   1407 N N     . GLU A 1 178 ? -15.104 -12.248 -7.895  1.00 81.67  ? 617 GLU A N     1 
ATOM   1408 C CA    . GLU A 1 178 ? -15.705 -11.725 -9.135  1.00 78.11  ? 617 GLU A CA    1 
ATOM   1409 C C     . GLU A 1 178 ? -14.852 -11.915 -10.391 1.00 78.46  ? 617 GLU A C     1 
ATOM   1410 O O     . GLU A 1 178 ? -15.416 -11.938 -11.483 1.00 78.37  ? 617 GLU A O     1 
ATOM   1411 C CB    . GLU A 1 178 ? -16.004 -10.213 -9.034  1.00 89.02  ? 617 GLU A CB    1 
ATOM   1412 C CG    . GLU A 1 178 ? -17.220 -9.776  -8.213  1.00 96.00  ? 617 GLU A CG    1 
ATOM   1413 C CD    . GLU A 1 178 ? -17.632 -8.314  -8.485  1.00 101.20 ? 617 GLU A CD    1 
ATOM   1414 O OE1   . GLU A 1 178 ? -18.703 -8.088  -9.128  1.00 90.73  ? 617 GLU A OE1   1 
ATOM   1415 O OE2   . GLU A 1 178 ? -16.873 -7.381  -8.075  1.00 90.33  ? 617 GLU A OE2   1 
ATOM   1416 N N     . TYR A 1 179 ? -13.517 -11.995 -10.254 1.00 69.58  ? 618 TYR A N     1 
ATOM   1417 C CA    . TYR A 1 179 ? -12.603 -12.040 -11.415 1.00 73.68  ? 618 TYR A CA    1 
ATOM   1418 C C     . TYR A 1 179 ? -11.519 -13.083 -11.237 1.00 73.17  ? 618 TYR A C     1 
ATOM   1419 O O     . TYR A 1 179 ? -10.328 -12.751 -11.199 1.00 76.53  ? 618 TYR A O     1 
ATOM   1420 C CB    . TYR A 1 179 ? -11.927 -10.678 -11.671 1.00 71.61  ? 618 TYR A CB    1 
ATOM   1421 C CG    . TYR A 1 179 ? -12.889 -9.560  -11.897 1.00 69.22  ? 618 TYR A CG    1 
ATOM   1422 C CD1   . TYR A 1 179 ? -13.322 -9.223  -13.183 1.00 68.57  ? 618 TYR A CD1   1 
ATOM   1423 C CD2   . TYR A 1 179 ? -13.379 -8.834  -10.823 1.00 64.85  ? 618 TYR A CD2   1 
ATOM   1424 C CE1   . TYR A 1 179 ? -14.232 -8.194  -13.376 1.00 68.70  ? 618 TYR A CE1   1 
ATOM   1425 C CE2   . TYR A 1 179 ? -14.285 -7.811  -11.001 1.00 68.12  ? 618 TYR A CE2   1 
ATOM   1426 C CZ    . TYR A 1 179 ? -14.705 -7.491  -12.273 1.00 69.14  ? 618 TYR A CZ    1 
ATOM   1427 O OH    . TYR A 1 179 ? -15.582 -6.453  -12.415 1.00 70.25  ? 618 TYR A OH    1 
ATOM   1428 N N     . PRO A 1 180 ? -11.919 -14.361 -11.178 1.00 86.32  ? 619 PRO A N     1 
ATOM   1429 C CA    . PRO A 1 180 ? -10.998 -15.457 -10.833 1.00 86.41  ? 619 PRO A CA    1 
ATOM   1430 C C     . PRO A 1 180 ? -9.783  -15.563 -11.761 1.00 75.50  ? 619 PRO A C     1 
ATOM   1431 O O     . PRO A 1 180 ? -8.730  -16.038 -11.350 1.00 83.02  ? 619 PRO A O     1 
ATOM   1432 C CB    . PRO A 1 180 ? -11.883 -16.717 -10.942 1.00 94.42  ? 619 PRO A CB    1 
ATOM   1433 C CG    . PRO A 1 180 ? -13.297 -16.225 -10.978 1.00 91.88  ? 619 PRO A CG    1 
ATOM   1434 C CD    . PRO A 1 180 ? -13.233 -14.868 -11.616 1.00 89.77  ? 619 PRO A CD    1 
ATOM   1435 N N     . MET A 1 181 ? -9.945  -15.127 -13.002 1.00 69.89  ? 620 MET A N     1 
ATOM   1436 C CA    . MET A 1 181 ? -8.858  -15.082 -13.971 1.00 69.75  ? 620 MET A CA    1 
ATOM   1437 C C     . MET A 1 181 ? -7.587  -14.364 -13.468 1.00 69.39  ? 620 MET A C     1 
ATOM   1438 O O     . MET A 1 181 ? -6.468  -14.725 -13.856 1.00 72.07  ? 620 MET A O     1 
ATOM   1439 C CB    . MET A 1 181 ? -9.375  -14.387 -15.248 1.00 70.55  ? 620 MET A CB    1 
ATOM   1440 N N     . MET A 1 182 ? -7.744  -13.340 -12.619 1.00 66.39  ? 621 MET A N     1 
ATOM   1441 C CA    . MET A 1 182 ? -6.582  -12.511 -12.203 1.00 58.26  ? 621 MET A CA    1 
ATOM   1442 C C     . MET A 1 182 ? -5.780  -13.143 -11.047 1.00 55.42  ? 621 MET A C     1 
ATOM   1443 O O     . MET A 1 182 ? -4.609  -12.834 -10.847 1.00 56.58  ? 621 MET A O     1 
ATOM   1444 C CB    . MET A 1 182 ? -7.036  -11.089 -11.816 1.00 58.37  ? 621 MET A CB    1 
ATOM   1445 C CG    . MET A 1 182 ? -7.715  -10.330 -12.942 1.00 55.78  ? 621 MET A CG    1 
ATOM   1446 S SD    . MET A 1 182 ? -6.668  -10.206 -14.400 1.00 59.66  ? 621 MET A SD    1 
ATOM   1447 C CE    . MET A 1 182 ? -5.203  -9.361  -13.812 1.00 49.83  ? 621 MET A CE    1 
ATOM   1448 N N     . ARG A 1 183 ? -6.388  -14.040 -10.291 1.00 56.96  ? 622 ARG A N     1 
ATOM   1449 C CA    . ARG A 1 183 ? -5.615  -14.771 -9.296  1.00 57.37  ? 622 ARG A CA    1 
ATOM   1450 C C     . ARG A 1 183 ? -4.414  -15.472 -9.943  1.00 52.03  ? 622 ARG A C     1 
ATOM   1451 O O     . ARG A 1 183 ? -3.299  -15.412 -9.408  1.00 52.27  ? 622 ARG A O     1 
ATOM   1452 C CB    . ARG A 1 183 ? -6.504  -15.738 -8.575  1.00 60.00  ? 622 ARG A CB    1 
ATOM   1453 C CG    . ARG A 1 183 ? -5.907  -16.324 -7.322  1.00 64.59  ? 622 ARG A CG    1 
ATOM   1454 C CD    . ARG A 1 183 ? -6.938  -17.263 -6.709  1.00 64.91  ? 622 ARG A CD    1 
ATOM   1455 N NE    . ARG A 1 183 ? -7.807  -16.539 -5.791  1.00 71.35  ? 622 ARG A NE    1 
ATOM   1456 C CZ    . ARG A 1 183 ? -7.543  -16.322 -4.503  1.00 71.16  ? 622 ARG A CZ    1 
ATOM   1457 N NH1   . ARG A 1 183 ? -6.432  -16.785 -3.954  1.00 74.63  ? 622 ARG A NH1   1 
ATOM   1458 N NH2   . ARG A 1 183 ? -8.402  -15.635 -3.754  1.00 71.68  ? 622 ARG A NH2   1 
ATOM   1459 N N     . ARG A 1 184 ? -4.602  -16.066 -11.117 1.00 55.93  ? 623 ARG A N     1 
ATOM   1460 C CA    . ARG A 1 184 ? -3.512  -16.821 -11.744 1.00 64.87  ? 623 ARG A CA    1 
ATOM   1461 C C     . ARG A 1 184 ? -2.358  -15.918 -12.156 1.00 64.86  ? 623 ARG A C     1 
ATOM   1462 O O     . ARG A 1 184 ? -1.198  -16.338 -12.152 1.00 60.47  ? 623 ARG A O     1 
ATOM   1463 C CB    . ARG A 1 184 ? -3.996  -17.656 -12.935 1.00 75.41  ? 623 ARG A CB    1 
ATOM   1464 C CG    . ARG A 1 184 ? -4.302  -19.109 -12.566 1.00 88.90  ? 623 ARG A CG    1 
ATOM   1465 C CD    . ARG A 1 184 ? -5.190  -19.822 -13.584 1.00 97.23  ? 623 ARG A CD    1 
ATOM   1466 N NE    . ARG A 1 184 ? -4.467  -20.152 -14.817 1.00 100.60 ? 623 ARG A NE    1 
ATOM   1467 C CZ    . ARG A 1 184 ? -4.411  -19.396 -15.917 1.00 100.88 ? 623 ARG A CZ    1 
ATOM   1468 N NH1   . ARG A 1 184 ? -5.043  -18.227 -15.994 1.00 99.75  ? 623 ARG A NH1   1 
ATOM   1469 N NH2   . ARG A 1 184 ? -3.710  -19.820 -16.964 1.00 101.85 ? 623 ARG A NH2   1 
ATOM   1470 N N     . ALA A 1 185 ? -2.674  -14.676 -12.504 1.00 64.44  ? 624 ALA A N     1 
ATOM   1471 C CA    . ALA A 1 185 ? -1.631  -13.707 -12.850 1.00 68.87  ? 624 ALA A CA    1 
ATOM   1472 C C     . ALA A 1 185 ? -0.731  -13.428 -11.635 1.00 61.91  ? 624 ALA A C     1 
ATOM   1473 O O     . ALA A 1 185 ? 0.495   -13.486 -11.768 1.00 67.82  ? 624 ALA A O     1 
ATOM   1474 C CB    . ALA A 1 185 ? -2.236  -12.420 -13.411 1.00 71.69  ? 624 ALA A CB    1 
ATOM   1475 N N     . PHE A 1 186 ? -1.323  -13.190 -10.458 1.00 55.74  ? 625 PHE A N     1 
ATOM   1476 C CA    . PHE A 1 186 ? -0.519  -13.030 -9.221  1.00 56.42  ? 625 PHE A CA    1 
ATOM   1477 C C     . PHE A 1 186 ? 0.318   -14.286 -8.896  1.00 54.59  ? 625 PHE A C     1 
ATOM   1478 O O     . PHE A 1 186 ? 1.492   -14.178 -8.514  1.00 57.26  ? 625 PHE A O     1 
ATOM   1479 C CB    . PHE A 1 186 ? -1.390  -12.715 -8.001  1.00 51.65  ? 625 PHE A CB    1 
ATOM   1480 C CG    . PHE A 1 186 ? -1.930  -11.306 -7.956  1.00 55.54  ? 625 PHE A CG    1 
ATOM   1481 C CD1   . PHE A 1 186 ? -1.099  -10.238 -7.633  1.00 54.89  ? 625 PHE A CD1   1 
ATOM   1482 C CD2   . PHE A 1 186 ? -3.278  -11.055 -8.189  1.00 51.70  ? 625 PHE A CD2   1 
ATOM   1483 C CE1   . PHE A 1 186 ? -1.596  -8.943  -7.552  1.00 57.83  ? 625 PHE A CE1   1 
ATOM   1484 C CE2   . PHE A 1 186 ? -3.783  -9.763  -8.112  1.00 62.82  ? 625 PHE A CE2   1 
ATOM   1485 C CZ    . PHE A 1 186 ? -2.943  -8.698  -7.793  1.00 57.55  ? 625 PHE A CZ    1 
ATOM   1486 N N     . GLU A 1 187 ? -0.291  -15.465 -9.039  1.00 56.37  ? 626 GLU A N     1 
ATOM   1487 C CA    . GLU A 1 187 ? 0.370   -16.739 -8.682  1.00 57.25  ? 626 GLU A CA    1 
ATOM   1488 C C     . GLU A 1 187 ? 1.624   -16.960 -9.488  1.00 52.10  ? 626 GLU A C     1 
ATOM   1489 O O     . GLU A 1 187 ? 2.659   -17.310 -8.940  1.00 55.08  ? 626 GLU A O     1 
ATOM   1490 C CB    . GLU A 1 187 ? -0.562  -17.925 -8.889  1.00 61.64  ? 626 GLU A CB    1 
ATOM   1491 C CG    . GLU A 1 187 ? -1.699  -17.992 -7.892  1.00 69.10  ? 626 GLU A CG    1 
ATOM   1492 C CD    . GLU A 1 187 ? -2.826  -18.963 -8.291  1.00 83.80  ? 626 GLU A CD    1 
ATOM   1493 O OE1   . GLU A 1 187 ? -3.603  -19.386 -7.390  1.00 78.98  ? 626 GLU A OE1   1 
ATOM   1494 O OE2   . GLU A 1 187 ? -2.954  -19.295 -9.499  1.00 82.79  ? 626 GLU A OE2   1 
ATOM   1495 N N     . THR A 1 188 ? 1.520   -16.723 -10.790 1.00 58.79  ? 627 THR A N     1 
ATOM   1496 C CA    . THR A 1 188 ? 2.646   -16.907 -11.726 1.00 63.78  ? 627 THR A CA    1 
ATOM   1497 C C     . THR A 1 188 ? 3.813   -16.002 -11.423 1.00 60.98  ? 627 THR A C     1 
ATOM   1498 O O     . THR A 1 188 ? 4.978   -16.398 -11.590 1.00 61.94  ? 627 THR A O     1 
ATOM   1499 C CB    . THR A 1 188 ? 2.207   -16.652 -13.187 1.00 64.85  ? 627 THR A CB    1 
ATOM   1500 O OG1   . THR A 1 188 ? 1.163   -17.574 -13.509 1.00 68.12  ? 627 THR A OG1   1 
ATOM   1501 C CG2   . THR A 1 188 ? 3.374   -16.829 -14.178 1.00 66.21  ? 627 THR A CG2   1 
ATOM   1502 N N     . VAL A 1 189 ? 3.519   -14.780 -10.976 1.00 59.76  ? 628 VAL A N     1 
ATOM   1503 C CA    . VAL A 1 189 ? 4.594   -13.912 -10.526 1.00 50.03  ? 628 VAL A CA    1 
ATOM   1504 C C     . VAL A 1 189 ? 5.065   -14.384 -9.141  1.00 50.24  ? 628 VAL A C     1 
ATOM   1505 O O     . VAL A 1 189 ? 6.272   -14.383 -8.882  1.00 51.90  ? 628 VAL A O     1 
ATOM   1506 C CB    . VAL A 1 189 ? 4.217   -12.416 -10.628 1.00 54.36  ? 628 VAL A CB    1 
ATOM   1507 C CG1   . VAL A 1 189 ? 5.166   -11.532 -9.842  1.00 49.37  ? 628 VAL A CG1   1 
ATOM   1508 C CG2   . VAL A 1 189 ? 4.209   -11.987 -12.098 1.00 53.47  ? 628 VAL A CG2   1 
ATOM   1509 N N     . ALA A 1 190 ? 4.140   -14.811 -8.260  1.00 52.72  ? 629 ALA A N     1 
ATOM   1510 C CA    . ALA A 1 190 ? 4.526   -15.296 -6.920  1.00 52.98  ? 629 ALA A CA    1 
ATOM   1511 C C     . ALA A 1 190 ? 5.457   -16.504 -7.019  1.00 52.70  ? 629 ALA A C     1 
ATOM   1512 O O     . ALA A 1 190 ? 6.483   -16.597 -6.327  1.00 50.66  ? 629 ALA A O     1 
ATOM   1513 C CB    . ALA A 1 190 ? 3.314   -15.658 -6.078  1.00 54.56  ? 629 ALA A CB    1 
ATOM   1514 N N     . ILE A 1 191 ? 5.085   -17.434 -7.881  1.00 55.81  ? 630 ILE A N     1 
ATOM   1515 C CA    . ILE A 1 191 ? 5.911   -18.613 -8.074  1.00 59.74  ? 630 ILE A CA    1 
ATOM   1516 C C     . ILE A 1 191 ? 7.280   -18.157 -8.537  1.00 57.08  ? 630 ILE A C     1 
ATOM   1517 O O     . ILE A 1 191 ? 8.288   -18.517 -7.948  1.00 63.85  ? 630 ILE A O     1 
ATOM   1518 C CB    . ILE A 1 191 ? 5.250   -19.572 -9.068  1.00 63.03  ? 630 ILE A CB    1 
ATOM   1519 C CG1   . ILE A 1 191 ? 3.993   -20.154 -8.430  1.00 59.91  ? 630 ILE A CG1   1 
ATOM   1520 C CG2   . ILE A 1 191 ? 6.206   -20.690 -9.480  1.00 71.92  ? 630 ILE A CG2   1 
ATOM   1521 C CD1   . ILE A 1 191 ? 2.934   -20.523 -9.432  1.00 60.06  ? 630 ILE A CD1   1 
ATOM   1522 N N     . ASP A 1 192 ? 7.297   -17.352 -9.590  1.00 63.69  ? 631 ASP A N     1 
ATOM   1523 C CA    . ASP A 1 192 ? 8.511   -16.722 -10.121 1.00 63.93  ? 631 ASP A CA    1 
ATOM   1524 C C     . ASP A 1 192 ? 9.410   -16.186 -9.000  1.00 66.03  ? 631 ASP A C     1 
ATOM   1525 O O     . ASP A 1 192 ? 10.631  -16.429 -8.988  1.00 62.54  ? 631 ASP A O     1 
ATOM   1526 C CB    . ASP A 1 192 ? 8.108   -15.552 -11.037 1.00 72.49  ? 631 ASP A CB    1 
ATOM   1527 C CG    . ASP A 1 192 ? 8.669   -15.662 -12.433 1.00 77.95  ? 631 ASP A CG    1 
ATOM   1528 O OD1   . ASP A 1 192 ? 8.607   -16.756 -13.030 1.00 89.93  ? 631 ASP A OD1   1 
ATOM   1529 O OD2   . ASP A 1 192 ? 9.142   -14.629 -12.951 1.00 82.79  ? 631 ASP A OD2   1 
ATOM   1530 N N     . ARG A 1 193 ? 8.796   -15.469 -8.050  1.00 57.02  ? 632 ARG A N     1 
ATOM   1531 C CA    . ARG A 1 193 ? 9.546   -14.789 -6.997  1.00 57.69  ? 632 ARG A CA    1 
ATOM   1532 C C     . ARG A 1 193 ? 10.113  -15.745 -5.962  1.00 56.92  ? 632 ARG A C     1 
ATOM   1533 O O     . ARG A 1 193 ? 11.255  -15.567 -5.498  1.00 57.05  ? 632 ARG A O     1 
ATOM   1534 C CB    . ARG A 1 193 ? 8.669   -13.730 -6.290  1.00 60.44  ? 632 ARG A CB    1 
ATOM   1535 C CG    . ARG A 1 193 ? 8.419   -12.498 -7.149  1.00 57.85  ? 632 ARG A CG    1 
ATOM   1536 C CD    . ARG A 1 193 ? 7.336   -11.586 -6.585  1.00 58.84  ? 632 ARG A CD    1 
ATOM   1537 N NE    . ARG A 1 193 ? 7.400   -10.249 -7.190  1.00 59.16  ? 632 ARG A NE    1 
ATOM   1538 C CZ    . ARG A 1 193 ? 6.716   -9.189  -6.762  1.00 54.45  ? 632 ARG A CZ    1 
ATOM   1539 N NH1   . ARG A 1 193 ? 5.873   -9.291  -5.733  1.00 48.24  ? 632 ARG A NH1   1 
ATOM   1540 N NH2   . ARG A 1 193 ? 6.874   -8.028  -7.375  1.00 51.57  ? 632 ARG A NH2   1 
ATOM   1541 N N     . LEU A 1 194 ? 9.310   -16.724 -5.564  1.00 57.47  ? 633 LEU A N     1 
ATOM   1542 C CA    . LEU A 1 194 ? 9.767   -17.725 -4.601  1.00 62.63  ? 633 LEU A CA    1 
ATOM   1543 C C     . LEU A 1 194 ? 10.944  -18.553 -5.136  1.00 71.86  ? 633 LEU A C     1 
ATOM   1544 O O     . LEU A 1 194 ? 11.846  -18.938 -4.368  1.00 70.10  ? 633 LEU A O     1 
ATOM   1545 C CB    . LEU A 1 194 ? 8.628   -18.653 -4.229  1.00 67.42  ? 633 LEU A CB    1 
ATOM   1546 C CG    . LEU A 1 194 ? 7.553   -18.024 -3.365  1.00 64.85  ? 633 LEU A CG    1 
ATOM   1547 C CD1   . LEU A 1 194 ? 6.393   -18.995 -3.245  1.00 68.43  ? 633 LEU A CD1   1 
ATOM   1548 C CD2   . LEU A 1 194 ? 8.127   -17.660 -2.008  1.00 64.38  ? 633 LEU A CD2   1 
ATOM   1549 N N     . ASP A 1 195 ? 10.959  -18.801 -6.446  1.00 75.54  ? 634 ASP A N     1 
ATOM   1550 C CA    . ASP A 1 195 ? 11.997  -19.657 -7.023  1.00 85.10  ? 634 ASP A CA    1 
ATOM   1551 C C     . ASP A 1 195 ? 13.312  -18.934 -7.227  1.00 85.36  ? 634 ASP A C     1 
ATOM   1552 O O     . ASP A 1 195 ? 14.335  -19.567 -7.455  1.00 90.63  ? 634 ASP A O     1 
ATOM   1553 C CB    . ASP A 1 195 ? 11.505  -20.342 -8.296  1.00 94.58  ? 634 ASP A CB    1 
ATOM   1554 C CG    . ASP A 1 195 ? 10.588  -21.524 -7.983  1.00 107.87 ? 634 ASP A CG    1 
ATOM   1555 O OD1   . ASP A 1 195 ? 9.391   -21.303 -7.671  1.00 112.86 ? 634 ASP A OD1   1 
ATOM   1556 O OD2   . ASP A 1 195 ? 11.074  -22.680 -8.006  1.00 113.19 ? 634 ASP A OD2   1 
ATOM   1557 N N     . ARG A 1 196 ? 13.289  -17.612 -7.112  1.00 88.44  ? 635 ARG A N     1 
ATOM   1558 C CA    . ARG A 1 196 ? 14.524  -16.830 -7.076  1.00 92.25  ? 635 ARG A CA    1 
ATOM   1559 C C     . ARG A 1 196 ? 15.045  -16.629 -5.646  1.00 91.58  ? 635 ARG A C     1 
ATOM   1560 O O     . ARG A 1 196 ? 15.984  -15.862 -5.435  1.00 89.27  ? 635 ARG A O     1 
ATOM   1561 C CB    . ARG A 1 196 ? 14.319  -15.494 -7.787  1.00 91.55  ? 635 ARG A CB    1 
ATOM   1562 C CG    . ARG A 1 196 ? 14.239  -15.671 -9.291  1.00 101.53 ? 635 ARG A CG    1 
ATOM   1563 C CD    . ARG A 1 196 ? 13.826  -14.390 -9.982  1.00 107.46 ? 635 ARG A CD    1 
ATOM   1564 N NE    . ARG A 1 196 ? 12.404  -14.103 -9.793  1.00 111.59 ? 635 ARG A NE    1 
ATOM   1565 C CZ    . ARG A 1 196 ? 11.782  -13.030 -10.275 1.00 103.68 ? 635 ARG A CZ    1 
ATOM   1566 N NH1   . ARG A 1 196 ? 12.450  -12.125 -10.976 1.00 105.53 ? 635 ARG A NH1   1 
ATOM   1567 N NH2   . ARG A 1 196 ? 10.484  -12.857 -10.056 1.00 103.56 ? 635 ARG A NH2   1 
ATOM   1568 N N     . ILE A 1 197 ? 14.444  -17.320 -4.670  1.00 89.35  ? 636 ILE A N     1 
ATOM   1569 C CA    . ILE A 1 197 ? 14.951  -17.326 -3.299  1.00 84.80  ? 636 ILE A CA    1 
ATOM   1570 C C     . ILE A 1 197 ? 14.837  -18.704 -2.629  1.00 92.27  ? 636 ILE A C     1 
ATOM   1571 O O     . ILE A 1 197 ? 14.668  -18.800 -1.408  1.00 93.83  ? 636 ILE A O     1 
ATOM   1572 C CB    . ILE A 1 197 ? 14.246  -16.267 -2.425  1.00 89.21  ? 636 ILE A CB    1 
ATOM   1573 C CG1   . ILE A 1 197 ? 12.762  -16.612 -2.195  1.00 91.97  ? 636 ILE A CG1   1 
ATOM   1574 C CG2   . ILE A 1 197 ? 14.368  -14.885 -3.055  1.00 87.72  ? 636 ILE A CG2   1 
ATOM   1575 C CD1   . ILE A 1 197 ? 12.191  -16.046 -0.905  1.00 91.86  ? 636 ILE A CD1   1 
ATOM   1576 N N     . GLY A 1 198 ? 14.914  -19.769 -3.421  1.00 93.22  ? 637 GLY A N     1 
ATOM   1577 C CA    . GLY A 1 198 ? 14.996  -21.127 -2.882  1.00 99.45  ? 637 GLY A CA    1 
ATOM   1578 C C     . GLY A 1 198 ? 13.718  -21.765 -2.350  1.00 106.65 ? 637 GLY A C     1 
ATOM   1579 O O     . GLY A 1 198 ? 13.708  -22.976 -2.075  1.00 107.97 ? 637 GLY A O     1 
ATOM   1580 N N     . LYS A 1 199 ? 12.648  -20.977 -2.197  1.00 99.39  ? 638 LYS A N     1 
ATOM   1581 C CA    . LYS A 1 199 ? 11.375  -21.500 -1.706  1.00 100.78 ? 638 LYS A CA    1 
ATOM   1582 C C     . LYS A 1 199 ? 10.567  -22.101 -2.862  1.00 100.66 ? 638 LYS A C     1 
ATOM   1583 O O     . LYS A 1 199 ? 10.907  -21.920 -4.034  1.00 100.82 ? 638 LYS A O     1 
ATOM   1584 C CB    . LYS A 1 199 ? 10.574  -20.413 -0.973  1.00 98.16  ? 638 LYS A CB    1 
ATOM   1585 N N     . LYS A 1 200 ? 9.512   -22.835 -2.505  1.00 103.16 ? 639 LYS A N     1 
ATOM   1586 C CA    . LYS A 1 200 ? 8.656   -23.571 -3.456  1.00 96.71  ? 639 LYS A CA    1 
ATOM   1587 C C     . LYS A 1 200 ? 7.375   -24.015 -2.744  1.00 97.68  ? 639 LYS A C     1 
ATOM   1588 O O     . LYS A 1 200 ? 7.423   -24.865 -1.851  1.00 95.32  ? 639 LYS A O     1 
ATOM   1589 C CB    . LYS A 1 200 ? 9.389   -24.805 -4.005  1.00 93.95  ? 639 LYS A CB    1 
ATOM   1590 C CG    . LYS A 1 200 ? 9.571   -24.831 -5.513  1.00 91.73  ? 639 LYS A CG    1 
ATOM   1591 C CD    . LYS A 1 200 ? 8.591   -25.786 -6.197  1.00 91.36  ? 639 LYS A CD    1 
ATOM   1592 C CE    . LYS A 1 200 ? 7.847   -25.131 -7.359  1.00 91.18  ? 639 LYS A CE    1 
ATOM   1593 N NZ    . LYS A 1 200 ? 8.732   -24.372 -8.296  1.00 87.53  ? 639 LYS A NZ    1 
ATOM   1594 N N     . ASN A 1 201 ? 6.240   -23.436 -3.120  1.00 89.62  ? 640 ASN A N     1 
ATOM   1595 C CA    . ASN A 1 201 ? 4.974   -23.821 -2.512  1.00 90.03  ? 640 ASN A CA    1 
ATOM   1596 C C     . ASN A 1 201 ? 4.187   -24.742 -3.447  1.00 86.64  ? 640 ASN A C     1 
ATOM   1597 O O     . ASN A 1 201 ? 3.983   -24.406 -4.622  1.00 88.12  ? 640 ASN A O     1 
ATOM   1598 C CB    . ASN A 1 201 ? 4.146   -22.579 -2.160  1.00 87.65  ? 640 ASN A CB    1 
ATOM   1599 C CG    . ASN A 1 201 ? 3.380   -22.740 -0.860  1.00 86.08  ? 640 ASN A CG    1 
ATOM   1600 O OD1   . ASN A 1 201 ? 3.010   -23.848 -0.474  1.00 83.74  ? 640 ASN A OD1   1 
ATOM   1601 N ND2   . ASN A 1 201 ? 3.151   -21.638 -0.171  1.00 88.94  ? 640 ASN A ND2   1 
ATOM   1602 N N     . SER A 1 202 ? 3.765   -25.904 -2.929  1.00 80.12  ? 641 SER A N     1 
ATOM   1603 C CA    . SER A 1 202 ? 2.797   -26.773 -3.641  1.00 79.39  ? 641 SER A CA    1 
ATOM   1604 C C     . SER A 1 202 ? 1.482   -26.012 -3.861  1.00 74.12  ? 641 SER A C     1 
ATOM   1605 O O     . SER A 1 202 ? 0.764   -26.262 -4.830  1.00 74.07  ? 641 SER A O     1 
ATOM   1606 C CB    . SER A 1 202 ? 2.472   -28.068 -2.865  1.00 78.85  ? 641 SER A CB    1 
ATOM   1607 O OG    . SER A 1 202 ? 3.608   -28.746 -2.357  1.00 79.40  ? 641 SER A OG    1 
ATOM   1608 N N     . ILE A 1 203 ? 1.185   -25.086 -2.946  1.00 67.75  ? 642 ILE A N     1 
ATOM   1609 C CA    . ILE A 1 203 ? -0.065  -24.330 -2.950  1.00 69.49  ? 642 ILE A CA    1 
ATOM   1610 C C     . ILE A 1 203 ? -0.231  -23.473 -4.231  1.00 73.56  ? 642 ILE A C     1 
ATOM   1611 O O     . ILE A 1 203 ? -1.357  -23.197 -4.645  1.00 76.02  ? 642 ILE A O     1 
ATOM   1612 C CB    . ILE A 1 203 ? -0.183  -23.479 -1.665  1.00 74.18  ? 642 ILE A CB    1 
ATOM   1613 C CG1   . ILE A 1 203 ? -0.182  -24.383 -0.425  1.00 78.02  ? 642 ILE A CG1   1 
ATOM   1614 C CG2   . ILE A 1 203 ? -1.442  -22.622 -1.696  1.00 83.10  ? 642 ILE A CG2   1 
ATOM   1615 C CD1   . ILE A 1 203 ? -0.038  -23.639 0.889   1.00 83.26  ? 642 ILE A CD1   1 
ATOM   1616 N N     . LEU A 1 204 ? 0.879   -23.074 -4.860  1.00 77.67  ? 643 LEU A N     1 
ATOM   1617 C CA    . LEU A 1 204 ? 0.849   -22.415 -6.174  1.00 70.98  ? 643 LEU A CA    1 
ATOM   1618 C C     . LEU A 1 204 ? 1.477   -23.356 -7.204  1.00 69.21  ? 643 LEU A C     1 
ATOM   1619 O O     . LEU A 1 204 ? 0.780   -24.097 -7.899  1.00 72.56  ? 643 LEU A O     1 
ATOM   1620 C CB    . LEU A 1 204 ? 1.630   -21.098 -6.140  1.00 73.36  ? 643 LEU A CB    1 
ATOM   1621 C CG    . LEU A 1 204 ? 1.685   -20.292 -4.837  1.00 75.00  ? 643 LEU A CG    1 
ATOM   1622 C CD1   . LEU A 1 204 ? 2.866   -19.324 -4.823  1.00 74.88  ? 643 LEU A CD1   1 
ATOM   1623 C CD2   . LEU A 1 204 ? 0.376   -19.562 -4.632  1.00 71.77  ? 643 LEU A CD2   1 
HETATM 1624 N N1    . 6SX B 2 .   ? 11.540  -11.068 -5.408  1.00 64.71  ? 701 6SX A N1    1 
HETATM 1625 C C2    . 6SX B 2 .   ? 10.700  -10.006 -5.268  1.00 69.61  ? 701 6SX A C2    1 
HETATM 1626 C C4    . 6SX B 2 .   ? 9.749   -10.942 -3.357  1.00 58.25  ? 701 6SX A C4    1 
HETATM 1627 C C5    . 6SX B 2 .   ? 10.655  -12.102 -3.488  1.00 63.59  ? 701 6SX A C5    1 
HETATM 1628 C C6    . 6SX B 2 .   ? 11.546  -12.117 -4.563  1.00 58.90  ? 701 6SX A C6    1 
HETATM 1629 P P     . 6SX B 2 .   ? 4.700   -11.939 1.196   1.00 49.98  ? 701 6SX A P     1 
HETATM 1630 O O1P   . 6SX B 2 .   ? 3.248   -11.813 1.487   1.00 46.15  ? 701 6SX A O1P   1 
HETATM 1631 O O2P   . 6SX B 2 .   ? 5.445   -13.208 1.400   1.00 51.37  ? 701 6SX A O2P   1 
HETATM 1632 O "O3'" . 6SX B 2 .   ? 4.955   -11.582 -0.363  1.00 43.92  ? 701 6SX A "O3'" 1 
HETATM 1633 C "C3'" . 6SX B 2 .   ? 6.299   -11.409 -0.635  1.00 45.09  ? 701 6SX A "C3'" 1 
HETATM 1634 C "C4'" . 6SX B 2 .   ? 6.868   -10.316 0.228   1.00 47.69  ? 701 6SX A "C4'" 1 
HETATM 1635 C "C5'" . 6SX B 2 .   ? 6.842   -10.593 1.710   1.00 47.67  ? 701 6SX A "C5'" 1 
HETATM 1636 O "O5'" . 6SX B 2 .   ? 5.472   -10.812 2.018   1.00 48.64  ? 701 6SX A "O5'" 1 
HETATM 1637 C "C2'" . 6SX B 2 .   ? 6.612   -10.866 -2.006  1.00 49.83  ? 701 6SX A "C2'" 1 
HETATM 1638 O "O2'" . 6SX B 2 .   ? 5.647   -9.895  -2.412  1.00 49.33  ? 701 6SX A "O2'" 1 
HETATM 1639 C "C1'" . 6SX B 2 .   ? 7.975   -10.259 -1.764  1.00 52.05  ? 701 6SX A "C1'" 1 
HETATM 1640 O "O4'" . 6SX B 2 .   ? 8.150   -10.151 -0.362  1.00 50.01  ? 701 6SX A "O4'" 1 
HETATM 1641 N N9    . 6SX B 2 .   ? 9.020   -11.171 -2.278  1.00 62.14  ? 701 6SX A N9    1 
HETATM 1642 N N7    . 6SX B 2 .   ? 10.371  -12.930 -2.461  1.00 61.21  ? 701 6SX A N7    1 
HETATM 1643 C C8    . 6SX B 2 .   ? 9.375   -12.358 -1.736  1.00 63.21  ? 701 6SX A C8    1 
HETATM 1644 N N3    . 6SX B 2 .   ? 9.806   -9.933  -4.261  1.00 68.12  ? 701 6SX A N3    1 
HETATM 1645 O O     . HOH C 3 .   ? -5.052  -18.255 -5.062  1.00 61.45  ? 801 HOH A O     1 
HETATM 1646 O O     . HOH C 3 .   ? 11.993  13.230  6.582   1.00 61.05  ? 802 HOH A O     1 
HETATM 1647 O O     . HOH C 3 .   ? -5.857  12.986  -8.985  1.00 62.31  ? 803 HOH A O     1 
HETATM 1648 O O     . HOH C 3 .   ? -11.839 8.871   -14.513 1.00 45.63  ? 804 HOH A O     1 
HETATM 1649 O O     . HOH C 3 .   ? 6.730   6.104   9.247   1.00 50.53  ? 805 HOH A O     1 
HETATM 1650 O O     . HOH C 3 .   ? -2.127  6.897   23.723  1.00 63.37  ? 806 HOH A O     1 
HETATM 1651 O O     . HOH C 3 .   ? -20.974 10.875  3.341   1.00 57.11  ? 807 HOH A O     1 
HETATM 1652 O O     . HOH C 3 .   ? 3.809   21.323  8.597   1.00 61.49  ? 808 HOH A O     1 
HETATM 1653 O O     . HOH C 3 .   ? -4.022  11.673  -11.845 1.00 48.55  ? 809 HOH A O     1 
HETATM 1654 O O     . HOH C 3 .   ? -6.555  -1.379  -17.467 1.00 43.78  ? 810 HOH A O     1 
HETATM 1655 O O     . HOH C 3 .   ? -4.355  15.388  2.058   1.00 53.95  ? 811 HOH A O     1 
HETATM 1656 O O     . HOH C 3 .   ? -6.284  11.220  -18.591 1.00 46.79  ? 812 HOH A O     1 
HETATM 1657 O O     . HOH C 3 .   ? -3.884  5.323   -17.106 1.00 42.61  ? 813 HOH A O     1 
HETATM 1658 O O     . HOH C 3 .   ? -8.251  -2.619  1.178   1.00 46.81  ? 814 HOH A O     1 
HETATM 1659 O O     . HOH C 3 .   ? -10.284 0.919   -14.912 1.00 42.94  ? 815 HOH A O     1 
HETATM 1660 O O     . HOH C 3 .   ? -7.065  4.414   -13.952 1.00 40.92  ? 816 HOH A O     1 
HETATM 1661 O O     . HOH C 3 .   ? 10.135  -2.726  -9.307  1.00 54.47  ? 817 HOH A O     1 
HETATM 1662 O O     . HOH C 3 .   ? 0.051   6.438   5.978   1.00 48.77  ? 818 HOH A O     1 
HETATM 1663 O O     . HOH C 3 .   ? -24.456 4.633   -6.468  1.00 52.81  ? 819 HOH A O     1 
HETATM 1664 O O     . HOH C 3 .   ? -12.854 11.064  -16.119 1.00 62.43  ? 820 HOH A O     1 
HETATM 1665 O O     . HOH C 3 .   ? 3.349   -1.751  8.230   1.00 60.33  ? 821 HOH A O     1 
HETATM 1666 O O     . HOH C 3 .   ? -6.759  6.399   0.931   1.00 58.67  ? 822 HOH A O     1 
HETATM 1667 O O     . HOH C 3 .   ? -0.507  -6.959  7.318   1.00 54.79  ? 823 HOH A O     1 
HETATM 1668 O O     . HOH C 3 .   ? 2.558   -5.705  -13.109 1.00 47.84  ? 824 HOH A O     1 
HETATM 1669 O O     . HOH C 3 .   ? 12.972  9.791   0.236   1.00 63.39  ? 825 HOH A O     1 
HETATM 1670 O O     . HOH C 3 .   ? 6.317   10.914  0.140   1.00 51.39  ? 826 HOH A O     1 
HETATM 1671 O O     . HOH C 3 .   ? -2.058  9.576   -11.820 1.00 43.33  ? 827 HOH A O     1 
HETATM 1672 O O     . HOH C 3 .   ? 4.525   14.399  -4.162  1.00 74.86  ? 828 HOH A O     1 
HETATM 1673 O O     . HOH C 3 .   ? -9.060  8.843   -15.848 1.00 42.06  ? 829 HOH A O     1 
HETATM 1674 O O     . HOH C 3 .   ? -11.838 2.611   -16.543 1.00 58.33  ? 830 HOH A O     1 
HETATM 1675 O O     . HOH C 3 .   ? -5.397  -15.279 4.602   1.00 65.75  ? 831 HOH A O     1 
HETATM 1676 O O     . HOH C 3 .   ? -10.778 4.952   -17.039 1.00 64.11  ? 832 HOH A O     1 
HETATM 1677 O O     . HOH C 3 .   ? -13.254 6.667   -15.386 1.00 53.77  ? 833 HOH A O     1 
HETATM 1678 O O     . HOH C 3 .   ? -6.227  13.311  -20.423 1.00 46.70  ? 834 HOH A O     1 
HETATM 1679 O O     . HOH C 3 .   ? -10.869 6.324   -2.513  1.00 62.74  ? 835 HOH A O     1 
HETATM 1680 O O     . HOH C 3 .   ? -2.671  11.018  -1.766  1.00 64.01  ? 836 HOH A O     1 
HETATM 1681 O O     . HOH C 3 .   ? -6.427  4.754   -16.500 1.00 41.94  ? 837 HOH A O     1 
HETATM 1682 O O     . HOH C 3 .   ? -8.283  6.655   -17.196 1.00 46.82  ? 838 HOH A O     1 
HETATM 1683 O O     . HOH C 3 .   ? -8.857  10.727  -17.722 1.00 44.74  ? 839 HOH A O     1 
# 
loop_
_pdbx_poly_seq_scheme.asym_id 
_pdbx_poly_seq_scheme.entity_id 
_pdbx_poly_seq_scheme.seq_id 
_pdbx_poly_seq_scheme.mon_id 
_pdbx_poly_seq_scheme.ndb_seq_num 
_pdbx_poly_seq_scheme.pdb_seq_num 
_pdbx_poly_seq_scheme.auth_seq_num 
_pdbx_poly_seq_scheme.pdb_mon_id 
_pdbx_poly_seq_scheme.auth_mon_id 
_pdbx_poly_seq_scheme.pdb_strand_id 
_pdbx_poly_seq_scheme.pdb_ins_code 
_pdbx_poly_seq_scheme.hetero 
A 1 1   SER 1   440 ?   ?   ?   A . n 
A 1 2   ASN 2   441 ?   ?   ?   A . n 
A 1 3   ALA 3   442 ?   ?   ?   A . n 
A 1 4   ASP 4   443 443 ASP ASP A . n 
A 1 5   SER 5   444 444 SER SER A . n 
A 1 6   SER 6   445 445 SER SER A . n 
A 1 7   ARG 7   446 446 ARG ARG A . n 
A 1 8   ARG 8   447 447 ARG ARG A . n 
A 1 9   GLN 9   448 448 GLN GLN A . n 
A 1 10  TYR 10  449 449 TYR TYR A . n 
A 1 11  GLN 11  450 450 GLN GLN A . n 
A 1 12  GLU 12  451 451 GLU GLU A . n 
A 1 13  LYS 13  452 452 LYS LYS A . n 
A 1 14  TYR 14  453 453 TYR TYR A . n 
A 1 15  LYS 15  454 454 LYS LYS A . n 
A 1 16  GLN 16  455 455 GLN GLN A . n 
A 1 17  VAL 17  456 456 VAL VAL A . n 
A 1 18  GLU 18  457 457 GLU GLU A . n 
A 1 19  GLN 19  458 458 GLN GLN A . n 
A 1 20  TYR 20  459 459 TYR TYR A . n 
A 1 21  MET 21  460 460 MET MET A . n 
A 1 22  SER 22  461 461 SER SER A . n 
A 1 23  PHE 23  462 462 PHE PHE A . n 
A 1 24  HIS 24  463 463 HIS HIS A . n 
A 1 25  LYS 25  464 464 LYS LYS A . n 
A 1 26  LEU 26  465 465 LEU LEU A . n 
A 1 27  PRO 27  466 466 PRO PRO A . n 
A 1 28  ALA 28  467 467 ALA ALA A . n 
A 1 29  ASP 29  468 468 ASP ASP A . n 
A 1 30  PHE 30  469 469 PHE PHE A . n 
A 1 31  ARG 31  470 470 ARG ARG A . n 
A 1 32  GLN 32  471 471 GLN GLN A . n 
A 1 33  LYS 33  472 472 LYS LYS A . n 
A 1 34  ILE 34  473 473 ILE ILE A . n 
A 1 35  HIS 35  474 474 HIS HIS A . n 
A 1 36  ASP 36  475 475 ASP ASP A . n 
A 1 37  TYR 37  476 476 TYR TYR A . n 
A 1 38  TYR 38  477 477 TYR TYR A . n 
A 1 39  GLU 39  478 478 GLU GLU A . n 
A 1 40  HIS 40  479 479 HIS HIS A . n 
A 1 41  ARG 41  480 480 ARG ARG A . n 
A 1 42  TYR 42  481 481 TYR TYR A . n 
A 1 43  GLN 43  482 482 GLN GLN A . n 
A 1 44  GLY 44  483 483 GLY GLY A . n 
A 1 45  LYS 45  484 484 LYS LYS A . n 
A 1 46  MET 46  485 485 MET MET A . n 
A 1 47  PHE 47  486 486 PHE PHE A . n 
A 1 48  ASP 48  487 487 ASP ASP A . n 
A 1 49  GLU 49  488 488 GLU GLU A . n 
A 1 50  ASP 50  489 489 ASP ASP A . n 
A 1 51  SER 51  490 490 SER SER A . n 
A 1 52  ILE 52  491 491 ILE ILE A . n 
A 1 53  LEU 53  492 492 LEU LEU A . n 
A 1 54  GLY 54  493 493 GLY GLY A . n 
A 1 55  GLU 55  494 494 GLU GLU A . n 
A 1 56  LEU 56  495 495 LEU LEU A . n 
A 1 57  ASN 57  496 496 ASN ASN A . n 
A 1 58  GLY 58  497 497 GLY GLY A . n 
A 1 59  PRO 59  498 498 PRO PRO A . n 
A 1 60  LEU 60  499 499 LEU LEU A . n 
A 1 61  ARG 61  500 500 ARG ARG A . n 
A 1 62  GLU 62  501 501 GLU GLU A . n 
A 1 63  GLU 63  502 502 GLU GLU A . n 
A 1 64  ILE 64  503 503 ILE ILE A . n 
A 1 65  VAL 65  504 504 VAL VAL A . n 
A 1 66  ASN 66  505 505 ASN ASN A . n 
A 1 67  PHE 67  506 506 PHE PHE A . n 
A 1 68  ASN 68  507 507 ASN ASN A . n 
A 1 69  CSX 69  508 508 CSX CSX A . n 
A 1 70  ARG 70  509 509 ARG ARG A . n 
A 1 71  LYS 71  510 510 LYS LYS A . n 
A 1 72  LEU 72  511 511 LEU LEU A . n 
A 1 73  VAL 73  512 512 VAL VAL A . n 
A 1 74  ALA 74  513 513 ALA ALA A . n 
A 1 75  SER 75  514 514 SER SER A . n 
A 1 76  MET 76  515 515 MET MET A . n 
A 1 77  PRO 77  516 516 PRO PRO A . n 
A 1 78  LEU 78  517 517 LEU LEU A . n 
A 1 79  PHE 79  518 518 PHE PHE A . n 
A 1 80  ALA 80  519 519 ALA ALA A . n 
A 1 81  ASN 81  520 520 ASN ASN A . n 
A 1 82  ALA 82  521 521 ALA ALA A . n 
A 1 83  ASP 83  522 522 ASP ASP A . n 
A 1 84  PRO 84  523 523 PRO PRO A . n 
A 1 85  ASN 85  524 524 ASN ASN A . n 
A 1 86  PHE 86  525 525 PHE PHE A . n 
A 1 87  VAL 87  526 526 VAL VAL A . n 
A 1 88  THR 88  527 527 THR THR A . n 
A 1 89  ALA 89  528 528 ALA ALA A . n 
A 1 90  MET 90  529 529 MET MET A . n 
A 1 91  LEU 91  530 530 LEU LEU A . n 
A 1 92  THR 92  531 531 THR THR A . n 
A 1 93  LYS 93  532 532 LYS LYS A . n 
A 1 94  LEU 94  533 533 LEU LEU A . n 
A 1 95  LYS 95  534 534 LYS LYS A . n 
A 1 96  PHE 96  535 535 PHE PHE A . n 
A 1 97  GLU 97  536 536 GLU GLU A . n 
A 1 98  VAL 98  537 537 VAL VAL A . n 
A 1 99  PHE 99  538 538 PHE PHE A . n 
A 1 100 GLN 100 539 539 GLN GLN A . n 
A 1 101 PRO 101 540 540 PRO PRO A . n 
A 1 102 GLY 102 541 541 GLY GLY A . n 
A 1 103 ASP 103 542 542 ASP ASP A . n 
A 1 104 TYR 104 543 543 TYR TYR A . n 
A 1 105 ILE 105 544 544 ILE ILE A . n 
A 1 106 ILE 106 545 545 ILE ILE A . n 
A 1 107 ARG 107 546 546 ARG ARG A . n 
A 1 108 GLU 108 547 547 GLU GLU A . n 
A 1 109 GLY 109 548 548 GLY GLY A . n 
A 1 110 THR 110 549 549 THR THR A . n 
A 1 111 ILE 111 550 550 ILE ILE A . n 
A 1 112 GLY 112 551 551 GLY GLY A . n 
A 1 113 LYS 113 552 552 LYS LYS A . n 
A 1 114 LYS 114 553 553 LYS LYS A . n 
A 1 115 MET 115 554 554 MET MET A . n 
A 1 116 TYR 116 555 555 TYR TYR A . n 
A 1 117 PHE 117 556 556 PHE PHE A . n 
A 1 118 ILE 118 557 557 ILE ILE A . n 
A 1 119 GLN 119 558 558 GLN GLN A . n 
A 1 120 HIS 120 559 559 HIS HIS A . n 
A 1 121 GLY 121 560 560 GLY GLY A . n 
A 1 122 VAL 122 561 561 VAL VAL A . n 
A 1 123 VAL 123 562 562 VAL VAL A . n 
A 1 124 SER 124 563 563 SER SER A . n 
A 1 125 VAL 125 564 564 VAL VAL A . n 
A 1 126 LEU 126 565 565 LEU LEU A . n 
A 1 127 THR 127 566 566 THR THR A . n 
A 1 128 LYS 128 567 567 LYS LYS A . n 
A 1 129 GLY 129 568 568 GLY GLY A . n 
A 1 130 ASN 130 569 569 ASN ALA A . n 
A 1 131 LYS 131 570 570 LYS LYS A . n 
A 1 132 GLU 132 571 571 GLU GLU A . n 
A 1 133 MET 133 572 572 MET MET A . n 
A 1 134 LYS 134 573 573 LYS LYS A . n 
A 1 135 LEU 135 574 574 LEU LEU A . n 
A 1 136 SER 136 575 575 SER SER A . n 
A 1 137 ASP 137 576 576 ASP ASP A . n 
A 1 138 GLY 138 577 577 GLY GLY A . n 
A 1 139 SER 139 578 578 SER SER A . n 
A 1 140 TYR 140 579 579 TYR TYR A . n 
A 1 141 PHE 141 580 580 PHE PHE A . n 
A 1 142 GLY 142 581 581 GLY GLY A . n 
A 1 143 GLU 143 582 582 GLU GLU A . n 
A 1 144 ILE 144 583 583 ILE ILE A . n 
A 1 145 CYS 145 584 584 CYS CYS A . n 
A 1 146 LEU 146 585 585 LEU LEU A . n 
A 1 147 LEU 147 586 586 LEU LEU A . n 
A 1 148 THR 148 587 587 THR THR A . n 
A 1 149 ARG 149 588 588 ARG ARG A . n 
A 1 150 GLY 150 589 589 GLY GLY A . n 
A 1 151 ARG 151 590 590 ARG ARG A . n 
A 1 152 ARG 152 591 591 ARG ARG A . n 
A 1 153 THR 153 592 592 THR THR A . n 
A 1 154 ALA 154 593 593 ALA ALA A . n 
A 1 155 SER 155 594 594 SER SER A . n 
A 1 156 VAL 156 595 595 VAL VAL A . n 
A 1 157 ARG 157 596 596 ARG ARG A . n 
A 1 158 ALA 158 597 597 ALA ALA A . n 
A 1 159 ASP 159 598 598 ASP ASP A . n 
A 1 160 THR 160 599 599 THR THR A . n 
A 1 161 TYR 161 600 600 TYR TYR A . n 
A 1 162 CYS 162 601 601 CYS CYS A . n 
A 1 163 ARG 163 602 602 ARG ARG A . n 
A 1 164 LEU 164 603 603 LEU LEU A . n 
A 1 165 TYR 165 604 604 TYR TYR A . n 
A 1 166 SER 166 605 605 SER SER A . n 
A 1 167 LEU 167 606 606 LEU LEU A . n 
A 1 168 SER 168 607 607 SER SER A . n 
A 1 169 VAL 169 608 608 VAL VAL A . n 
A 1 170 ASP 170 609 609 ASP ASP A . n 
A 1 171 ASN 171 610 610 ASN ASN A . n 
A 1 172 PHE 172 611 611 PHE PHE A . n 
A 1 173 ASN 173 612 612 ASN ASN A . n 
A 1 174 GLU 174 613 613 GLU GLU A . n 
A 1 175 VAL 175 614 614 VAL VAL A . n 
A 1 176 LEU 176 615 615 LEU LEU A . n 
A 1 177 GLU 177 616 616 GLU GLU A . n 
A 1 178 GLU 178 617 617 GLU GLU A . n 
A 1 179 TYR 179 618 618 TYR TYR A . n 
A 1 180 PRO 180 619 619 PRO PRO A . n 
A 1 181 MET 181 620 620 MET MET A . n 
A 1 182 MET 182 621 621 MET MET A . n 
A 1 183 ARG 183 622 622 ARG ARG A . n 
A 1 184 ARG 184 623 623 ARG ARG A . n 
A 1 185 ALA 185 624 624 ALA ALA A . n 
A 1 186 PHE 186 625 625 PHE PHE A . n 
A 1 187 GLU 187 626 626 GLU GLU A . n 
A 1 188 THR 188 627 627 THR THR A . n 
A 1 189 VAL 189 628 628 VAL VAL A . n 
A 1 190 ALA 190 629 629 ALA ALA A . n 
A 1 191 ILE 191 630 630 ILE ILE A . n 
A 1 192 ASP 192 631 631 ASP ASP A . n 
A 1 193 ARG 193 632 632 ARG ARG A . n 
A 1 194 LEU 194 633 633 LEU LEU A . n 
A 1 195 ASP 195 634 634 ASP ASP A . n 
A 1 196 ARG 196 635 635 ARG ARG A . n 
A 1 197 ILE 197 636 636 ILE ILE A . n 
A 1 198 GLY 198 637 637 GLY GLY A . n 
A 1 199 LYS 199 638 638 LYS LYS A . n 
A 1 200 LYS 200 639 639 LYS LYS A . n 
A 1 201 ASN 201 640 640 ASN ASN A . n 
A 1 202 SER 202 641 641 SER SER A . n 
A 1 203 ILE 203 642 642 ILE ILE A . n 
A 1 204 LEU 204 643 643 LEU LEU A . n 
# 
loop_
_pdbx_nonpoly_scheme.asym_id 
_pdbx_nonpoly_scheme.entity_id 
_pdbx_nonpoly_scheme.mon_id 
_pdbx_nonpoly_scheme.ndb_seq_num 
_pdbx_nonpoly_scheme.pdb_seq_num 
_pdbx_nonpoly_scheme.auth_seq_num 
_pdbx_nonpoly_scheme.pdb_mon_id 
_pdbx_nonpoly_scheme.auth_mon_id 
_pdbx_nonpoly_scheme.pdb_strand_id 
_pdbx_nonpoly_scheme.pdb_ins_code 
B 2 6SX 1  701 1  6SX PMP A . 
C 3 HOH 1  801 30 HOH HOH A . 
C 3 HOH 2  802 29 HOH HOH A . 
C 3 HOH 3  803 48 HOH HOH A . 
C 3 HOH 4  804 11 HOH HOH A . 
C 3 HOH 5  805 17 HOH HOH A . 
C 3 HOH 6  806 49 HOH HOH A . 
C 3 HOH 7  807 47 HOH HOH A . 
C 3 HOH 8  808 28 HOH HOH A . 
C 3 HOH 9  809 25 HOH HOH A . 
C 3 HOH 10 810 14 HOH HOH A . 
C 3 HOH 11 811 41 HOH HOH A . 
C 3 HOH 12 812 10 HOH HOH A . 
C 3 HOH 13 813 9  HOH HOH A . 
C 3 HOH 14 814 5  HOH HOH A . 
C 3 HOH 15 815 4  HOH HOH A . 
C 3 HOH 16 816 7  HOH HOH A . 
C 3 HOH 17 817 50 HOH HOH A . 
C 3 HOH 18 818 1  HOH HOH A . 
C 3 HOH 19 819 19 HOH HOH A . 
C 3 HOH 20 820 31 HOH HOH A . 
C 3 HOH 21 821 46 HOH HOH A . 
C 3 HOH 22 822 22 HOH HOH A . 
C 3 HOH 23 823 8  HOH HOH A . 
C 3 HOH 24 824 16 HOH HOH A . 
C 3 HOH 25 825 42 HOH HOH A . 
C 3 HOH 26 826 20 HOH HOH A . 
C 3 HOH 27 827 13 HOH HOH A . 
C 3 HOH 28 828 40 HOH HOH A . 
C 3 HOH 29 829 23 HOH HOH A . 
C 3 HOH 30 830 36 HOH HOH A . 
C 3 HOH 31 831 51 HOH HOH A . 
C 3 HOH 32 832 35 HOH HOH A . 
C 3 HOH 33 833 45 HOH HOH A . 
C 3 HOH 34 834 26 HOH HOH A . 
C 3 HOH 35 835 34 HOH HOH A . 
C 3 HOH 36 836 39 HOH HOH A . 
C 3 HOH 37 837 6  HOH HOH A . 
C 3 HOH 38 838 15 HOH HOH A . 
C 3 HOH 39 839 18 HOH HOH A . 
# 
_pdbx_struct_mod_residue.id               1 
_pdbx_struct_mod_residue.label_asym_id    A 
_pdbx_struct_mod_residue.label_comp_id    CSX 
_pdbx_struct_mod_residue.label_seq_id     69 
_pdbx_struct_mod_residue.auth_asym_id     A 
_pdbx_struct_mod_residue.auth_comp_id     CSX 
_pdbx_struct_mod_residue.auth_seq_id      508 
_pdbx_struct_mod_residue.PDB_ins_code     ? 
_pdbx_struct_mod_residue.parent_comp_id   CYS 
_pdbx_struct_mod_residue.details          'modified residue' 
# 
_pdbx_struct_assembly.id                   1 
_pdbx_struct_assembly.details              author_and_software_defined_assembly 
_pdbx_struct_assembly.method_details       PISA 
_pdbx_struct_assembly.oligomeric_details   tetrameric 
_pdbx_struct_assembly.oligomeric_count     4 
# 
_pdbx_struct_assembly_gen.assembly_id       1 
_pdbx_struct_assembly_gen.oper_expression   1,2,3,4 
_pdbx_struct_assembly_gen.asym_id_list      A,B,C 
# 
loop_
_pdbx_struct_assembly_prop.biol_id 
_pdbx_struct_assembly_prop.type 
_pdbx_struct_assembly_prop.value 
_pdbx_struct_assembly_prop.details 
1 'ABSA (A^2)' 8680  ? 
1 MORE         -44   ? 
1 'SSA (A^2)'  37620 ? 
# 
loop_
_pdbx_struct_oper_list.id 
_pdbx_struct_oper_list.type 
_pdbx_struct_oper_list.name 
_pdbx_struct_oper_list.symmetry_operation 
_pdbx_struct_oper_list.matrix[1][1] 
_pdbx_struct_oper_list.matrix[1][2] 
_pdbx_struct_oper_list.matrix[1][3] 
_pdbx_struct_oper_list.vector[1] 
_pdbx_struct_oper_list.matrix[2][1] 
_pdbx_struct_oper_list.matrix[2][2] 
_pdbx_struct_oper_list.matrix[2][3] 
_pdbx_struct_oper_list.vector[2] 
_pdbx_struct_oper_list.matrix[3][1] 
_pdbx_struct_oper_list.matrix[3][2] 
_pdbx_struct_oper_list.matrix[3][3] 
_pdbx_struct_oper_list.vector[3] 
1 'identity operation'         1_555 x,y,z          1.0000000000  0.0000000000  0.0000000000  0.0000000000   0.0000000000  1.0000000000 0.0000000000 0.0000000000  0.0000000000  0.0000000000 1.0000000000  0.0000000000  
2 'crystal symmetry operation' 2_655 -x+1,-y,z      -0.9887284445 0.1489889975  0.0147763884  -38.9560474549 0.1489889975  0.9693574133 0.1953163686 0.3200840342  0.0147763884  0.1953163686 -0.9806289688 26.4886278008 
3 'crystal symmetry operation' 3_545 -y+1/2,x-1/2,z 0.0056357777  -0.0239205183 0.9996979778  -32.6047354503 0.1729095158  0.9846787067 0.0225863670 3.0712467677  -0.9849215894 0.1727300016 0.0096855156  -6.0959342550 
4 'crystal symmetry operation' 4_555 y+1/2,-x+1/2,z 0.0056357777  0.1729095158  -0.9849215894 -6.3513120046  -0.0239205183 0.9846787067 0.1727300016 -2.7511627334 0.9996979778  0.0225863670 0.0096855156  32.5845620558 
# 
loop_
_pdbx_audit_revision_history.ordinal 
_pdbx_audit_revision_history.data_content_type 
_pdbx_audit_revision_history.major_revision 
_pdbx_audit_revision_history.minor_revision 
_pdbx_audit_revision_history.revision_date 
1 'Structure model' 1 0 2016-09-14 
2 'Structure model' 1 1 2016-10-19 
3 'Structure model' 1 2 2023-09-27 
# 
_pdbx_audit_revision_details.ordinal             1 
_pdbx_audit_revision_details.revision_ordinal    1 
_pdbx_audit_revision_details.data_content_type   'Structure model' 
_pdbx_audit_revision_details.provider            repository 
_pdbx_audit_revision_details.type                'Initial release' 
_pdbx_audit_revision_details.description         ? 
_pdbx_audit_revision_details.details             ? 
# 
loop_
_pdbx_audit_revision_group.ordinal 
_pdbx_audit_revision_group.revision_ordinal 
_pdbx_audit_revision_group.data_content_type 
_pdbx_audit_revision_group.group 
1 2 'Structure model' 'Database references'    
2 3 'Structure model' 'Data collection'        
3 3 'Structure model' 'Database references'    
4 3 'Structure model' 'Derived calculations'   
5 3 'Structure model' 'Refinement description' 
# 
loop_
_pdbx_audit_revision_category.ordinal 
_pdbx_audit_revision_category.revision_ordinal 
_pdbx_audit_revision_category.data_content_type 
_pdbx_audit_revision_category.category 
1 3 'Structure model' chem_comp_atom                
2 3 'Structure model' chem_comp_bond                
3 3 'Structure model' citation                      
4 3 'Structure model' database_2                    
5 3 'Structure model' diffrn_radiation_wavelength   
6 3 'Structure model' pdbx_initial_refinement_model 
7 3 'Structure model' pdbx_struct_oper_list         
# 
loop_
_pdbx_audit_revision_item.ordinal 
_pdbx_audit_revision_item.revision_ordinal 
_pdbx_audit_revision_item.data_content_type 
_pdbx_audit_revision_item.item 
1 3 'Structure model' '_citation.journal_id_CSD'                  
2 3 'Structure model' '_database_2.pdbx_DOI'                      
3 3 'Structure model' '_database_2.pdbx_database_accession'       
4 3 'Structure model' '_pdbx_struct_oper_list.symmetry_operation' 
# 
loop_
_software.citation_id 
_software.classification 
_software.compiler_name 
_software.compiler_version 
_software.contact_author 
_software.contact_author_email 
_software.date 
_software.description 
_software.dependencies 
_software.hardware 
_software.language 
_software.location 
_software.mods 
_software.name 
_software.os 
_software.os_version 
_software.type 
_software.version 
_software.pdbx_ordinal 
? 'data scaling'    ? ? ? ? ? ? ? ? ? ? ? XSCALE      ? ? ? .        1 
? refinement        ? ? ? ? ? ? ? ? ? ? ? REFMAC      ? ? ? 5.7.0029 2 
? 'data extraction' ? ? ? ? ? ? ? ? ? ? ? PDB_EXTRACT ? ? ? 3.20     3 
? 'data reduction'  ? ? ? ? ? ? ? ? ? ? ? XDS         ? ? ? .        4 
? phasing           ? ? ? ? ? ? ? ? ? ? ? PHASER      ? ? ? .        5 
# 
loop_
_pdbx_validate_torsion.id 
_pdbx_validate_torsion.PDB_model_num 
_pdbx_validate_torsion.auth_comp_id 
_pdbx_validate_torsion.auth_asym_id 
_pdbx_validate_torsion.auth_seq_id 
_pdbx_validate_torsion.PDB_ins_code 
_pdbx_validate_torsion.label_alt_id 
_pdbx_validate_torsion.phi 
_pdbx_validate_torsion.psi 
1 1 ASN A 569 ? ? 64.97   -9.20  
2 1 ARG A 588 ? ? 47.37   25.67  
3 1 ILE A 636 ? ? -141.20 30.07  
4 1 LYS A 639 ? ? -166.66 111.62 
# 
loop_
_pdbx_unobs_or_zero_occ_atoms.id 
_pdbx_unobs_or_zero_occ_atoms.PDB_model_num 
_pdbx_unobs_or_zero_occ_atoms.polymer_flag 
_pdbx_unobs_or_zero_occ_atoms.occupancy_flag 
_pdbx_unobs_or_zero_occ_atoms.auth_asym_id 
_pdbx_unobs_or_zero_occ_atoms.auth_comp_id 
_pdbx_unobs_or_zero_occ_atoms.auth_seq_id 
_pdbx_unobs_or_zero_occ_atoms.PDB_ins_code 
_pdbx_unobs_or_zero_occ_atoms.auth_atom_id 
_pdbx_unobs_or_zero_occ_atoms.label_alt_id 
_pdbx_unobs_or_zero_occ_atoms.label_asym_id 
_pdbx_unobs_or_zero_occ_atoms.label_comp_id 
_pdbx_unobs_or_zero_occ_atoms.label_seq_id 
_pdbx_unobs_or_zero_occ_atoms.label_atom_id 
1  1 Y 1 A ASP 443 ? CG  ? A ASP 4   CG  
2  1 Y 1 A ASP 443 ? OD1 ? A ASP 4   OD1 
3  1 Y 1 A ASP 443 ? OD2 ? A ASP 4   OD2 
4  1 Y 1 A GLN 450 ? CG  ? A GLN 11  CG  
5  1 Y 1 A GLN 450 ? CD  ? A GLN 11  CD  
6  1 Y 1 A GLN 450 ? OE1 ? A GLN 11  OE1 
7  1 Y 1 A GLN 450 ? NE2 ? A GLN 11  NE2 
8  1 Y 1 A LYS 454 ? CG  ? A LYS 15  CG  
9  1 Y 1 A LYS 454 ? CD  ? A LYS 15  CD  
10 1 Y 1 A LYS 454 ? CE  ? A LYS 15  CE  
11 1 Y 1 A LYS 454 ? NZ  ? A LYS 15  NZ  
12 1 Y 1 A LYS 567 ? CG  ? A LYS 128 CG  
13 1 Y 1 A LYS 567 ? CD  ? A LYS 128 CD  
14 1 Y 1 A LYS 567 ? CE  ? A LYS 128 CE  
15 1 Y 1 A LYS 567 ? NZ  ? A LYS 128 NZ  
16 1 Y 1 A ASN 569 ? CG  ? A ASN 130 CG  
17 1 Y 1 A ASN 569 ? OD1 ? A ASN 130 OD1 
18 1 Y 1 A ASN 569 ? ND2 ? A ASN 130 ND2 
19 1 Y 1 A LYS 570 ? CG  ? A LYS 131 CG  
20 1 Y 1 A LYS 570 ? CD  ? A LYS 131 CD  
21 1 Y 1 A LYS 570 ? CE  ? A LYS 131 CE  
22 1 Y 1 A LYS 570 ? NZ  ? A LYS 131 NZ  
23 1 Y 1 A GLU 616 ? CG  ? A GLU 177 CG  
24 1 Y 1 A GLU 616 ? CD  ? A GLU 177 CD  
25 1 Y 1 A GLU 616 ? OE1 ? A GLU 177 OE1 
26 1 Y 1 A GLU 616 ? OE2 ? A GLU 177 OE2 
27 1 Y 1 A MET 620 ? CG  ? A MET 181 CG  
28 1 Y 1 A MET 620 ? SD  ? A MET 181 SD  
29 1 Y 1 A MET 620 ? CE  ? A MET 181 CE  
30 1 Y 1 A LYS 638 ? CG  ? A LYS 199 CG  
31 1 Y 1 A LYS 638 ? CD  ? A LYS 199 CD  
32 1 Y 1 A LYS 638 ? CE  ? A LYS 199 CE  
33 1 Y 1 A LYS 638 ? NZ  ? A LYS 199 NZ  
# 
loop_
_pdbx_unobs_or_zero_occ_residues.id 
_pdbx_unobs_or_zero_occ_residues.PDB_model_num 
_pdbx_unobs_or_zero_occ_residues.polymer_flag 
_pdbx_unobs_or_zero_occ_residues.occupancy_flag 
_pdbx_unobs_or_zero_occ_residues.auth_asym_id 
_pdbx_unobs_or_zero_occ_residues.auth_comp_id 
_pdbx_unobs_or_zero_occ_residues.auth_seq_id 
_pdbx_unobs_or_zero_occ_residues.PDB_ins_code 
_pdbx_unobs_or_zero_occ_residues.label_asym_id 
_pdbx_unobs_or_zero_occ_residues.label_comp_id 
_pdbx_unobs_or_zero_occ_residues.label_seq_id 
1 1 Y 1 A SER 440 ? A SER 1 
2 1 Y 1 A ASN 441 ? A ASN 2 
3 1 Y 1 A ALA 442 ? A ALA 3 
# 
loop_
_chem_comp_atom.comp_id 
_chem_comp_atom.atom_id 
_chem_comp_atom.type_symbol 
_chem_comp_atom.pdbx_aromatic_flag 
_chem_comp_atom.pdbx_stereo_config 
_chem_comp_atom.pdbx_ordinal 
6SX N1    N Y N 1   
6SX C2    C Y N 2   
6SX C4    C Y N 3   
6SX C5    C Y N 4   
6SX C6    C Y N 5   
6SX P     P N N 6   
6SX O1P   O N N 7   
6SX O2P   O N N 8   
6SX "O3'" O N N 9   
6SX "C3'" C N S 10  
6SX "C4'" C N R 11  
6SX "C5'" C N N 12  
6SX "O5'" O N N 13  
6SX "C2'" C N R 14  
6SX "O2'" O N N 15  
6SX "C1'" C N R 16  
6SX "O4'" O N N 17  
6SX N9    N Y N 18  
6SX N7    N Y N 19  
6SX C8    C Y N 20  
6SX N3    N Y N 21  
6SX H1    H N N 22  
6SX H2    H N N 23  
6SX H3    H N N 24  
6SX H4    H N N 25  
6SX H5    H N N 26  
6SX H6    H N N 27  
6SX H7    H N N 28  
6SX H8    H N N 29  
6SX H9    H N N 30  
6SX H10   H N N 31  
6SX H11   H N N 32  
ALA N     N N N 33  
ALA CA    C N S 34  
ALA C     C N N 35  
ALA O     O N N 36  
ALA CB    C N N 37  
ALA OXT   O N N 38  
ALA H     H N N 39  
ALA H2    H N N 40  
ALA HA    H N N 41  
ALA HB1   H N N 42  
ALA HB2   H N N 43  
ALA HB3   H N N 44  
ALA HXT   H N N 45  
ARG N     N N N 46  
ARG CA    C N S 47  
ARG C     C N N 48  
ARG O     O N N 49  
ARG CB    C N N 50  
ARG CG    C N N 51  
ARG CD    C N N 52  
ARG NE    N N N 53  
ARG CZ    C N N 54  
ARG NH1   N N N 55  
ARG NH2   N N N 56  
ARG OXT   O N N 57  
ARG H     H N N 58  
ARG H2    H N N 59  
ARG HA    H N N 60  
ARG HB2   H N N 61  
ARG HB3   H N N 62  
ARG HG2   H N N 63  
ARG HG3   H N N 64  
ARG HD2   H N N 65  
ARG HD3   H N N 66  
ARG HE    H N N 67  
ARG HH11  H N N 68  
ARG HH12  H N N 69  
ARG HH21  H N N 70  
ARG HH22  H N N 71  
ARG HXT   H N N 72  
ASN N     N N N 73  
ASN CA    C N S 74  
ASN C     C N N 75  
ASN O     O N N 76  
ASN CB    C N N 77  
ASN CG    C N N 78  
ASN OD1   O N N 79  
ASN ND2   N N N 80  
ASN OXT   O N N 81  
ASN H     H N N 82  
ASN H2    H N N 83  
ASN HA    H N N 84  
ASN HB2   H N N 85  
ASN HB3   H N N 86  
ASN HD21  H N N 87  
ASN HD22  H N N 88  
ASN HXT   H N N 89  
ASP N     N N N 90  
ASP CA    C N S 91  
ASP C     C N N 92  
ASP O     O N N 93  
ASP CB    C N N 94  
ASP CG    C N N 95  
ASP OD1   O N N 96  
ASP OD2   O N N 97  
ASP OXT   O N N 98  
ASP H     H N N 99  
ASP H2    H N N 100 
ASP HA    H N N 101 
ASP HB2   H N N 102 
ASP HB3   H N N 103 
ASP HD2   H N N 104 
ASP HXT   H N N 105 
CSX N     N N N 106 
CSX CA    C N R 107 
CSX CB    C N N 108 
CSX SG    S N S 109 
CSX C     C N N 110 
CSX O     O N N 111 
CSX OXT   O N N 112 
CSX OD    O N N 113 
CSX H     H N N 114 
CSX H2    H N N 115 
CSX HA    H N N 116 
CSX HB2   H N N 117 
CSX HB3   H N N 118 
CSX HG    H N N 119 
CSX HXT   H N N 120 
CYS N     N N N 121 
CYS CA    C N R 122 
CYS C     C N N 123 
CYS O     O N N 124 
CYS CB    C N N 125 
CYS SG    S N N 126 
CYS OXT   O N N 127 
CYS H     H N N 128 
CYS H2    H N N 129 
CYS HA    H N N 130 
CYS HB2   H N N 131 
CYS HB3   H N N 132 
CYS HG    H N N 133 
CYS HXT   H N N 134 
GLN N     N N N 135 
GLN CA    C N S 136 
GLN C     C N N 137 
GLN O     O N N 138 
GLN CB    C N N 139 
GLN CG    C N N 140 
GLN CD    C N N 141 
GLN OE1   O N N 142 
GLN NE2   N N N 143 
GLN OXT   O N N 144 
GLN H     H N N 145 
GLN H2    H N N 146 
GLN HA    H N N 147 
GLN HB2   H N N 148 
GLN HB3   H N N 149 
GLN HG2   H N N 150 
GLN HG3   H N N 151 
GLN HE21  H N N 152 
GLN HE22  H N N 153 
GLN HXT   H N N 154 
GLU N     N N N 155 
GLU CA    C N S 156 
GLU C     C N N 157 
GLU O     O N N 158 
GLU CB    C N N 159 
GLU CG    C N N 160 
GLU CD    C N N 161 
GLU OE1   O N N 162 
GLU OE2   O N N 163 
GLU OXT   O N N 164 
GLU H     H N N 165 
GLU H2    H N N 166 
GLU HA    H N N 167 
GLU HB2   H N N 168 
GLU HB3   H N N 169 
GLU HG2   H N N 170 
GLU HG3   H N N 171 
GLU HE2   H N N 172 
GLU HXT   H N N 173 
GLY N     N N N 174 
GLY CA    C N N 175 
GLY C     C N N 176 
GLY O     O N N 177 
GLY OXT   O N N 178 
GLY H     H N N 179 
GLY H2    H N N 180 
GLY HA2   H N N 181 
GLY HA3   H N N 182 
GLY HXT   H N N 183 
HIS N     N N N 184 
HIS CA    C N S 185 
HIS C     C N N 186 
HIS O     O N N 187 
HIS CB    C N N 188 
HIS CG    C Y N 189 
HIS ND1   N Y N 190 
HIS CD2   C Y N 191 
HIS CE1   C Y N 192 
HIS NE2   N Y N 193 
HIS OXT   O N N 194 
HIS H     H N N 195 
HIS H2    H N N 196 
HIS HA    H N N 197 
HIS HB2   H N N 198 
HIS HB3   H N N 199 
HIS HD1   H N N 200 
HIS HD2   H N N 201 
HIS HE1   H N N 202 
HIS HE2   H N N 203 
HIS HXT   H N N 204 
HOH O     O N N 205 
HOH H1    H N N 206 
HOH H2    H N N 207 
ILE N     N N N 208 
ILE CA    C N S 209 
ILE C     C N N 210 
ILE O     O N N 211 
ILE CB    C N S 212 
ILE CG1   C N N 213 
ILE CG2   C N N 214 
ILE CD1   C N N 215 
ILE OXT   O N N 216 
ILE H     H N N 217 
ILE H2    H N N 218 
ILE HA    H N N 219 
ILE HB    H N N 220 
ILE HG12  H N N 221 
ILE HG13  H N N 222 
ILE HG21  H N N 223 
ILE HG22  H N N 224 
ILE HG23  H N N 225 
ILE HD11  H N N 226 
ILE HD12  H N N 227 
ILE HD13  H N N 228 
ILE HXT   H N N 229 
LEU N     N N N 230 
LEU CA    C N S 231 
LEU C     C N N 232 
LEU O     O N N 233 
LEU CB    C N N 234 
LEU CG    C N N 235 
LEU CD1   C N N 236 
LEU CD2   C N N 237 
LEU OXT   O N N 238 
LEU H     H N N 239 
LEU H2    H N N 240 
LEU HA    H N N 241 
LEU HB2   H N N 242 
LEU HB3   H N N 243 
LEU HG    H N N 244 
LEU HD11  H N N 245 
LEU HD12  H N N 246 
LEU HD13  H N N 247 
LEU HD21  H N N 248 
LEU HD22  H N N 249 
LEU HD23  H N N 250 
LEU HXT   H N N 251 
LYS N     N N N 252 
LYS CA    C N S 253 
LYS C     C N N 254 
LYS O     O N N 255 
LYS CB    C N N 256 
LYS CG    C N N 257 
LYS CD    C N N 258 
LYS CE    C N N 259 
LYS NZ    N N N 260 
LYS OXT   O N N 261 
LYS H     H N N 262 
LYS H2    H N N 263 
LYS HA    H N N 264 
LYS HB2   H N N 265 
LYS HB3   H N N 266 
LYS HG2   H N N 267 
LYS HG3   H N N 268 
LYS HD2   H N N 269 
LYS HD3   H N N 270 
LYS HE2   H N N 271 
LYS HE3   H N N 272 
LYS HZ1   H N N 273 
LYS HZ2   H N N 274 
LYS HZ3   H N N 275 
LYS HXT   H N N 276 
MET N     N N N 277 
MET CA    C N S 278 
MET C     C N N 279 
MET O     O N N 280 
MET CB    C N N 281 
MET CG    C N N 282 
MET SD    S N N 283 
MET CE    C N N 284 
MET OXT   O N N 285 
MET H     H N N 286 
MET H2    H N N 287 
MET HA    H N N 288 
MET HB2   H N N 289 
MET HB3   H N N 290 
MET HG2   H N N 291 
MET HG3   H N N 292 
MET HE1   H N N 293 
MET HE2   H N N 294 
MET HE3   H N N 295 
MET HXT   H N N 296 
PHE N     N N N 297 
PHE CA    C N S 298 
PHE C     C N N 299 
PHE O     O N N 300 
PHE CB    C N N 301 
PHE CG    C Y N 302 
PHE CD1   C Y N 303 
PHE CD2   C Y N 304 
PHE CE1   C Y N 305 
PHE CE2   C Y N 306 
PHE CZ    C Y N 307 
PHE OXT   O N N 308 
PHE H     H N N 309 
PHE H2    H N N 310 
PHE HA    H N N 311 
PHE HB2   H N N 312 
PHE HB3   H N N 313 
PHE HD1   H N N 314 
PHE HD2   H N N 315 
PHE HE1   H N N 316 
PHE HE2   H N N 317 
PHE HZ    H N N 318 
PHE HXT   H N N 319 
PRO N     N N N 320 
PRO CA    C N S 321 
PRO C     C N N 322 
PRO O     O N N 323 
PRO CB    C N N 324 
PRO CG    C N N 325 
PRO CD    C N N 326 
PRO OXT   O N N 327 
PRO H     H N N 328 
PRO HA    H N N 329 
PRO HB2   H N N 330 
PRO HB3   H N N 331 
PRO HG2   H N N 332 
PRO HG3   H N N 333 
PRO HD2   H N N 334 
PRO HD3   H N N 335 
PRO HXT   H N N 336 
SER N     N N N 337 
SER CA    C N S 338 
SER C     C N N 339 
SER O     O N N 340 
SER CB    C N N 341 
SER OG    O N N 342 
SER OXT   O N N 343 
SER H     H N N 344 
SER H2    H N N 345 
SER HA    H N N 346 
SER HB2   H N N 347 
SER HB3   H N N 348 
SER HG    H N N 349 
SER HXT   H N N 350 
THR N     N N N 351 
THR CA    C N S 352 
THR C     C N N 353 
THR O     O N N 354 
THR CB    C N R 355 
THR OG1   O N N 356 
THR CG2   C N N 357 
THR OXT   O N N 358 
THR H     H N N 359 
THR H2    H N N 360 
THR HA    H N N 361 
THR HB    H N N 362 
THR HG1   H N N 363 
THR HG21  H N N 364 
THR HG22  H N N 365 
THR HG23  H N N 366 
THR HXT   H N N 367 
TYR N     N N N 368 
TYR CA    C N S 369 
TYR C     C N N 370 
TYR O     O N N 371 
TYR CB    C N N 372 
TYR CG    C Y N 373 
TYR CD1   C Y N 374 
TYR CD2   C Y N 375 
TYR CE1   C Y N 376 
TYR CE2   C Y N 377 
TYR CZ    C Y N 378 
TYR OH    O N N 379 
TYR OXT   O N N 380 
TYR H     H N N 381 
TYR H2    H N N 382 
TYR HA    H N N 383 
TYR HB2   H N N 384 
TYR HB3   H N N 385 
TYR HD1   H N N 386 
TYR HD2   H N N 387 
TYR HE1   H N N 388 
TYR HE2   H N N 389 
TYR HH    H N N 390 
TYR HXT   H N N 391 
VAL N     N N N 392 
VAL CA    C N S 393 
VAL C     C N N 394 
VAL O     O N N 395 
VAL CB    C N N 396 
VAL CG1   C N N 397 
VAL CG2   C N N 398 
VAL OXT   O N N 399 
VAL H     H N N 400 
VAL H2    H N N 401 
VAL HA    H N N 402 
VAL HB    H N N 403 
VAL HG11  H N N 404 
VAL HG12  H N N 405 
VAL HG13  H N N 406 
VAL HG21  H N N 407 
VAL HG22  H N N 408 
VAL HG23  H N N 409 
VAL HXT   H N N 410 
# 
loop_
_chem_comp_bond.comp_id 
_chem_comp_bond.atom_id_1 
_chem_comp_bond.atom_id_2 
_chem_comp_bond.value_order 
_chem_comp_bond.pdbx_aromatic_flag 
_chem_comp_bond.pdbx_stereo_config 
_chem_comp_bond.pdbx_ordinal 
6SX O2P   P     doub N N 1   
6SX N7    C8    doub Y N 2   
6SX N7    C5    sing Y N 3   
6SX C8    N9    sing Y N 4   
6SX C6    C5    doub Y N 5   
6SX C6    N1    sing Y N 6   
6SX C5    C4    sing Y N 7   
6SX P     O1P   sing N N 8   
6SX P     "O3'" sing N N 9   
6SX P     "O5'" sing N N 10  
6SX "O3'" "C3'" sing N N 11  
6SX "C3'" "C2'" sing N N 12  
6SX "C3'" "C4'" sing N N 13  
6SX N1    C2    doub Y N 14  
6SX N9    C4    sing Y N 15  
6SX N9    "C1'" sing N N 16  
6SX "C2'" "C1'" sing N N 17  
6SX "C2'" "O2'" sing N N 18  
6SX C4    N3    doub Y N 19  
6SX "O5'" "C5'" sing N N 20  
6SX "C5'" "C4'" sing N N 21  
6SX "C1'" "O4'" sing N N 22  
6SX "C4'" "O4'" sing N N 23  
6SX C2    N3    sing Y N 24  
6SX C2    H1    sing N N 25  
6SX C6    H2    sing N N 26  
6SX O1P   H3    sing N N 27  
6SX "C3'" H4    sing N N 28  
6SX "C4'" H5    sing N N 29  
6SX "C5'" H6    sing N N 30  
6SX "C5'" H7    sing N N 31  
6SX "C2'" H8    sing N N 32  
6SX "O2'" H9    sing N N 33  
6SX "C1'" H10   sing N N 34  
6SX C8    H11   sing N N 35  
ALA N     CA    sing N N 36  
ALA N     H     sing N N 37  
ALA N     H2    sing N N 38  
ALA CA    C     sing N N 39  
ALA CA    CB    sing N N 40  
ALA CA    HA    sing N N 41  
ALA C     O     doub N N 42  
ALA C     OXT   sing N N 43  
ALA CB    HB1   sing N N 44  
ALA CB    HB2   sing N N 45  
ALA CB    HB3   sing N N 46  
ALA OXT   HXT   sing N N 47  
ARG N     CA    sing N N 48  
ARG N     H     sing N N 49  
ARG N     H2    sing N N 50  
ARG CA    C     sing N N 51  
ARG CA    CB    sing N N 52  
ARG CA    HA    sing N N 53  
ARG C     O     doub N N 54  
ARG C     OXT   sing N N 55  
ARG CB    CG    sing N N 56  
ARG CB    HB2   sing N N 57  
ARG CB    HB3   sing N N 58  
ARG CG    CD    sing N N 59  
ARG CG    HG2   sing N N 60  
ARG CG    HG3   sing N N 61  
ARG CD    NE    sing N N 62  
ARG CD    HD2   sing N N 63  
ARG CD    HD3   sing N N 64  
ARG NE    CZ    sing N N 65  
ARG NE    HE    sing N N 66  
ARG CZ    NH1   sing N N 67  
ARG CZ    NH2   doub N N 68  
ARG NH1   HH11  sing N N 69  
ARG NH1   HH12  sing N N 70  
ARG NH2   HH21  sing N N 71  
ARG NH2   HH22  sing N N 72  
ARG OXT   HXT   sing N N 73  
ASN N     CA    sing N N 74  
ASN N     H     sing N N 75  
ASN N     H2    sing N N 76  
ASN CA    C     sing N N 77  
ASN CA    CB    sing N N 78  
ASN CA    HA    sing N N 79  
ASN C     O     doub N N 80  
ASN C     OXT   sing N N 81  
ASN CB    CG    sing N N 82  
ASN CB    HB2   sing N N 83  
ASN CB    HB3   sing N N 84  
ASN CG    OD1   doub N N 85  
ASN CG    ND2   sing N N 86  
ASN ND2   HD21  sing N N 87  
ASN ND2   HD22  sing N N 88  
ASN OXT   HXT   sing N N 89  
ASP N     CA    sing N N 90  
ASP N     H     sing N N 91  
ASP N     H2    sing N N 92  
ASP CA    C     sing N N 93  
ASP CA    CB    sing N N 94  
ASP CA    HA    sing N N 95  
ASP C     O     doub N N 96  
ASP C     OXT   sing N N 97  
ASP CB    CG    sing N N 98  
ASP CB    HB2   sing N N 99  
ASP CB    HB3   sing N N 100 
ASP CG    OD1   doub N N 101 
ASP CG    OD2   sing N N 102 
ASP OD2   HD2   sing N N 103 
ASP OXT   HXT   sing N N 104 
CSX N     CA    sing N N 105 
CSX N     H     sing N N 106 
CSX N     H2    sing N N 107 
CSX CA    CB    sing N N 108 
CSX CA    C     sing N N 109 
CSX CA    HA    sing N N 110 
CSX CB    SG    sing N N 111 
CSX CB    HB2   sing N N 112 
CSX CB    HB3   sing N N 113 
CSX SG    OD    doub N N 114 
CSX SG    HG    sing N N 115 
CSX C     O     doub N N 116 
CSX C     OXT   sing N N 117 
CSX OXT   HXT   sing N N 118 
CYS N     CA    sing N N 119 
CYS N     H     sing N N 120 
CYS N     H2    sing N N 121 
CYS CA    C     sing N N 122 
CYS CA    CB    sing N N 123 
CYS CA    HA    sing N N 124 
CYS C     O     doub N N 125 
CYS C     OXT   sing N N 126 
CYS CB    SG    sing N N 127 
CYS CB    HB2   sing N N 128 
CYS CB    HB3   sing N N 129 
CYS SG    HG    sing N N 130 
CYS OXT   HXT   sing N N 131 
GLN N     CA    sing N N 132 
GLN N     H     sing N N 133 
GLN N     H2    sing N N 134 
GLN CA    C     sing N N 135 
GLN CA    CB    sing N N 136 
GLN CA    HA    sing N N 137 
GLN C     O     doub N N 138 
GLN C     OXT   sing N N 139 
GLN CB    CG    sing N N 140 
GLN CB    HB2   sing N N 141 
GLN CB    HB3   sing N N 142 
GLN CG    CD    sing N N 143 
GLN CG    HG2   sing N N 144 
GLN CG    HG3   sing N N 145 
GLN CD    OE1   doub N N 146 
GLN CD    NE2   sing N N 147 
GLN NE2   HE21  sing N N 148 
GLN NE2   HE22  sing N N 149 
GLN OXT   HXT   sing N N 150 
GLU N     CA    sing N N 151 
GLU N     H     sing N N 152 
GLU N     H2    sing N N 153 
GLU CA    C     sing N N 154 
GLU CA    CB    sing N N 155 
GLU CA    HA    sing N N 156 
GLU C     O     doub N N 157 
GLU C     OXT   sing N N 158 
GLU CB    CG    sing N N 159 
GLU CB    HB2   sing N N 160 
GLU CB    HB3   sing N N 161 
GLU CG    CD    sing N N 162 
GLU CG    HG2   sing N N 163 
GLU CG    HG3   sing N N 164 
GLU CD    OE1   doub N N 165 
GLU CD    OE2   sing N N 166 
GLU OE2   HE2   sing N N 167 
GLU OXT   HXT   sing N N 168 
GLY N     CA    sing N N 169 
GLY N     H     sing N N 170 
GLY N     H2    sing N N 171 
GLY CA    C     sing N N 172 
GLY CA    HA2   sing N N 173 
GLY CA    HA3   sing N N 174 
GLY C     O     doub N N 175 
GLY C     OXT   sing N N 176 
GLY OXT   HXT   sing N N 177 
HIS N     CA    sing N N 178 
HIS N     H     sing N N 179 
HIS N     H2    sing N N 180 
HIS CA    C     sing N N 181 
HIS CA    CB    sing N N 182 
HIS CA    HA    sing N N 183 
HIS C     O     doub N N 184 
HIS C     OXT   sing N N 185 
HIS CB    CG    sing N N 186 
HIS CB    HB2   sing N N 187 
HIS CB    HB3   sing N N 188 
HIS CG    ND1   sing Y N 189 
HIS CG    CD2   doub Y N 190 
HIS ND1   CE1   doub Y N 191 
HIS ND1   HD1   sing N N 192 
HIS CD2   NE2   sing Y N 193 
HIS CD2   HD2   sing N N 194 
HIS CE1   NE2   sing Y N 195 
HIS CE1   HE1   sing N N 196 
HIS NE2   HE2   sing N N 197 
HIS OXT   HXT   sing N N 198 
HOH O     H1    sing N N 199 
HOH O     H2    sing N N 200 
ILE N     CA    sing N N 201 
ILE N     H     sing N N 202 
ILE N     H2    sing N N 203 
ILE CA    C     sing N N 204 
ILE CA    CB    sing N N 205 
ILE CA    HA    sing N N 206 
ILE C     O     doub N N 207 
ILE C     OXT   sing N N 208 
ILE CB    CG1   sing N N 209 
ILE CB    CG2   sing N N 210 
ILE CB    HB    sing N N 211 
ILE CG1   CD1   sing N N 212 
ILE CG1   HG12  sing N N 213 
ILE CG1   HG13  sing N N 214 
ILE CG2   HG21  sing N N 215 
ILE CG2   HG22  sing N N 216 
ILE CG2   HG23  sing N N 217 
ILE CD1   HD11  sing N N 218 
ILE CD1   HD12  sing N N 219 
ILE CD1   HD13  sing N N 220 
ILE OXT   HXT   sing N N 221 
LEU N     CA    sing N N 222 
LEU N     H     sing N N 223 
LEU N     H2    sing N N 224 
LEU CA    C     sing N N 225 
LEU CA    CB    sing N N 226 
LEU CA    HA    sing N N 227 
LEU C     O     doub N N 228 
LEU C     OXT   sing N N 229 
LEU CB    CG    sing N N 230 
LEU CB    HB2   sing N N 231 
LEU CB    HB3   sing N N 232 
LEU CG    CD1   sing N N 233 
LEU CG    CD2   sing N N 234 
LEU CG    HG    sing N N 235 
LEU CD1   HD11  sing N N 236 
LEU CD1   HD12  sing N N 237 
LEU CD1   HD13  sing N N 238 
LEU CD2   HD21  sing N N 239 
LEU CD2   HD22  sing N N 240 
LEU CD2   HD23  sing N N 241 
LEU OXT   HXT   sing N N 242 
LYS N     CA    sing N N 243 
LYS N     H     sing N N 244 
LYS N     H2    sing N N 245 
LYS CA    C     sing N N 246 
LYS CA    CB    sing N N 247 
LYS CA    HA    sing N N 248 
LYS C     O     doub N N 249 
LYS C     OXT   sing N N 250 
LYS CB    CG    sing N N 251 
LYS CB    HB2   sing N N 252 
LYS CB    HB3   sing N N 253 
LYS CG    CD    sing N N 254 
LYS CG    HG2   sing N N 255 
LYS CG    HG3   sing N N 256 
LYS CD    CE    sing N N 257 
LYS CD    HD2   sing N N 258 
LYS CD    HD3   sing N N 259 
LYS CE    NZ    sing N N 260 
LYS CE    HE2   sing N N 261 
LYS CE    HE3   sing N N 262 
LYS NZ    HZ1   sing N N 263 
LYS NZ    HZ2   sing N N 264 
LYS NZ    HZ3   sing N N 265 
LYS OXT   HXT   sing N N 266 
MET N     CA    sing N N 267 
MET N     H     sing N N 268 
MET N     H2    sing N N 269 
MET CA    C     sing N N 270 
MET CA    CB    sing N N 271 
MET CA    HA    sing N N 272 
MET C     O     doub N N 273 
MET C     OXT   sing N N 274 
MET CB    CG    sing N N 275 
MET CB    HB2   sing N N 276 
MET CB    HB3   sing N N 277 
MET CG    SD    sing N N 278 
MET CG    HG2   sing N N 279 
MET CG    HG3   sing N N 280 
MET SD    CE    sing N N 281 
MET CE    HE1   sing N N 282 
MET CE    HE2   sing N N 283 
MET CE    HE3   sing N N 284 
MET OXT   HXT   sing N N 285 
PHE N     CA    sing N N 286 
PHE N     H     sing N N 287 
PHE N     H2    sing N N 288 
PHE CA    C     sing N N 289 
PHE CA    CB    sing N N 290 
PHE CA    HA    sing N N 291 
PHE C     O     doub N N 292 
PHE C     OXT   sing N N 293 
PHE CB    CG    sing N N 294 
PHE CB    HB2   sing N N 295 
PHE CB    HB3   sing N N 296 
PHE CG    CD1   doub Y N 297 
PHE CG    CD2   sing Y N 298 
PHE CD1   CE1   sing Y N 299 
PHE CD1   HD1   sing N N 300 
PHE CD2   CE2   doub Y N 301 
PHE CD2   HD2   sing N N 302 
PHE CE1   CZ    doub Y N 303 
PHE CE1   HE1   sing N N 304 
PHE CE2   CZ    sing Y N 305 
PHE CE2   HE2   sing N N 306 
PHE CZ    HZ    sing N N 307 
PHE OXT   HXT   sing N N 308 
PRO N     CA    sing N N 309 
PRO N     CD    sing N N 310 
PRO N     H     sing N N 311 
PRO CA    C     sing N N 312 
PRO CA    CB    sing N N 313 
PRO CA    HA    sing N N 314 
PRO C     O     doub N N 315 
PRO C     OXT   sing N N 316 
PRO CB    CG    sing N N 317 
PRO CB    HB2   sing N N 318 
PRO CB    HB3   sing N N 319 
PRO CG    CD    sing N N 320 
PRO CG    HG2   sing N N 321 
PRO CG    HG3   sing N N 322 
PRO CD    HD2   sing N N 323 
PRO CD    HD3   sing N N 324 
PRO OXT   HXT   sing N N 325 
SER N     CA    sing N N 326 
SER N     H     sing N N 327 
SER N     H2    sing N N 328 
SER CA    C     sing N N 329 
SER CA    CB    sing N N 330 
SER CA    HA    sing N N 331 
SER C     O     doub N N 332 
SER C     OXT   sing N N 333 
SER CB    OG    sing N N 334 
SER CB    HB2   sing N N 335 
SER CB    HB3   sing N N 336 
SER OG    HG    sing N N 337 
SER OXT   HXT   sing N N 338 
THR N     CA    sing N N 339 
THR N     H     sing N N 340 
THR N     H2    sing N N 341 
THR CA    C     sing N N 342 
THR CA    CB    sing N N 343 
THR CA    HA    sing N N 344 
THR C     O     doub N N 345 
THR C     OXT   sing N N 346 
THR CB    OG1   sing N N 347 
THR CB    CG2   sing N N 348 
THR CB    HB    sing N N 349 
THR OG1   HG1   sing N N 350 
THR CG2   HG21  sing N N 351 
THR CG2   HG22  sing N N 352 
THR CG2   HG23  sing N N 353 
THR OXT   HXT   sing N N 354 
TYR N     CA    sing N N 355 
TYR N     H     sing N N 356 
TYR N     H2    sing N N 357 
TYR CA    C     sing N N 358 
TYR CA    CB    sing N N 359 
TYR CA    HA    sing N N 360 
TYR C     O     doub N N 361 
TYR C     OXT   sing N N 362 
TYR CB    CG    sing N N 363 
TYR CB    HB2   sing N N 364 
TYR CB    HB3   sing N N 365 
TYR CG    CD1   doub Y N 366 
TYR CG    CD2   sing Y N 367 
TYR CD1   CE1   sing Y N 368 
TYR CD1   HD1   sing N N 369 
TYR CD2   CE2   doub Y N 370 
TYR CD2   HD2   sing N N 371 
TYR CE1   CZ    doub Y N 372 
TYR CE1   HE1   sing N N 373 
TYR CE2   CZ    sing Y N 374 
TYR CE2   HE2   sing N N 375 
TYR CZ    OH    sing N N 376 
TYR OH    HH    sing N N 377 
TYR OXT   HXT   sing N N 378 
VAL N     CA    sing N N 379 
VAL N     H     sing N N 380 
VAL N     H2    sing N N 381 
VAL CA    C     sing N N 382 
VAL CA    CB    sing N N 383 
VAL CA    HA    sing N N 384 
VAL C     O     doub N N 385 
VAL C     OXT   sing N N 386 
VAL CB    CG1   sing N N 387 
VAL CB    CG2   sing N N 388 
VAL CB    HB    sing N N 389 
VAL CG1   HG11  sing N N 390 
VAL CG1   HG12  sing N N 391 
VAL CG1   HG13  sing N N 392 
VAL CG2   HG21  sing N N 393 
VAL CG2   HG22  sing N N 394 
VAL CG2   HG23  sing N N 395 
VAL OXT   HXT   sing N N 396 
# 
loop_
_pdbx_entity_nonpoly.entity_id 
_pdbx_entity_nonpoly.name 
_pdbx_entity_nonpoly.comp_id 
2 
;Purine riboside-3',5'-cyclic monophosphate
;
6SX 
3 water                                        HOH 
# 
_pdbx_initial_refinement_model.id               1 
_pdbx_initial_refinement_model.entity_id_list   ? 
_pdbx_initial_refinement_model.type             'experimental model' 
_pdbx_initial_refinement_model.source_name      PDB 
_pdbx_initial_refinement_model.accession_code   1Q5O 
_pdbx_initial_refinement_model.details          ? 
# 
